data_6QH5
#
_entry.id   6QH5
#
_cell.length_a   121.037
_cell.length_b   121.037
_cell.length_c   257.671
_cell.angle_alpha   90.00
_cell.angle_beta   90.00
_cell.angle_gamma   120.00
#
_symmetry.space_group_name_H-M   'P 31 2 1'
#
loop_
_entity.id
_entity.type
_entity.pdbx_description
1 polymer 'AP-2 complex subunit alpha'
2 polymer 'AP-2 complex subunit beta'
3 polymer 'AP-2 complex subunit mu'
4 polymer 'AP-2 complex subunit mu'
5 polymer 'AP-2 complex subunit sigma'
6 non-polymer 'INOSITOL HEXAKISPHOSPHATE'
#
loop_
_entity_poly.entity_id
_entity_poly.type
_entity_poly.pdbx_seq_one_letter_code
_entity_poly.pdbx_strand_id
1 'polypeptide(L)'
;MPAVSKGEGMRGLAVFISDIRNCKSKEAEIKRINKELANIRSKFKGDKALDGYSKKKYVCKLLFIFLLGHDIDFGHMEAV
NLLSSNRYTEKQIGYLFISVLVNSNSELIRLINNAIKNDLASRNPTFMGLALHCIANVGSREMAEAFAGEIPKILVAGDT
MDSVKQSAALCLLRLYRTSPDLVPMGDWTSRVVHLLNDQHLGVVTAATSLITTLAQKNPEEFKTSVSLAVSRLSRIVTSA
STDLQDYTYYFVPAPWLSVKLLRLLQCYPPPEDPAVRGRLTECLETILNKAQEPPKSKKVQHSNAKNAVLFEAISLIIHH
DSEPNLLVRACNQLGQFLQHRETNLRYLALESMCTLASSEFSHEAVKTHIETVINALKTERDVSVRQRAVDLLYAMCDRS
NAQQIVAEMLSYLETADYSIREEIVLKVAILAEKYAVDYTWYVDTILNLIRIAGDYVSEEVWYRVIQIVINRDDVQGYAA
KTVFEALQAPACHENLVKVGGYILGEFGNLIAGDPRSSPLIQFNLLHSKFHLCSVPTRALLLSTYIKFVNLFPEVKATIQ
DVLRSDSQLKNADVELQQRAVEYLRLSTVASTDILATVLEEMPPFPERESSILAKLKKKKG
;
A
2 'polypeptide(L)'
;MTDSKYFTTNKKGEIFELKAELNNEKKEKRKEAVKKVIAAMTVGKDVSSLFPDVVNCMQTDNLELKKLVYLYLMNYAKSQ
PDMAIMAVNSFVKDCEDPNPLIRALAVRTMGCIRVDKITEYLCEPLRKCLKDEDPYVRKTAAVCVAKLHDINAQMVEDQG
FLDSLRDLIADSNPMVVANAVAALSEISESHPNSNLLDLNPQNINKLLTALNECTEWGQIFILDCLSNYNPKDDREAQSI
CERVTPRLSHANSAVVLSAVKVLMKFLELLPKDSDYYNMLLKKLAPPLVTLLSGEPEVQYVALRNINLIVQKRPEILKQE
IKVFFVKYNDPIYVKLEKLDIMIRLASQANIAQVLAELKEYATEVDVDFVRKAVRAIGRCAIKVEQSAERCVSTLLDLIQ
TKVNYVVQEAIVVIRDIFRKYPNKYESIIATLCENLDSLDEPDARAAMIWIVGEYAERIDNADELLESFLEGFHDESTQV
QLTLLTAIVKLFLKKPSETQELVQQVLSLATQDSDNPDLRDRGYIYWRLLSTDPVTAKEVVLSEKPLISEETDLIEPTLL
DELICHIGSLASVYHKPPNAFVEGSHGIHRKH
;
B
3 'polypeptide(L)'
;MIGGLFIYNHKGEVLISRVYRDDIGRNAVDAFRVNVIHARQQVRSPVTNIARTSFFHVKRSNIWLAAVTKQNVNAAMVFE
FLYKMCDVMAAYFGKISEENIKNNFVLIYELLDEILDFGYPQNSETGALKTFITQQGIKSQHQTKEEQSQITSQVTGQIG
WRREGIKYRRNELFLDVLESVNLLMSPQGQVLSAHVSGRVVMKSYLSGMPECKFGMNDKIVIEKQGKGTADETSKSMEQK
LISEEDLGKQSIAIDDCTFHQCVRLSKFDSERSISFIPPDGEFELMRYRTTKDIILPFRVIPLVREVGRTKLEVKVVIKS
NFKPSLLAQKIEVRIPTPLNTSGVQVICMKGKAKYKASENAIVWKIKRMAGMKESQISAEIELLPTNDKKKWARPPISMN
FEVPFAPSGLKVRYLKVFEPKLNYSDHDVIKWVRYIGRSGIYETRC
;
N
4 'polypeptide(L)'
;MIGGLFIYNHKGEVLISRVYRDDIGRNAVDAFRVNVIHARQQVRSPVTNIARTSFFHVKRSNIWLAAVTKQNVNAAMVFE
FLYKMCDVMAAYFGKISEENIKNNFVLIYELLDEILDFGYPQNSETGALKTFITQQGIKSQHQTKEEQSQITSQV(TPO)
GQIGWRREGIKYRRNELFLDVLESVNLLMSPQGQVLSAHVSGRVVMKSYLSGMPECKFGMNDKIVIEKQGKGTADETSKS
MEQKLISEEDLGKQSIAIDDCTFHQCVRLSKFDSERSISFIPPDGEFELMRYRTTKDIILPFRVIPLVREVGRTKLEVKV
VIKSNFKPSLLAQKIEVRIPTPLNTSGVQVICMKGKAKYKASENAIVWKIKRMAGMKESQISAEIELLPTNDKKKWARPP
ISMNFEVPFAPSGLKVRYLKVFEPKLNYSDHDVIKWVRYIGRSGIYETRC
;
M
5 'polypeptide(L)'
;MIRFILIQNRAGKTRLAKWYMQFDDDEKQKLIEEVHAVVTVRDAKHTNFVEFRNFKIIYRRYAGLYFCICVDVNDNNLAY
LEAIHNFVEVLNEYFHNVCELDLVFNFYKVYTVVDEMFLAGEIRETSQTKVLKQLLMLQSLE
;
S
#
loop_
_chem_comp.id
_chem_comp.type
_chem_comp.name
_chem_comp.formula
IHP non-polymer 'INOSITOL HEXAKISPHOSPHATE' 'C6 H18 O24 P6'
#
# COMPACT_ATOMS: atom_id res chain seq x y z
N GLY A 9 -10.28 -43.23 -19.13
CA GLY A 9 -9.10 -42.30 -19.23
C GLY A 9 -7.76 -43.02 -19.14
N MET A 10 -6.78 -42.39 -18.49
CA MET A 10 -5.43 -42.95 -18.26
C MET A 10 -5.15 -43.08 -16.76
N ARG A 11 -5.18 -44.31 -16.23
CA ARG A 11 -5.07 -44.55 -14.77
C ARG A 11 -3.75 -44.00 -14.18
N GLY A 12 -2.69 -44.18 -14.95
CA GLY A 12 -1.39 -43.75 -14.52
C GLY A 12 -1.31 -42.25 -14.36
N LEU A 13 -2.04 -41.53 -15.22
CA LEU A 13 -2.18 -40.11 -15.01
C LEU A 13 -2.90 -39.85 -13.67
N ALA A 14 -4.06 -40.47 -13.46
CA ALA A 14 -4.87 -40.13 -12.30
C ALA A 14 -4.16 -40.42 -10.99
N VAL A 15 -3.42 -41.51 -10.99
CA VAL A 15 -2.54 -41.85 -9.86
C VAL A 15 -1.44 -40.80 -9.62
N PHE A 16 -0.72 -40.46 -10.67
CA PHE A 16 0.34 -39.44 -10.56
C PHE A 16 -0.25 -38.17 -9.95
N ILE A 17 -1.43 -37.76 -10.41
CA ILE A 17 -2.07 -36.59 -9.89
C ILE A 17 -2.48 -36.82 -8.44
N SER A 18 -3.12 -37.96 -8.12
CA SER A 18 -3.50 -38.22 -6.71
C SER A 18 -2.29 -38.27 -5.80
N ASP A 19 -1.22 -38.89 -6.26
CA ASP A 19 0.00 -38.85 -5.46
C ASP A 19 0.43 -37.41 -5.30
N ILE A 20 0.35 -36.57 -6.32
CA ILE A 20 0.78 -35.18 -6.14
C ILE A 20 -0.08 -34.39 -5.20
N ARG A 21 -1.36 -34.73 -5.04
CA ARG A 21 -2.23 -34.01 -4.07
C ARG A 21 -2.05 -34.49 -2.60
N ASN A 22 -1.95 -35.80 -2.43
CA ASN A 22 -1.70 -36.39 -1.12
C ASN A 22 -0.39 -35.91 -0.50
N CYS A 23 0.56 -35.42 -1.32
CA CYS A 23 1.88 -34.93 -0.85
C CYS A 23 1.75 -33.93 0.30
N LYS A 24 2.48 -34.19 1.39
CA LYS A 24 2.43 -33.37 2.60
C LYS A 24 3.65 -32.44 2.77
N SER A 25 4.23 -31.96 1.66
CA SER A 25 5.46 -31.13 1.66
C SER A 25 5.93 -30.82 0.26
N LYS A 26 6.37 -29.60 0.04
CA LYS A 26 6.92 -29.30 -1.26
C LYS A 26 8.17 -30.16 -1.52
N GLU A 27 8.83 -30.65 -0.48
CA GLU A 27 9.85 -31.64 -0.72
C GLU A 27 9.27 -32.86 -1.44
N ALA A 28 8.29 -33.47 -0.81
CA ALA A 28 7.71 -34.74 -1.28
C ALA A 28 7.08 -34.62 -2.66
N GLU A 29 6.54 -33.43 -2.94
CA GLU A 29 6.07 -33.13 -4.27
C GLU A 29 7.24 -33.31 -5.25
N ILE A 30 8.28 -32.54 -5.04
CA ILE A 30 9.40 -32.52 -5.97
C ILE A 30 10.01 -33.89 -6.12
N LYS A 31 10.04 -34.67 -5.04
CA LYS A 31 10.45 -36.08 -5.15
C LYS A 31 9.56 -36.94 -6.04
N ARG A 32 8.25 -36.79 -5.88
CA ARG A 32 7.32 -37.54 -6.73
C ARG A 32 7.32 -37.08 -8.21
N ILE A 33 7.71 -35.83 -8.45
CA ILE A 33 7.93 -35.34 -9.80
C ILE A 33 9.21 -35.87 -10.46
N ASN A 34 10.28 -35.95 -9.69
CA ASN A 34 11.53 -36.46 -10.24
C ASN A 34 11.44 -37.96 -10.48
N LYS A 35 10.77 -38.65 -9.56
CA LYS A 35 10.45 -40.01 -9.79
C LYS A 35 9.79 -40.14 -11.14
N GLU A 36 8.70 -39.42 -11.43
CA GLU A 36 7.98 -39.67 -12.73
C GLU A 36 8.82 -39.37 -13.96
N LEU A 37 9.63 -38.32 -13.87
CA LEU A 37 10.52 -37.97 -14.95
C LEU A 37 11.56 -39.05 -15.28
N ALA A 38 12.15 -39.65 -14.26
CA ALA A 38 12.98 -40.83 -14.47
C ALA A 38 12.15 -41.86 -15.20
N ASN A 39 11.07 -42.31 -14.60
CA ASN A 39 10.25 -43.34 -15.23
C ASN A 39 9.94 -43.06 -16.72
N ILE A 40 9.72 -41.77 -17.06
CA ILE A 40 9.26 -41.37 -18.40
C ILE A 40 10.42 -41.50 -19.40
N ARG A 41 11.61 -41.72 -18.88
CA ARG A 41 12.74 -41.83 -19.72
C ARG A 41 13.84 -42.33 -18.83
N SER A 42 14.27 -43.58 -18.86
CA SER A 42 13.56 -44.83 -19.03
C SER A 42 12.80 -45.08 -20.27
N LYS A 43 11.49 -44.98 -20.17
CA LYS A 43 10.62 -45.69 -21.06
C LYS A 43 10.71 -45.10 -22.43
N PHE A 44 10.94 -43.79 -22.53
CA PHE A 44 11.27 -43.18 -23.83
C PHE A 44 12.57 -43.71 -24.42
N LYS A 45 13.62 -43.80 -23.63
CA LYS A 45 14.89 -44.42 -24.08
C LYS A 45 14.80 -45.96 -24.25
N GLY A 46 14.00 -46.62 -23.41
CA GLY A 46 13.99 -48.07 -23.23
C GLY A 46 13.95 -48.88 -24.50
N ASP A 47 14.50 -50.10 -24.42
CA ASP A 47 14.65 -50.94 -25.61
C ASP A 47 13.26 -51.35 -26.12
N LYS A 48 12.38 -51.75 -25.19
CA LYS A 48 11.00 -52.02 -25.59
C LYS A 48 10.22 -50.72 -25.93
N ALA A 49 9.88 -50.56 -27.22
CA ALA A 49 8.98 -49.51 -27.73
C ALA A 49 7.60 -49.60 -27.07
N LEU A 50 6.94 -48.45 -27.03
CA LEU A 50 5.74 -48.29 -26.22
C LEU A 50 4.46 -48.36 -27.06
N ASP A 51 3.34 -48.74 -26.41
CA ASP A 51 2.03 -48.67 -27.06
C ASP A 51 1.59 -47.17 -27.12
N GLY A 52 0.74 -46.84 -28.09
CA GLY A 52 0.12 -45.52 -28.18
C GLY A 52 -0.36 -45.06 -26.81
N TYR A 53 -1.15 -45.89 -26.11
CA TYR A 53 -1.61 -45.55 -24.77
C TYR A 53 -0.53 -44.90 -23.90
N SER A 54 0.65 -45.48 -23.96
CA SER A 54 1.68 -45.11 -23.05
C SER A 54 2.36 -43.86 -23.48
N LYS A 55 2.60 -43.67 -24.78
CA LYS A 55 3.20 -42.41 -25.27
C LYS A 55 2.27 -41.25 -24.88
N LYS A 56 1.08 -41.31 -25.47
CA LYS A 56 -0.08 -40.50 -25.16
C LYS A 56 -0.14 -40.13 -23.69
N LYS A 57 -0.06 -41.10 -22.81
CA LYS A 57 -0.13 -40.80 -21.37
C LYS A 57 1.10 -40.13 -20.82
N TYR A 58 2.29 -40.63 -21.17
CA TYR A 58 3.51 -40.09 -20.56
C TYR A 58 3.75 -38.66 -21.02
N VAL A 59 3.47 -38.37 -22.30
CA VAL A 59 3.47 -36.97 -22.81
C VAL A 59 2.57 -36.08 -21.94
N CYS A 60 1.39 -36.61 -21.77
CA CYS A 60 0.39 -35.99 -20.98
C CYS A 60 0.83 -35.67 -19.56
N LYS A 61 1.46 -36.62 -18.89
CA LYS A 61 2.11 -36.33 -17.62
C LYS A 61 3.15 -35.21 -17.73
N LEU A 62 3.96 -35.21 -18.79
CA LEU A 62 5.00 -34.20 -18.96
C LEU A 62 4.33 -32.85 -19.05
N LEU A 63 3.20 -32.79 -19.76
CA LEU A 63 2.45 -31.53 -19.87
C LEU A 63 2.00 -31.08 -18.50
N PHE A 64 1.47 -32.02 -17.74
CA PHE A 64 1.04 -31.73 -16.39
C PHE A 64 2.13 -31.13 -15.50
N ILE A 65 3.25 -31.79 -15.46
CA ILE A 65 4.40 -31.32 -14.70
C ILE A 65 4.71 -29.89 -15.14
N PHE A 66 4.75 -29.67 -16.46
CA PHE A 66 5.06 -28.35 -16.99
C PHE A 66 4.13 -27.28 -16.44
N LEU A 67 2.85 -27.63 -16.37
CA LEU A 67 1.82 -26.70 -15.94
C LEU A 67 1.88 -26.43 -14.47
N LEU A 68 2.58 -27.28 -13.71
CA LEU A 68 2.86 -27.00 -12.29
C LEU A 68 4.05 -26.05 -12.15
N GLY A 69 4.78 -25.78 -13.23
CA GLY A 69 5.83 -24.77 -13.22
C GLY A 69 7.24 -25.28 -13.34
N HIS A 70 7.40 -26.59 -13.53
CA HIS A 70 8.72 -27.23 -13.66
C HIS A 70 9.09 -27.34 -15.11
N ASP A 71 10.40 -27.41 -15.33
CA ASP A 71 10.98 -27.46 -16.68
C ASP A 71 10.85 -28.85 -17.27
N ILE A 72 10.90 -28.91 -18.59
CA ILE A 72 10.72 -30.13 -19.34
C ILE A 72 11.63 -29.95 -20.53
N ASP A 73 12.66 -30.78 -20.61
CA ASP A 73 13.70 -30.65 -21.64
C ASP A 73 13.81 -31.93 -22.44
N PHE A 74 12.69 -32.64 -22.53
CA PHE A 74 12.52 -33.77 -23.42
C PHE A 74 11.04 -34.03 -23.60
N GLY A 75 10.68 -35.02 -24.42
CA GLY A 75 9.28 -35.34 -24.67
C GLY A 75 8.83 -34.93 -26.04
N HIS A 76 9.54 -33.96 -26.60
CA HIS A 76 9.09 -33.24 -27.78
C HIS A 76 9.02 -34.12 -29.01
N MET A 77 10.01 -34.97 -29.18
CA MET A 77 9.95 -35.94 -30.26
C MET A 77 8.75 -36.87 -30.07
N GLU A 78 8.49 -37.27 -28.83
CA GLU A 78 7.39 -38.22 -28.54
C GLU A 78 6.03 -37.55 -28.76
N ALA A 79 5.93 -36.29 -28.37
CA ALA A 79 4.73 -35.56 -28.70
C ALA A 79 4.52 -35.47 -30.21
N VAL A 80 5.60 -35.21 -30.99
CA VAL A 80 5.51 -35.12 -32.47
C VAL A 80 5.08 -36.42 -33.15
N ASN A 81 5.50 -37.56 -32.64
CA ASN A 81 5.07 -38.79 -33.27
C ASN A 81 3.64 -39.10 -33.06
N LEU A 82 3.09 -38.72 -31.90
CA LEU A 82 1.65 -38.84 -31.68
C LEU A 82 0.85 -38.14 -32.81
N LEU A 83 1.36 -37.02 -33.34
CA LEU A 83 0.65 -36.27 -34.41
C LEU A 83 0.23 -37.16 -35.55
N SER A 84 1.13 -38.10 -35.89
CA SER A 84 0.96 -39.02 -37.01
C SER A 84 0.09 -40.23 -36.65
N SER A 85 -0.22 -40.43 -35.37
CA SER A 85 -1.22 -41.43 -35.03
C SER A 85 -2.54 -41.18 -35.75
N ASN A 86 -3.26 -42.27 -35.96
CA ASN A 86 -4.62 -42.21 -36.51
C ASN A 86 -5.63 -42.31 -35.39
N ARG A 87 -5.14 -42.27 -34.16
CA ARG A 87 -6.01 -42.26 -33.02
C ARG A 87 -6.15 -40.83 -32.46
N TYR A 88 -7.38 -40.31 -32.58
CA TYR A 88 -7.76 -39.02 -32.03
C TYR A 88 -7.12 -38.75 -30.66
N THR A 89 -7.33 -39.62 -29.66
CA THR A 89 -6.94 -39.26 -28.30
C THR A 89 -5.42 -39.08 -28.25
N GLU A 90 -4.73 -39.79 -29.15
CA GLU A 90 -3.26 -39.68 -29.28
C GLU A 90 -2.81 -38.42 -29.96
N LYS A 91 -3.31 -38.15 -31.17
CA LYS A 91 -3.16 -36.80 -31.80
C LYS A 91 -3.44 -35.65 -30.80
N GLN A 92 -4.57 -35.76 -30.09
CA GLN A 92 -5.03 -34.63 -29.31
C GLN A 92 -3.96 -34.23 -28.30
N ILE A 93 -3.28 -35.21 -27.73
CA ILE A 93 -2.31 -34.91 -26.69
C ILE A 93 -0.98 -34.47 -27.27
N GLY A 94 -0.65 -35.01 -28.41
CA GLY A 94 0.50 -34.52 -29.09
C GLY A 94 0.34 -33.08 -29.50
N TYR A 95 -0.87 -32.73 -29.93
CA TYR A 95 -1.11 -31.39 -30.49
C TYR A 95 -1.14 -30.37 -29.37
N LEU A 96 -1.66 -30.81 -28.24
CA LEU A 96 -1.76 -29.99 -27.04
C LEU A 96 -0.42 -29.72 -26.47
N PHE A 97 0.43 -30.74 -26.45
CA PHE A 97 1.80 -30.61 -25.90
C PHE A 97 2.64 -29.58 -26.70
N ILE A 98 2.67 -29.74 -28.01
CA ILE A 98 3.36 -28.73 -28.85
C ILE A 98 2.72 -27.33 -28.84
N SER A 99 1.41 -27.26 -28.62
CA SER A 99 0.77 -25.97 -28.52
C SER A 99 1.14 -25.26 -27.21
N VAL A 100 1.39 -26.01 -26.16
CA VAL A 100 1.72 -25.46 -24.84
C VAL A 100 3.24 -25.31 -24.59
N LEU A 101 4.04 -26.26 -25.04
CA LEU A 101 5.51 -26.14 -25.03
C LEU A 101 6.01 -25.91 -26.44
N VAL A 102 6.23 -24.65 -26.82
CA VAL A 102 6.71 -24.35 -28.19
C VAL A 102 8.22 -24.44 -28.15
N ASN A 103 8.80 -25.35 -28.91
CA ASN A 103 10.27 -25.49 -28.97
C ASN A 103 10.83 -24.99 -30.31
N SER A 104 12.12 -24.64 -30.25
CA SER A 104 12.81 -23.98 -31.35
C SER A 104 13.29 -24.95 -32.43
N ASN A 105 13.44 -26.23 -32.10
CA ASN A 105 14.26 -27.13 -32.90
C ASN A 105 13.73 -27.31 -34.33
N SER A 106 14.38 -26.64 -35.28
CA SER A 106 13.89 -26.57 -36.67
C SER A 106 13.84 -27.92 -37.39
N GLU A 107 14.37 -28.96 -36.76
CA GLU A 107 14.12 -30.32 -37.21
C GLU A 107 12.65 -30.64 -36.89
N LEU A 108 12.27 -30.46 -35.63
CA LEU A 108 10.88 -30.71 -35.19
C LEU A 108 9.80 -29.86 -35.90
N ILE A 109 10.07 -28.57 -36.07
CA ILE A 109 9.17 -27.67 -36.77
C ILE A 109 8.80 -28.21 -38.15
N ARG A 110 9.78 -28.79 -38.84
CA ARG A 110 9.52 -29.40 -40.18
C ARG A 110 8.59 -30.62 -40.09
N LEU A 111 8.75 -31.40 -39.02
CA LEU A 111 7.92 -32.57 -38.79
C LEU A 111 6.50 -32.16 -38.46
N ILE A 112 6.36 -31.36 -37.42
CA ILE A 112 5.08 -30.71 -37.08
C ILE A 112 4.35 -30.18 -38.34
N ASN A 113 5.03 -29.39 -39.16
CA ASN A 113 4.42 -28.98 -40.42
C ASN A 113 3.98 -30.09 -41.36
N ASN A 114 4.67 -31.22 -41.40
CA ASN A 114 4.20 -32.38 -42.15
C ASN A 114 2.92 -32.88 -41.58
N ALA A 115 2.89 -33.07 -40.28
CA ALA A 115 1.67 -33.57 -39.61
C ALA A 115 0.45 -32.69 -39.91
N ILE A 116 0.66 -31.39 -39.76
CA ILE A 116 -0.36 -30.41 -40.08
C ILE A 116 -0.72 -30.55 -41.58
N LYS A 117 0.29 -30.71 -42.43
CA LYS A 117 0.05 -30.92 -43.88
C LYS A 117 -0.93 -32.06 -44.08
N ASN A 118 -0.66 -33.20 -43.42
CA ASN A 118 -1.49 -34.40 -43.60
C ASN A 118 -2.88 -34.18 -43.08
N ASP A 119 -2.96 -33.80 -41.81
CA ASP A 119 -4.23 -33.62 -41.13
C ASP A 119 -5.16 -32.70 -41.87
N LEU A 120 -4.63 -31.55 -42.29
CA LEU A 120 -5.32 -30.59 -43.21
C LEU A 120 -5.75 -31.25 -44.51
N ALA A 121 -4.81 -32.01 -45.05
CA ALA A 121 -4.96 -32.64 -46.34
C ALA A 121 -5.85 -33.90 -46.23
N SER A 122 -6.01 -34.42 -45.01
CA SER A 122 -7.00 -35.46 -44.77
C SER A 122 -8.29 -34.76 -45.02
N ARG A 123 -9.37 -35.49 -45.12
CA ARG A 123 -10.62 -34.80 -45.30
C ARG A 123 -11.44 -35.02 -44.04
N ASN A 124 -10.75 -35.25 -42.93
CA ASN A 124 -11.43 -35.57 -41.69
C ASN A 124 -11.45 -34.28 -40.89
N PRO A 125 -12.64 -33.74 -40.64
CA PRO A 125 -12.75 -32.43 -40.04
C PRO A 125 -12.30 -32.34 -38.56
N THR A 126 -12.34 -33.45 -37.82
CA THR A 126 -11.71 -33.51 -36.51
C THR A 126 -10.19 -33.32 -36.66
N PHE A 127 -9.61 -34.03 -37.59
CA PHE A 127 -8.18 -33.87 -37.82
C PHE A 127 -7.87 -32.51 -38.45
N MET A 128 -8.70 -32.07 -39.39
CA MET A 128 -8.56 -30.69 -39.92
C MET A 128 -8.61 -29.70 -38.78
N GLY A 129 -9.54 -29.95 -37.85
CA GLY A 129 -9.76 -29.12 -36.67
C GLY A 129 -8.56 -28.97 -35.80
N LEU A 130 -7.99 -30.12 -35.39
CA LEU A 130 -6.81 -30.11 -34.55
C LEU A 130 -5.74 -29.33 -35.26
N ALA A 131 -5.63 -29.56 -36.56
CA ALA A 131 -4.55 -28.91 -37.32
C ALA A 131 -4.65 -27.42 -37.28
N LEU A 132 -5.85 -26.92 -37.61
CA LEU A 132 -6.12 -25.46 -37.70
C LEU A 132 -5.90 -24.75 -36.36
N HIS A 133 -6.24 -25.44 -35.26
CA HIS A 133 -6.12 -24.90 -33.93
C HIS A 133 -4.69 -24.84 -33.52
N CYS A 134 -3.92 -25.87 -33.88
CA CYS A 134 -2.52 -25.91 -33.54
C CYS A 134 -1.89 -24.68 -34.19
N ILE A 135 -2.08 -24.56 -35.49
CA ILE A 135 -1.59 -23.37 -36.20
C ILE A 135 -1.97 -22.11 -35.47
N ALA A 136 -3.26 -21.99 -35.16
CA ALA A 136 -3.82 -20.78 -34.57
C ALA A 136 -3.33 -20.54 -33.17
N ASN A 137 -3.13 -21.59 -32.40
CA ASN A 137 -2.59 -21.43 -31.06
C ASN A 137 -1.11 -21.05 -31.03
N VAL A 138 -0.36 -21.38 -32.07
CA VAL A 138 1.13 -21.26 -32.07
C VAL A 138 1.60 -20.13 -32.92
N GLY A 139 0.98 -20.00 -34.10
CA GLY A 139 1.20 -18.91 -35.04
C GLY A 139 2.63 -18.62 -35.43
N SER A 140 3.38 -19.70 -35.68
CA SER A 140 4.83 -19.58 -35.95
C SER A 140 5.02 -19.11 -37.39
N ARG A 141 6.09 -18.36 -37.62
CA ARG A 141 6.36 -17.82 -38.91
C ARG A 141 6.43 -18.92 -39.91
N GLU A 142 7.15 -19.98 -39.55
CA GLU A 142 7.28 -21.18 -40.40
C GLU A 142 5.91 -21.81 -40.73
N MET A 143 5.03 -21.83 -39.73
CA MET A 143 3.65 -22.31 -39.94
C MET A 143 2.88 -21.43 -40.89
N ALA A 144 3.12 -20.13 -40.77
CA ALA A 144 2.50 -19.20 -41.68
C ALA A 144 2.97 -19.49 -43.10
N GLU A 145 4.30 -19.65 -43.27
CA GLU A 145 4.91 -19.88 -44.61
C GLU A 145 4.41 -21.15 -45.28
N ALA A 146 4.23 -22.20 -44.47
CA ALA A 146 3.66 -23.48 -44.92
C ALA A 146 2.21 -23.41 -45.33
N PHE A 147 1.40 -22.65 -44.56
CA PHE A 147 -0.09 -22.74 -44.63
C PHE A 147 -0.90 -21.47 -44.96
N ALA A 148 -0.35 -20.28 -44.72
CA ALA A 148 -1.13 -19.05 -44.95
C ALA A 148 -1.86 -18.98 -46.29
N GLY A 149 -1.30 -19.60 -47.33
CA GLY A 149 -1.94 -19.63 -48.66
C GLY A 149 -3.11 -20.60 -48.78
N GLU A 150 -3.07 -21.65 -47.93
CA GLU A 150 -4.05 -22.74 -47.95
C GLU A 150 -5.30 -22.44 -47.12
N ILE A 151 -5.14 -21.71 -46.02
CA ILE A 151 -6.24 -21.45 -45.09
C ILE A 151 -7.41 -20.74 -45.78
N PRO A 152 -7.15 -19.60 -46.47
CA PRO A 152 -8.25 -18.97 -47.21
C PRO A 152 -8.97 -19.98 -48.16
N LYS A 153 -8.18 -20.81 -48.83
CA LYS A 153 -8.75 -21.79 -49.73
C LYS A 153 -9.75 -22.68 -49.01
N ILE A 154 -9.36 -23.22 -47.85
CA ILE A 154 -10.21 -24.12 -47.05
C ILE A 154 -11.44 -23.37 -46.58
N LEU A 155 -11.20 -22.11 -46.19
CA LEU A 155 -12.28 -21.26 -45.71
C LEU A 155 -13.41 -21.15 -46.75
N VAL A 156 -13.05 -20.78 -47.96
CA VAL A 156 -14.05 -20.63 -49.05
C VAL A 156 -14.61 -21.91 -49.70
N ALA A 157 -13.81 -22.95 -49.83
CA ALA A 157 -14.18 -24.11 -50.68
C ALA A 157 -15.58 -24.55 -50.35
N GLY A 158 -16.37 -24.84 -51.38
CA GLY A 158 -17.79 -25.19 -51.23
C GLY A 158 -18.12 -26.36 -50.33
N ASP A 159 -17.16 -27.25 -50.21
CA ASP A 159 -17.33 -28.56 -49.58
C ASP A 159 -16.89 -28.69 -48.10
N THR A 160 -16.03 -27.79 -47.59
CA THR A 160 -15.54 -27.94 -46.19
C THR A 160 -16.65 -27.70 -45.20
N MET A 161 -16.60 -28.40 -44.07
CA MET A 161 -17.69 -28.36 -43.10
C MET A 161 -17.66 -27.06 -42.23
N ASP A 162 -18.84 -26.59 -41.85
CA ASP A 162 -19.00 -25.41 -40.98
C ASP A 162 -18.06 -25.30 -39.81
N SER A 163 -17.95 -26.36 -39.00
CA SER A 163 -17.03 -26.31 -37.85
C SER A 163 -15.59 -26.06 -38.28
N VAL A 164 -15.19 -26.68 -39.40
CA VAL A 164 -13.86 -26.42 -39.98
C VAL A 164 -13.69 -24.97 -40.44
N LYS A 165 -14.71 -24.53 -41.18
CA LYS A 165 -14.89 -23.14 -41.65
C LYS A 165 -14.65 -22.10 -40.55
N GLN A 166 -15.35 -22.31 -39.43
CA GLN A 166 -15.24 -21.45 -38.24
C GLN A 166 -13.84 -21.42 -37.79
N SER A 167 -13.30 -22.61 -37.58
CA SER A 167 -11.96 -22.75 -37.08
C SER A 167 -10.95 -22.21 -38.04
N ALA A 168 -11.25 -22.24 -39.32
CA ALA A 168 -10.35 -21.74 -40.36
C ALA A 168 -10.38 -20.23 -40.48
N ALA A 169 -11.56 -19.64 -40.25
CA ALA A 169 -11.69 -18.19 -40.28
C ALA A 169 -10.82 -17.57 -39.20
N LEU A 170 -10.95 -18.05 -37.98
CA LEU A 170 -10.18 -17.50 -36.88
C LEU A 170 -8.70 -17.84 -36.94
N CYS A 171 -8.40 -19.02 -37.47
CA CYS A 171 -7.04 -19.33 -37.85
C CYS A 171 -6.46 -18.26 -38.77
N LEU A 172 -7.15 -18.00 -39.86
CA LEU A 172 -6.71 -17.00 -40.80
C LEU A 172 -6.53 -15.66 -40.15
N LEU A 173 -7.46 -15.28 -39.31
CA LEU A 173 -7.38 -13.99 -38.60
C LEU A 173 -6.07 -13.90 -37.84
N ARG A 174 -5.71 -14.94 -37.12
CA ARG A 174 -4.46 -14.88 -36.41
C ARG A 174 -3.26 -14.79 -37.33
N LEU A 175 -3.30 -15.54 -38.44
CA LEU A 175 -2.23 -15.47 -39.41
C LEU A 175 -2.06 -14.04 -39.97
N TYR A 176 -3.19 -13.34 -40.10
CA TYR A 176 -3.22 -11.95 -40.52
C TYR A 176 -2.68 -10.98 -39.44
N ARG A 177 -2.83 -11.30 -38.16
CA ARG A 177 -2.29 -10.40 -37.10
C ARG A 177 -0.80 -10.54 -36.88
N THR A 178 -0.26 -11.76 -37.02
CA THR A 178 1.17 -12.04 -36.83
C THR A 178 1.96 -11.97 -38.12
N SER A 179 1.36 -12.28 -39.26
CA SER A 179 2.05 -12.35 -40.54
C SER A 179 1.20 -11.75 -41.65
N PRO A 180 0.99 -10.43 -41.62
CA PRO A 180 0.08 -9.85 -42.60
C PRO A 180 0.45 -10.09 -44.10
N ASP A 181 1.74 -10.01 -44.38
CA ASP A 181 2.29 -10.26 -45.75
C ASP A 181 1.99 -11.63 -46.32
N LEU A 182 1.75 -12.62 -45.47
CA LEU A 182 1.30 -13.93 -45.96
C LEU A 182 -0.23 -14.02 -46.19
N VAL A 183 -0.89 -12.86 -46.15
CA VAL A 183 -2.34 -12.73 -46.26
C VAL A 183 -2.64 -11.49 -47.17
N PRO A 184 -2.30 -11.60 -48.46
CA PRO A 184 -2.64 -10.54 -49.41
C PRO A 184 -4.15 -10.59 -49.68
N MET A 185 -4.76 -9.47 -50.07
CA MET A 185 -6.23 -9.50 -50.33
C MET A 185 -6.52 -10.23 -51.64
N GLY A 186 -6.42 -11.56 -51.62
CA GLY A 186 -6.59 -12.37 -52.81
C GLY A 186 -7.99 -12.32 -53.38
N ASP A 187 -8.47 -13.45 -53.85
CA ASP A 187 -9.75 -13.52 -54.57
C ASP A 187 -10.90 -14.05 -53.71
N TRP A 188 -10.63 -14.31 -52.45
CA TRP A 188 -11.57 -15.06 -51.57
C TRP A 188 -12.51 -14.08 -50.85
N THR A 189 -11.98 -12.89 -50.63
CA THR A 189 -12.71 -11.79 -50.08
C THR A 189 -14.23 -11.90 -50.20
N SER A 190 -14.80 -11.77 -51.39
CA SER A 190 -16.27 -11.73 -51.50
C SER A 190 -16.92 -13.03 -51.00
N ARG A 191 -16.22 -14.14 -51.15
CA ARG A 191 -16.71 -15.42 -50.63
C ARG A 191 -16.61 -15.50 -49.11
N VAL A 192 -15.62 -14.81 -48.54
CA VAL A 192 -15.61 -14.58 -47.11
C VAL A 192 -16.83 -13.74 -46.72
N VAL A 193 -17.00 -12.59 -47.37
CA VAL A 193 -18.12 -11.72 -47.10
C VAL A 193 -19.44 -12.48 -47.09
N HIS A 194 -19.68 -13.29 -48.12
CA HIS A 194 -20.90 -14.11 -48.24
C HIS A 194 -21.15 -14.98 -46.97
N LEU A 195 -20.09 -15.31 -46.24
CA LEU A 195 -20.29 -16.09 -45.04
C LEU A 195 -21.22 -15.38 -44.10
N LEU A 196 -21.18 -14.05 -44.08
CA LEU A 196 -22.20 -13.32 -43.30
C LEU A 196 -23.67 -13.77 -43.52
N ASN A 197 -23.95 -14.41 -44.66
CA ASN A 197 -25.27 -14.92 -44.92
C ASN A 197 -25.37 -16.39 -44.73
N ASP A 198 -24.45 -17.03 -44.01
CA ASP A 198 -24.51 -18.47 -43.79
C ASP A 198 -25.61 -18.79 -42.87
N GLN A 199 -26.10 -20.01 -42.82
CA GLN A 199 -27.17 -20.30 -41.89
C GLN A 199 -26.62 -20.57 -40.51
N HIS A 200 -25.43 -21.17 -40.46
CA HIS A 200 -24.83 -21.53 -39.19
C HIS A 200 -24.26 -20.24 -38.61
N LEU A 201 -24.87 -19.74 -37.54
CA LEU A 201 -24.43 -18.48 -36.94
C LEU A 201 -23.07 -18.53 -36.25
N GLY A 202 -22.71 -19.69 -35.74
CA GLY A 202 -21.30 -19.91 -35.35
C GLY A 202 -20.28 -19.58 -36.45
N VAL A 203 -20.65 -19.86 -37.70
CA VAL A 203 -19.84 -19.55 -38.86
C VAL A 203 -19.90 -18.05 -39.14
N VAL A 204 -21.11 -17.53 -39.12
CA VAL A 204 -21.27 -16.09 -39.25
C VAL A 204 -20.41 -15.37 -38.20
N THR A 205 -20.56 -15.77 -36.93
CA THR A 205 -19.77 -15.21 -35.80
C THR A 205 -18.24 -15.20 -35.94
N ALA A 206 -17.74 -16.28 -36.53
CA ALA A 206 -16.32 -16.43 -36.84
C ALA A 206 -15.88 -15.44 -37.93
N ALA A 207 -16.59 -15.46 -39.04
CA ALA A 207 -16.30 -14.57 -40.16
C ALA A 207 -16.33 -13.08 -39.81
N THR A 208 -17.32 -12.69 -39.02
CA THR A 208 -17.47 -11.29 -38.59
C THR A 208 -16.17 -10.76 -37.89
N SER A 209 -15.58 -11.60 -37.04
CA SER A 209 -14.35 -11.30 -36.37
C SER A 209 -13.26 -11.11 -37.39
N LEU A 210 -13.24 -11.98 -38.37
CA LEU A 210 -12.19 -11.94 -39.36
C LEU A 210 -12.29 -10.66 -40.16
N ILE A 211 -13.47 -10.48 -40.75
CA ILE A 211 -13.77 -9.32 -41.55
C ILE A 211 -13.53 -8.03 -40.79
N THR A 212 -13.91 -7.96 -39.51
CA THR A 212 -13.67 -6.74 -38.73
C THR A 212 -12.20 -6.39 -38.74
N THR A 213 -11.34 -7.31 -38.34
CA THR A 213 -9.92 -7.03 -38.38
C THR A 213 -9.45 -6.66 -39.81
N LEU A 214 -9.98 -7.32 -40.82
CA LEU A 214 -9.50 -7.06 -42.18
C LEU A 214 -9.92 -5.69 -42.69
N ALA A 215 -11.21 -5.36 -42.55
CA ALA A 215 -11.73 -4.01 -42.82
C ALA A 215 -11.15 -2.78 -42.08
N GLN A 216 -10.18 -2.93 -41.17
CA GLN A 216 -9.56 -1.77 -40.52
C GLN A 216 -8.42 -1.20 -41.35
N LYS A 217 -7.68 -2.06 -42.06
CA LYS A 217 -6.75 -1.63 -43.10
C LYS A 217 -7.38 -1.67 -44.50
N ASN A 218 -8.34 -2.53 -44.73
CA ASN A 218 -8.87 -2.75 -46.05
C ASN A 218 -10.36 -2.38 -46.14
N PRO A 219 -10.72 -1.16 -45.74
CA PRO A 219 -12.15 -0.83 -45.79
C PRO A 219 -12.83 -1.04 -47.15
N GLU A 220 -12.22 -0.60 -48.26
CA GLU A 220 -12.89 -0.71 -49.56
C GLU A 220 -13.08 -2.15 -49.97
N GLU A 221 -12.14 -2.99 -49.59
CA GLU A 221 -12.21 -4.38 -49.99
C GLU A 221 -13.46 -5.11 -49.40
N PHE A 222 -13.88 -4.71 -48.20
CA PHE A 222 -14.97 -5.38 -47.46
C PHE A 222 -16.20 -4.52 -47.22
N LYS A 223 -16.17 -3.34 -47.82
CA LYS A 223 -17.30 -2.42 -47.68
C LYS A 223 -18.67 -3.07 -48.11
N THR A 224 -18.63 -4.13 -48.90
CA THR A 224 -19.81 -4.96 -49.18
C THR A 224 -20.55 -5.52 -47.95
N SER A 225 -19.82 -5.71 -46.85
CA SER A 225 -20.37 -6.38 -45.65
C SER A 225 -21.48 -5.57 -44.95
N VAL A 226 -21.31 -4.24 -44.94
CA VAL A 226 -22.24 -3.33 -44.26
C VAL A 226 -23.70 -3.73 -44.47
N SER A 227 -24.12 -3.76 -45.72
CA SER A 227 -25.50 -4.16 -46.03
C SER A 227 -25.91 -5.54 -45.45
N LEU A 228 -25.04 -6.54 -45.63
CA LEU A 228 -25.37 -7.90 -45.14
C LEU A 228 -25.32 -7.97 -43.63
N ALA A 229 -24.55 -7.06 -43.00
CA ALA A 229 -24.46 -7.07 -41.55
C ALA A 229 -25.71 -6.45 -40.95
N VAL A 230 -26.18 -5.39 -41.58
CA VAL A 230 -27.43 -4.74 -41.20
C VAL A 230 -28.60 -5.71 -41.39
N SER A 231 -28.60 -6.42 -42.53
CA SER A 231 -29.71 -7.36 -42.76
C SER A 231 -29.73 -8.42 -41.65
N ARG A 232 -28.55 -8.96 -41.32
CA ARG A 232 -28.51 -10.03 -40.35
C ARG A 232 -28.88 -9.58 -38.97
N LEU A 233 -28.35 -8.43 -38.58
CA LEU A 233 -28.65 -7.86 -37.30
C LEU A 233 -30.13 -7.66 -37.21
N SER A 234 -30.77 -7.18 -38.27
CA SER A 234 -32.19 -6.85 -38.13
C SER A 234 -33.04 -8.06 -38.08
N ARG A 235 -32.70 -9.10 -38.83
CA ARG A 235 -33.43 -10.38 -38.76
C ARG A 235 -33.23 -10.98 -37.39
N ILE A 236 -31.99 -10.96 -36.94
CA ILE A 236 -31.67 -11.40 -35.59
C ILE A 236 -32.53 -10.68 -34.53
N VAL A 237 -32.44 -9.36 -34.42
CA VAL A 237 -33.07 -8.69 -33.26
C VAL A 237 -34.58 -8.75 -33.29
N THR A 238 -35.18 -8.86 -34.49
CA THR A 238 -36.63 -9.07 -34.60
C THR A 238 -37.09 -10.53 -34.55
N SER A 239 -36.20 -11.46 -34.32
CA SER A 239 -36.57 -12.86 -34.38
C SER A 239 -37.52 -13.18 -33.23
N ALA A 240 -38.36 -14.19 -33.45
CA ALA A 240 -39.37 -14.57 -32.48
C ALA A 240 -38.78 -15.41 -31.37
N SER A 241 -39.55 -15.55 -30.28
CA SER A 241 -39.30 -16.55 -29.21
C SER A 241 -38.69 -17.88 -29.66
N THR A 242 -39.29 -18.48 -30.68
CA THR A 242 -38.95 -19.82 -31.21
C THR A 242 -37.98 -19.77 -32.41
N ASP A 243 -37.09 -18.76 -32.46
CA ASP A 243 -36.17 -18.61 -33.59
C ASP A 243 -34.74 -18.66 -33.04
N LEU A 244 -33.85 -19.31 -33.77
CA LEU A 244 -32.46 -19.40 -33.37
C LEU A 244 -32.40 -19.96 -31.97
N GLN A 245 -32.93 -21.15 -31.80
CA GLN A 245 -33.08 -21.72 -30.46
C GLN A 245 -31.71 -22.04 -29.92
N ASP A 246 -30.81 -22.50 -30.79
CA ASP A 246 -29.39 -22.73 -30.47
C ASP A 246 -28.68 -21.48 -29.93
N TYR A 247 -28.92 -20.33 -30.58
CA TYR A 247 -28.17 -19.14 -30.32
C TYR A 247 -28.92 -18.18 -29.43
N THR A 248 -29.96 -18.65 -28.73
CA THR A 248 -30.69 -17.79 -27.81
C THR A 248 -30.16 -18.14 -26.47
N TYR A 249 -29.88 -17.13 -25.66
CA TYR A 249 -29.24 -17.25 -24.38
C TYR A 249 -30.08 -16.39 -23.45
N TYR A 250 -30.70 -17.01 -22.46
CA TYR A 250 -31.50 -16.33 -21.47
C TYR A 250 -32.45 -15.34 -22.08
N PHE A 251 -33.16 -15.89 -23.06
CA PHE A 251 -34.21 -15.23 -23.86
C PHE A 251 -33.73 -14.14 -24.79
N VAL A 252 -32.41 -14.01 -24.93
CA VAL A 252 -31.89 -12.99 -25.76
C VAL A 252 -31.36 -13.67 -26.97
N PRO A 253 -31.78 -13.26 -28.15
CA PRO A 253 -31.31 -13.88 -29.34
C PRO A 253 -29.93 -13.41 -29.77
N ALA A 254 -29.02 -14.35 -29.94
CA ALA A 254 -27.69 -14.15 -30.46
C ALA A 254 -27.01 -12.88 -29.94
N PRO A 255 -26.82 -12.79 -28.62
CA PRO A 255 -26.16 -11.63 -28.10
C PRO A 255 -24.76 -11.42 -28.60
N TRP A 256 -23.97 -12.49 -28.74
CA TRP A 256 -22.55 -12.27 -29.06
C TRP A 256 -22.34 -11.94 -30.52
N LEU A 257 -23.10 -12.57 -31.40
CA LEU A 257 -23.03 -12.23 -32.81
C LEU A 257 -23.54 -10.80 -33.06
N SER A 258 -24.60 -10.41 -32.33
CA SER A 258 -25.19 -9.06 -32.40
C SER A 258 -24.15 -8.06 -32.09
N VAL A 259 -23.45 -8.25 -30.96
CA VAL A 259 -22.36 -7.37 -30.54
C VAL A 259 -21.36 -7.25 -31.66
N LYS A 260 -20.96 -8.41 -32.17
CA LYS A 260 -19.96 -8.47 -33.20
C LYS A 260 -20.39 -7.74 -34.44
N LEU A 261 -21.65 -7.87 -34.86
CA LEU A 261 -22.06 -7.23 -36.09
C LEU A 261 -22.03 -5.72 -35.92
N LEU A 262 -22.62 -5.27 -34.83
CA LEU A 262 -22.52 -3.88 -34.39
C LEU A 262 -21.10 -3.35 -34.36
N ARG A 263 -20.17 -4.18 -33.98
CA ARG A 263 -18.77 -3.76 -33.98
C ARG A 263 -18.15 -3.65 -35.40
N LEU A 264 -18.44 -4.63 -36.27
CA LEU A 264 -18.04 -4.54 -37.68
C LEU A 264 -18.49 -3.22 -38.31
N LEU A 265 -19.75 -2.88 -38.11
CA LEU A 265 -20.28 -1.60 -38.50
C LEU A 265 -19.56 -0.37 -37.93
N GLN A 266 -18.79 -0.48 -36.86
CA GLN A 266 -18.02 0.68 -36.36
C GLN A 266 -16.74 0.88 -37.15
N CYS A 267 -16.50 -0.01 -38.12
CA CYS A 267 -15.40 0.15 -39.05
C CYS A 267 -15.73 1.11 -40.14
N TYR A 268 -17.01 1.37 -40.37
CA TYR A 268 -17.47 2.16 -41.48
C TYR A 268 -18.31 3.37 -41.06
N PRO A 269 -18.31 4.43 -41.90
CA PRO A 269 -19.27 5.52 -41.71
C PRO A 269 -20.67 5.03 -41.96
N PRO A 270 -21.65 5.87 -41.79
CA PRO A 270 -23.00 5.34 -41.96
C PRO A 270 -23.23 4.71 -43.32
N PRO A 271 -24.04 3.64 -43.41
CA PRO A 271 -24.23 3.06 -44.75
C PRO A 271 -24.66 4.15 -45.72
N GLU A 272 -24.17 4.08 -46.96
CA GLU A 272 -24.39 5.16 -47.94
C GLU A 272 -25.75 5.02 -48.64
N ASP A 273 -26.21 3.78 -48.78
CA ASP A 273 -27.56 3.48 -49.30
C ASP A 273 -28.71 3.84 -48.29
N PRO A 274 -29.52 4.88 -48.60
CA PRO A 274 -30.66 5.26 -47.78
C PRO A 274 -31.42 4.10 -47.20
N ALA A 275 -31.88 3.16 -48.02
CA ALA A 275 -32.70 2.06 -47.51
C ALA A 275 -31.97 1.33 -46.34
N VAL A 276 -30.65 1.12 -46.54
CA VAL A 276 -29.78 0.44 -45.56
C VAL A 276 -29.72 1.23 -44.24
N ARG A 277 -29.32 2.52 -44.33
CA ARG A 277 -29.45 3.48 -43.21
C ARG A 277 -30.75 3.29 -42.45
N GLY A 278 -31.83 3.14 -43.19
CA GLY A 278 -33.13 3.01 -42.60
C GLY A 278 -33.26 1.71 -41.88
N ARG A 279 -32.83 0.63 -42.49
CA ARG A 279 -32.96 -0.69 -41.86
C ARG A 279 -32.16 -0.66 -40.57
N LEU A 280 -31.00 -0.01 -40.62
CA LEU A 280 -30.15 0.16 -39.43
C LEU A 280 -30.80 1.00 -38.33
N THR A 281 -31.42 2.12 -38.68
CA THR A 281 -32.15 2.92 -37.70
C THR A 281 -33.29 2.08 -37.09
N GLU A 282 -34.12 1.46 -37.92
CA GLU A 282 -35.18 0.56 -37.44
C GLU A 282 -34.57 -0.37 -36.41
N CYS A 283 -33.39 -0.87 -36.77
CA CYS A 283 -32.70 -1.87 -36.00
C CYS A 283 -32.38 -1.35 -34.60
N LEU A 284 -31.66 -0.24 -34.55
CA LEU A 284 -31.22 0.35 -33.28
C LEU A 284 -32.41 0.81 -32.40
N GLU A 285 -33.43 1.36 -33.08
CA GLU A 285 -34.64 1.79 -32.39
C GLU A 285 -35.24 0.60 -31.67
N THR A 286 -35.20 -0.54 -32.35
CA THR A 286 -35.66 -1.77 -31.77
C THR A 286 -34.87 -2.19 -30.54
N ILE A 287 -33.55 -2.25 -30.66
CA ILE A 287 -32.68 -2.58 -29.52
C ILE A 287 -33.03 -1.66 -28.32
N LEU A 288 -33.02 -0.35 -28.63
CA LEU A 288 -33.38 0.68 -27.67
C LEU A 288 -34.76 0.50 -27.03
N ASN A 289 -35.77 0.10 -27.80
CA ASN A 289 -37.07 -0.31 -27.20
C ASN A 289 -36.99 -1.49 -26.21
N LYS A 290 -36.20 -2.51 -26.53
CA LYS A 290 -36.09 -3.74 -25.71
C LYS A 290 -35.51 -3.44 -24.34
N ALA A 291 -34.69 -2.39 -24.24
CA ALA A 291 -34.19 -1.96 -22.96
C ALA A 291 -35.27 -1.41 -22.12
N GLN A 292 -36.33 -0.88 -22.74
CA GLN A 292 -37.42 -0.35 -21.97
C GLN A 292 -38.38 -1.45 -21.55
N GLU A 293 -38.28 -2.65 -22.12
CA GLU A 293 -39.20 -3.74 -21.77
C GLU A 293 -38.75 -4.38 -20.45
N PRO A 294 -39.66 -4.84 -19.63
CA PRO A 294 -39.18 -5.45 -18.39
C PRO A 294 -38.54 -6.82 -18.59
N PRO A 295 -37.71 -7.28 -17.64
CA PRO A 295 -36.96 -8.54 -17.86
C PRO A 295 -37.87 -9.70 -18.09
N LYS A 296 -37.52 -10.64 -18.98
CA LYS A 296 -38.23 -11.92 -19.14
C LYS A 296 -37.77 -12.96 -18.14
N SER A 297 -36.70 -12.67 -17.42
CA SER A 297 -36.20 -13.53 -16.37
C SER A 297 -35.58 -12.66 -15.30
N LYS A 298 -35.65 -13.13 -14.07
CA LYS A 298 -35.08 -12.37 -12.96
C LYS A 298 -33.56 -12.62 -12.85
N LYS A 299 -33.05 -13.62 -13.60
CA LYS A 299 -31.64 -13.97 -13.60
C LYS A 299 -30.73 -12.93 -14.25
N VAL A 300 -29.64 -12.56 -13.59
CA VAL A 300 -28.90 -11.43 -14.09
C VAL A 300 -28.31 -11.64 -15.48
N GLN A 301 -28.10 -12.89 -15.83
CA GLN A 301 -27.63 -13.30 -17.17
C GLN A 301 -28.46 -12.69 -18.30
N HIS A 302 -29.79 -12.68 -18.15
CA HIS A 302 -30.72 -12.13 -19.18
C HIS A 302 -30.43 -10.67 -19.49
N SER A 303 -30.30 -9.85 -18.46
CA SER A 303 -30.16 -8.41 -18.67
C SER A 303 -28.73 -8.06 -19.07
N ASN A 304 -27.73 -8.72 -18.48
CA ASN A 304 -26.36 -8.63 -18.94
C ASN A 304 -26.23 -8.95 -20.44
N ALA A 305 -26.93 -9.98 -20.91
CA ALA A 305 -26.91 -10.30 -22.32
C ALA A 305 -27.57 -9.23 -23.17
N LYS A 306 -28.77 -8.85 -22.78
CA LYS A 306 -29.51 -7.75 -23.42
C LYS A 306 -28.69 -6.45 -23.46
N ASN A 307 -28.10 -6.09 -22.32
CA ASN A 307 -27.33 -4.85 -22.23
C ASN A 307 -26.00 -4.85 -22.97
N ALA A 308 -25.34 -5.99 -23.00
CA ALA A 308 -24.18 -6.08 -23.85
C ALA A 308 -24.51 -5.56 -25.25
N VAL A 309 -25.72 -5.90 -25.75
CA VAL A 309 -26.14 -5.59 -27.11
C VAL A 309 -26.46 -4.11 -27.12
N LEU A 310 -27.33 -3.70 -26.22
CA LEU A 310 -27.56 -2.28 -26.04
C LEU A 310 -26.28 -1.45 -26.12
N PHE A 311 -25.28 -1.80 -25.32
CA PHE A 311 -24.11 -0.94 -25.18
C PHE A 311 -23.36 -0.93 -26.45
N GLU A 312 -23.22 -2.03 -27.12
CA GLU A 312 -22.53 -1.97 -28.41
C GLU A 312 -23.28 -1.12 -29.43
N ALA A 313 -24.61 -1.18 -29.41
CA ALA A 313 -25.46 -0.29 -30.21
C ALA A 313 -25.20 1.17 -29.81
N ILE A 314 -25.17 1.42 -28.53
CA ILE A 314 -24.87 2.77 -28.09
C ILE A 314 -23.53 3.24 -28.65
N SER A 315 -22.50 2.40 -28.59
CA SER A 315 -21.20 2.69 -29.22
C SER A 315 -21.31 3.07 -30.67
N LEU A 316 -21.98 2.23 -31.46
CA LEU A 316 -22.26 2.54 -32.87
C LEU A 316 -22.91 3.89 -33.10
N ILE A 317 -23.87 4.22 -32.24
CA ILE A 317 -24.60 5.50 -32.33
C ILE A 317 -23.64 6.68 -32.11
N ILE A 318 -22.84 6.57 -31.06
CA ILE A 318 -21.82 7.59 -30.79
C ILE A 318 -20.91 7.78 -31.99
N HIS A 319 -20.36 6.69 -32.50
CA HIS A 319 -19.33 6.70 -33.56
C HIS A 319 -19.85 7.25 -34.90
N HIS A 320 -21.05 6.86 -35.29
CA HIS A 320 -21.73 7.48 -36.43
C HIS A 320 -21.97 8.97 -36.20
N ASP A 321 -22.29 9.30 -34.95
CA ASP A 321 -22.60 10.67 -34.51
C ASP A 321 -23.54 11.39 -35.39
N SER A 322 -24.47 10.66 -36.02
CA SER A 322 -25.30 11.19 -37.11
C SER A 322 -26.83 11.15 -36.93
N GLU A 323 -27.36 10.49 -35.91
CA GLU A 323 -28.80 10.43 -35.67
C GLU A 323 -29.13 11.07 -34.30
N PRO A 324 -29.61 12.32 -34.30
CA PRO A 324 -29.66 12.95 -32.96
C PRO A 324 -30.73 12.32 -32.09
N ASN A 325 -31.83 11.85 -32.66
CA ASN A 325 -32.86 11.12 -31.87
C ASN A 325 -32.24 9.94 -31.04
N LEU A 326 -31.36 9.20 -31.70
CA LEU A 326 -30.73 8.03 -31.11
C LEU A 326 -29.75 8.36 -30.02
N LEU A 327 -28.93 9.36 -30.24
CA LEU A 327 -28.06 9.83 -29.18
C LEU A 327 -28.85 10.23 -27.95
N VAL A 328 -29.89 11.04 -28.15
CA VAL A 328 -30.75 11.45 -27.04
C VAL A 328 -31.33 10.23 -26.38
N ARG A 329 -31.91 9.33 -27.16
CA ARG A 329 -32.48 8.11 -26.57
C ARG A 329 -31.43 7.31 -25.78
N ALA A 330 -30.20 7.27 -26.31
CA ALA A 330 -29.14 6.62 -25.64
C ALA A 330 -28.80 7.30 -24.28
N CYS A 331 -28.56 8.60 -24.30
CA CYS A 331 -28.51 9.33 -23.01
C CYS A 331 -29.54 8.88 -22.01
N ASN A 332 -30.82 8.89 -22.41
CA ASN A 332 -31.87 8.70 -21.40
C ASN A 332 -31.90 7.27 -20.83
N GLN A 333 -31.55 6.31 -21.67
CA GLN A 333 -31.50 4.96 -21.21
C GLN A 333 -30.32 4.80 -20.25
N LEU A 334 -29.19 5.37 -20.63
CA LEU A 334 -28.07 5.46 -19.68
C LEU A 334 -28.45 6.07 -18.34
N GLY A 335 -29.24 7.11 -18.39
CA GLY A 335 -29.62 7.80 -17.16
C GLY A 335 -30.46 6.96 -16.23
N GLN A 336 -31.28 6.11 -16.81
CA GLN A 336 -32.09 5.24 -15.98
C GLN A 336 -31.30 4.14 -15.38
N PHE A 337 -30.15 3.81 -15.96
CA PHE A 337 -29.24 2.85 -15.35
C PHE A 337 -28.56 3.40 -14.10
N LEU A 338 -28.39 4.71 -14.01
CA LEU A 338 -27.74 5.29 -12.83
C LEU A 338 -28.41 5.02 -11.55
N GLN A 339 -29.69 4.70 -11.58
CA GLN A 339 -30.45 4.34 -10.37
C GLN A 339 -30.70 2.81 -10.23
N HIS A 340 -29.63 2.02 -10.18
CA HIS A 340 -29.74 0.59 -10.28
C HIS A 340 -28.77 0.01 -9.26
N ARG A 341 -29.19 -1.08 -8.62
N ARG A 341 -29.19 -1.08 -8.62
CA ARG A 341 -28.33 -1.86 -7.72
CA ARG A 341 -28.33 -1.85 -7.71
C ARG A 341 -27.12 -2.47 -8.39
C ARG A 341 -27.11 -2.46 -8.39
N GLU A 342 -27.19 -2.68 -9.71
CA GLU A 342 -26.10 -3.25 -10.47
C GLU A 342 -24.99 -2.22 -10.56
N THR A 343 -23.93 -2.52 -9.84
CA THR A 343 -22.76 -1.71 -9.88
C THR A 343 -22.23 -1.73 -11.30
N ASN A 344 -22.19 -2.90 -11.92
CA ASN A 344 -21.79 -3.00 -13.34
C ASN A 344 -22.50 -2.02 -14.31
N LEU A 345 -23.80 -1.84 -14.18
CA LEU A 345 -24.51 -0.97 -15.08
C LEU A 345 -24.33 0.47 -14.74
N ARG A 346 -24.45 0.80 -13.44
CA ARG A 346 -24.01 2.11 -12.97
C ARG A 346 -22.66 2.53 -13.57
N TYR A 347 -21.68 1.64 -13.52
CA TYR A 347 -20.35 1.93 -13.98
C TYR A 347 -20.33 2.18 -15.45
N LEU A 348 -20.91 1.28 -16.24
CA LEU A 348 -20.86 1.44 -17.69
C LEU A 348 -21.63 2.65 -18.20
N ALA A 349 -22.71 2.96 -17.47
CA ALA A 349 -23.58 4.07 -17.79
C ALA A 349 -22.88 5.40 -17.63
N LEU A 350 -22.16 5.56 -16.51
CA LEU A 350 -21.36 6.77 -16.31
C LEU A 350 -20.27 6.87 -17.41
N GLU A 351 -19.74 5.72 -17.78
CA GLU A 351 -18.70 5.69 -18.74
C GLU A 351 -19.19 6.19 -20.04
N SER A 352 -20.29 5.66 -20.53
CA SER A 352 -20.80 6.04 -21.85
C SER A 352 -21.30 7.46 -21.91
N MET A 353 -21.98 7.92 -20.85
CA MET A 353 -22.43 9.31 -20.74
C MET A 353 -21.29 10.32 -20.85
N CYS A 354 -20.21 10.06 -20.12
CA CYS A 354 -18.98 10.84 -20.29
C CYS A 354 -18.54 10.99 -21.75
N THR A 355 -18.57 9.92 -22.53
CA THR A 355 -18.31 10.06 -23.96
C THR A 355 -19.38 11.03 -24.56
N LEU A 356 -20.64 10.67 -24.36
CA LEU A 356 -21.80 11.43 -24.83
C LEU A 356 -21.83 12.90 -24.47
N ALA A 357 -21.16 13.30 -23.41
CA ALA A 357 -21.20 14.69 -23.03
C ALA A 357 -20.23 15.57 -23.89
N SER A 358 -19.43 15.00 -24.79
CA SER A 358 -18.60 15.81 -25.68
C SER A 358 -19.14 16.00 -27.13
N SER A 359 -20.31 15.44 -27.45
CA SER A 359 -20.97 15.72 -28.74
C SER A 359 -22.09 16.74 -28.52
N GLU A 360 -22.10 17.78 -29.35
CA GLU A 360 -23.18 18.80 -29.38
C GLU A 360 -24.57 18.15 -29.30
N PHE A 361 -24.85 17.22 -30.23
CA PHE A 361 -26.20 16.62 -30.34
C PHE A 361 -26.67 15.93 -29.06
N SER A 362 -25.74 15.65 -28.14
CA SER A 362 -26.02 15.01 -26.85
C SER A 362 -25.61 15.79 -25.60
N HIS A 363 -24.73 16.79 -25.70
CA HIS A 363 -24.22 17.46 -24.50
C HIS A 363 -25.35 17.86 -23.56
N GLU A 364 -26.29 18.64 -24.08
CA GLU A 364 -27.41 19.13 -23.26
C GLU A 364 -28.30 18.01 -22.71
N ALA A 365 -28.47 16.94 -23.48
CA ALA A 365 -29.19 15.74 -22.99
C ALA A 365 -28.58 15.25 -21.69
N VAL A 366 -27.25 15.23 -21.65
CA VAL A 366 -26.47 14.69 -20.51
C VAL A 366 -26.68 15.56 -19.26
N LYS A 367 -26.48 16.88 -19.42
CA LYS A 367 -26.85 17.88 -18.42
C LYS A 367 -28.14 17.61 -17.69
N THR A 368 -29.12 17.11 -18.44
CA THR A 368 -30.44 16.71 -17.92
C THR A 368 -30.39 15.77 -16.76
N HIS A 369 -29.34 14.96 -16.64
CA HIS A 369 -29.29 13.92 -15.62
C HIS A 369 -28.42 14.25 -14.45
N ILE A 370 -27.84 15.45 -14.46
CA ILE A 370 -27.10 15.98 -13.33
C ILE A 370 -27.61 15.55 -11.99
N GLU A 371 -28.91 15.68 -11.81
CA GLU A 371 -29.48 15.43 -10.52
C GLU A 371 -29.34 13.99 -10.19
N THR A 372 -29.44 13.12 -11.20
CA THR A 372 -29.39 11.67 -10.93
C THR A 372 -27.97 11.19 -10.66
N VAL A 373 -27.02 11.79 -11.36
CA VAL A 373 -25.62 11.52 -11.18
C VAL A 373 -25.22 11.86 -9.77
N ILE A 374 -25.63 13.03 -9.32
CA ILE A 374 -25.35 13.45 -7.94
C ILE A 374 -25.95 12.54 -6.87
N ASN A 375 -27.18 12.06 -7.09
CA ASN A 375 -27.89 11.17 -6.11
C ASN A 375 -27.29 9.80 -6.11
N ALA A 376 -26.68 9.41 -7.23
CA ALA A 376 -26.02 8.13 -7.35
C ALA A 376 -24.71 8.17 -6.59
N LEU A 377 -23.95 9.24 -6.80
CA LEU A 377 -22.68 9.44 -6.07
C LEU A 377 -22.97 9.46 -4.60
N LYS A 378 -23.92 10.32 -4.23
CA LYS A 378 -24.29 10.61 -2.84
C LYS A 378 -24.57 9.35 -2.05
N THR A 379 -24.80 8.26 -2.77
CA THR A 379 -25.10 7.01 -2.16
C THR A 379 -24.33 5.82 -2.76
N GLU A 380 -23.19 6.06 -3.43
CA GLU A 380 -22.44 4.98 -4.09
C GLU A 380 -21.44 4.30 -3.14
N ARG A 381 -21.10 3.04 -3.40
CA ARG A 381 -20.14 2.28 -2.60
C ARG A 381 -18.87 1.84 -3.33
N ASP A 382 -18.97 1.48 -4.60
CA ASP A 382 -17.79 1.14 -5.39
C ASP A 382 -17.03 2.43 -5.74
N VAL A 383 -15.75 2.45 -5.44
CA VAL A 383 -14.96 3.66 -5.54
C VAL A 383 -14.75 4.04 -6.99
N SER A 384 -14.53 3.03 -7.83
CA SER A 384 -14.42 3.25 -9.25
C SER A 384 -15.69 3.93 -9.77
N VAL A 385 -16.85 3.56 -9.24
CA VAL A 385 -18.11 4.16 -9.70
C VAL A 385 -18.22 5.61 -9.23
N ARG A 386 -17.85 5.89 -7.98
CA ARG A 386 -17.81 7.24 -7.46
C ARG A 386 -16.86 8.04 -8.27
N GLN A 387 -15.68 7.49 -8.47
CA GLN A 387 -14.70 8.17 -9.29
C GLN A 387 -15.39 8.66 -10.56
N ARG A 388 -15.98 7.76 -11.32
CA ARG A 388 -16.52 8.15 -12.61
C ARG A 388 -17.72 9.09 -12.53
N ALA A 389 -18.57 8.97 -11.51
CA ALA A 389 -19.62 9.95 -11.27
C ALA A 389 -19.06 11.38 -11.18
N VAL A 390 -17.99 11.53 -10.41
CA VAL A 390 -17.34 12.82 -10.28
C VAL A 390 -16.75 13.30 -11.59
N ASP A 391 -16.19 12.40 -12.38
CA ASP A 391 -15.65 12.78 -13.69
C ASP A 391 -16.78 13.28 -14.60
N LEU A 392 -17.99 12.74 -14.43
CA LEU A 392 -19.09 13.16 -15.29
C LEU A 392 -19.54 14.56 -14.91
N LEU A 393 -19.67 14.81 -13.61
CA LEU A 393 -20.08 16.15 -13.15
C LEU A 393 -19.08 17.23 -13.60
N TYR A 394 -17.80 16.87 -13.76
CA TYR A 394 -16.80 17.79 -14.27
C TYR A 394 -17.04 18.03 -15.78
N ALA A 395 -17.39 16.93 -16.47
CA ALA A 395 -17.64 16.94 -17.90
C ALA A 395 -18.84 17.76 -18.27
N MET A 396 -19.93 17.58 -17.53
CA MET A 396 -21.16 18.34 -17.73
C MET A 396 -21.23 19.73 -17.04
N CYS A 397 -20.13 20.23 -16.46
CA CYS A 397 -20.16 21.51 -15.70
C CYS A 397 -19.96 22.73 -16.58
N ASP A 398 -20.92 23.65 -16.52
CA ASP A 398 -20.73 24.98 -17.11
C ASP A 398 -21.29 26.08 -16.19
N ARG A 399 -21.50 27.27 -16.74
CA ARG A 399 -22.13 28.36 -16.02
C ARG A 399 -23.49 28.02 -15.37
N SER A 400 -24.41 27.44 -16.14
CA SER A 400 -25.71 27.04 -15.55
C SER A 400 -25.56 26.10 -14.37
N ASN A 401 -24.63 25.15 -14.42
CA ASN A 401 -24.40 24.17 -13.36
C ASN A 401 -23.48 24.62 -12.22
N ALA A 402 -22.47 25.40 -12.56
CA ALA A 402 -21.30 25.52 -11.68
C ALA A 402 -21.68 25.43 -10.19
N GLN A 403 -22.64 26.24 -9.79
CA GLN A 403 -22.98 26.36 -8.37
C GLN A 403 -23.65 25.11 -7.81
N GLN A 404 -24.54 24.49 -8.58
CA GLN A 404 -25.20 23.28 -8.08
C GLN A 404 -24.16 22.20 -7.92
N ILE A 405 -23.25 22.16 -8.91
CA ILE A 405 -22.20 21.16 -8.89
C ILE A 405 -21.28 21.37 -7.68
N VAL A 406 -20.77 22.59 -7.54
CA VAL A 406 -19.86 22.89 -6.45
C VAL A 406 -20.48 22.63 -5.08
N ALA A 407 -21.74 23.03 -4.90
CA ALA A 407 -22.44 22.84 -3.63
C ALA A 407 -22.55 21.37 -3.21
N GLU A 408 -22.77 20.50 -4.18
CA GLU A 408 -22.96 19.11 -3.84
C GLU A 408 -21.63 18.48 -3.61
N MET A 409 -20.64 18.89 -4.43
CA MET A 409 -19.28 18.42 -4.22
C MET A 409 -18.92 18.73 -2.78
N LEU A 410 -19.16 19.99 -2.34
CA LEU A 410 -18.79 20.43 -1.00
C LEU A 410 -19.54 19.63 0.04
N SER A 411 -20.83 19.53 -0.19
CA SER A 411 -21.71 18.74 0.66
C SER A 411 -21.17 17.34 0.80
N TYR A 412 -20.86 16.70 -0.33
CA TYR A 412 -20.39 15.31 -0.32
C TYR A 412 -19.11 15.17 0.48
N LEU A 413 -18.18 16.09 0.25
CA LEU A 413 -16.97 16.21 1.04
C LEU A 413 -17.13 16.23 2.55
N GLU A 414 -18.11 16.97 3.07
CA GLU A 414 -18.23 17.07 4.53
C GLU A 414 -18.21 15.73 5.21
N THR A 415 -18.85 14.73 4.60
CA THR A 415 -18.87 13.35 5.11
C THR A 415 -18.14 12.33 4.20
N ALA A 416 -17.26 12.80 3.32
CA ALA A 416 -16.59 11.92 2.37
C ALA A 416 -15.62 10.93 3.02
N ASP A 417 -15.27 9.86 2.31
CA ASP A 417 -14.16 8.96 2.68
C ASP A 417 -12.83 9.74 2.55
N TYR A 418 -11.74 9.03 2.26
CA TYR A 418 -10.49 9.65 1.92
C TYR A 418 -10.11 9.35 0.49
N SER A 419 -10.30 8.10 0.11
CA SER A 419 -10.21 7.64 -1.26
C SER A 419 -10.48 8.72 -2.29
N ILE A 420 -11.57 9.45 -2.09
CA ILE A 420 -12.09 10.37 -3.11
C ILE A 420 -11.79 11.84 -2.81
N ARG A 421 -11.59 12.20 -1.55
CA ARG A 421 -11.31 13.61 -1.18
C ARG A 421 -10.39 14.39 -2.11
N GLU A 422 -9.17 13.87 -2.30
CA GLU A 422 -8.15 14.57 -3.07
C GLU A 422 -8.65 15.07 -4.40
N GLU A 423 -9.38 14.25 -5.12
CA GLU A 423 -9.79 14.57 -6.49
C GLU A 423 -10.84 15.67 -6.53
N ILE A 424 -11.72 15.66 -5.55
CA ILE A 424 -12.89 16.50 -5.51
C ILE A 424 -12.45 17.88 -5.13
N VAL A 425 -11.57 17.96 -4.15
CA VAL A 425 -10.97 19.23 -3.72
C VAL A 425 -10.30 19.91 -4.89
N LEU A 426 -9.54 19.18 -5.66
CA LEU A 426 -8.90 19.73 -6.82
C LEU A 426 -9.91 20.27 -7.83
N LYS A 427 -10.97 19.50 -8.04
CA LYS A 427 -12.01 19.85 -8.95
C LYS A 427 -12.80 21.11 -8.50
N VAL A 428 -13.05 21.16 -7.18
CA VAL A 428 -13.84 22.24 -6.59
C VAL A 428 -13.12 23.54 -6.82
N ALA A 429 -11.85 23.56 -6.44
CA ALA A 429 -11.02 24.71 -6.68
C ALA A 429 -11.04 25.09 -8.12
N ILE A 430 -10.78 24.17 -9.03
CA ILE A 430 -10.66 24.49 -10.44
C ILE A 430 -11.96 25.09 -11.04
N LEU A 431 -13.10 24.43 -10.79
CA LEU A 431 -14.42 24.94 -11.23
C LEU A 431 -14.75 26.28 -10.58
N ALA A 432 -14.34 26.47 -9.32
CA ALA A 432 -14.55 27.71 -8.61
C ALA A 432 -13.87 28.82 -9.35
N GLU A 433 -12.57 28.70 -9.60
CA GLU A 433 -11.83 29.69 -10.40
C GLU A 433 -12.49 30.00 -11.76
N LYS A 434 -12.96 29.01 -12.49
CA LYS A 434 -13.39 29.23 -13.87
C LYS A 434 -14.76 29.90 -13.96
N TYR A 435 -15.62 29.56 -13.00
CA TYR A 435 -17.05 29.90 -13.04
C TYR A 435 -17.58 30.78 -11.87
N ALA A 436 -16.69 31.27 -10.99
CA ALA A 436 -17.06 32.22 -9.93
C ALA A 436 -17.97 33.27 -10.54
N VAL A 437 -19.17 33.34 -9.97
CA VAL A 437 -20.15 34.35 -10.35
C VAL A 437 -19.58 35.68 -9.85
N ASP A 438 -19.53 35.82 -8.53
CA ASP A 438 -18.95 36.97 -7.85
C ASP A 438 -17.87 36.51 -6.84
N TYR A 439 -16.78 37.27 -6.78
CA TYR A 439 -15.85 37.25 -5.66
C TYR A 439 -16.39 36.59 -4.40
N THR A 440 -17.59 36.97 -3.91
CA THR A 440 -18.07 36.52 -2.58
C THR A 440 -18.32 35.00 -2.54
N TRP A 441 -19.13 34.51 -3.49
CA TRP A 441 -19.32 33.06 -3.73
C TRP A 441 -17.98 32.28 -3.64
N TYR A 442 -17.00 32.80 -4.41
CA TYR A 442 -15.70 32.19 -4.51
C TYR A 442 -15.11 32.00 -3.13
N VAL A 443 -14.98 33.11 -2.42
CA VAL A 443 -14.50 33.15 -1.02
C VAL A 443 -15.32 32.22 -0.11
N ASP A 444 -16.62 32.19 -0.30
CA ASP A 444 -17.48 31.32 0.50
C ASP A 444 -17.14 29.85 0.26
N THR A 445 -16.78 29.56 -1.00
CA THR A 445 -16.41 28.21 -1.46
C THR A 445 -15.04 27.83 -0.90
N ILE A 446 -14.04 28.65 -1.23
CA ILE A 446 -12.70 28.36 -0.82
C ILE A 446 -12.64 28.20 0.70
N LEU A 447 -13.12 29.18 1.46
CA LEU A 447 -13.02 29.08 2.91
C LEU A 447 -13.62 27.80 3.41
N ASN A 448 -14.75 27.44 2.86
CA ASN A 448 -15.35 26.17 3.19
C ASN A 448 -14.62 24.94 2.65
N LEU A 449 -14.06 25.07 1.45
CA LEU A 449 -13.18 24.05 0.98
C LEU A 449 -12.09 23.83 2.01
N ILE A 450 -11.44 24.91 2.41
CA ILE A 450 -10.36 24.82 3.40
C ILE A 450 -10.83 24.27 4.78
N ARG A 451 -12.06 24.58 5.19
CA ARG A 451 -12.53 24.09 6.50
C ARG A 451 -12.70 22.57 6.50
N ILE A 452 -13.20 22.06 5.36
CA ILE A 452 -13.57 20.64 5.25
C ILE A 452 -12.40 19.75 4.83
N ALA A 453 -11.51 20.28 3.98
CA ALA A 453 -10.43 19.47 3.39
C ALA A 453 -9.22 20.28 2.95
N GLY A 454 -8.85 21.23 3.80
CA GLY A 454 -7.66 22.06 3.61
C GLY A 454 -6.34 21.30 3.58
N ASP A 455 -6.29 20.14 4.23
CA ASP A 455 -5.15 19.25 4.10
C ASP A 455 -4.85 18.93 2.63
N TYR A 456 -5.84 18.89 1.73
CA TYR A 456 -5.58 18.74 0.28
C TYR A 456 -5.44 20.05 -0.52
N VAL A 457 -5.49 21.21 0.12
CA VAL A 457 -5.62 22.43 -0.64
C VAL A 457 -4.25 23.00 -0.96
N SER A 458 -4.09 23.40 -2.21
CA SER A 458 -2.86 23.96 -2.70
C SER A 458 -2.51 25.25 -1.96
N GLU A 459 -1.23 25.61 -1.93
CA GLU A 459 -0.74 26.92 -1.48
C GLU A 459 -1.26 28.07 -2.36
N GLU A 460 -1.05 27.94 -3.66
CA GLU A 460 -1.57 28.86 -4.68
C GLU A 460 -3.04 29.21 -4.35
N VAL A 461 -3.86 28.19 -4.06
CA VAL A 461 -5.30 28.43 -3.80
C VAL A 461 -5.50 29.24 -2.49
N TRP A 462 -4.86 28.87 -1.38
CA TRP A 462 -5.06 29.67 -0.18
C TRP A 462 -4.39 31.04 -0.25
N TYR A 463 -3.26 31.14 -0.99
CA TYR A 463 -2.69 32.45 -1.23
C TYR A 463 -3.74 33.32 -1.85
N ARG A 464 -4.47 32.76 -2.80
CA ARG A 464 -5.38 33.55 -3.60
C ARG A 464 -6.58 34.02 -2.84
N VAL A 465 -7.21 33.14 -2.06
CA VAL A 465 -8.39 33.55 -1.30
C VAL A 465 -8.05 34.70 -0.34
N ILE A 466 -6.83 34.77 0.18
CA ILE A 466 -6.48 35.90 1.06
C ILE A 466 -6.28 37.10 0.18
N GLN A 467 -5.29 36.98 -0.70
CA GLN A 467 -4.96 37.97 -1.71
C GLN A 467 -6.21 38.59 -2.37
N ILE A 468 -7.27 37.82 -2.61
CA ILE A 468 -8.52 38.39 -3.17
C ILE A 468 -9.20 39.32 -2.17
N VAL A 469 -9.31 38.93 -0.90
CA VAL A 469 -9.93 39.81 0.09
C VAL A 469 -9.06 41.11 0.33
N ILE A 470 -9.15 41.95 -0.71
CA ILE A 470 -8.66 43.32 -0.83
C ILE A 470 -9.56 43.92 -1.96
N ASN A 471 -9.00 44.35 -3.12
CA ASN A 471 -9.74 44.65 -4.42
C ASN A 471 -11.29 44.80 -4.35
N ARG A 472 -11.98 43.65 -4.24
CA ARG A 472 -13.38 43.61 -3.80
C ARG A 472 -13.43 43.06 -2.34
N ASP A 473 -13.42 44.02 -1.39
CA ASP A 473 -13.13 43.84 0.04
C ASP A 473 -14.34 43.53 0.92
N ASP A 474 -15.49 44.15 0.62
CA ASP A 474 -16.81 43.97 1.27
C ASP A 474 -17.19 42.55 1.73
N VAL A 475 -16.26 41.62 1.58
CA VAL A 475 -16.41 40.25 1.97
C VAL A 475 -15.67 39.94 3.28
N GLN A 476 -14.90 40.92 3.76
CA GLN A 476 -13.97 40.78 4.90
C GLN A 476 -14.64 40.33 6.16
N GLY A 477 -15.87 40.79 6.34
CA GLY A 477 -16.57 40.61 7.59
C GLY A 477 -17.12 39.24 7.55
N TYR A 478 -17.53 38.85 6.34
CA TYR A 478 -18.01 37.50 6.15
C TYR A 478 -16.86 36.53 6.41
N ALA A 479 -15.79 36.70 5.64
CA ALA A 479 -14.55 35.93 5.78
C ALA A 479 -14.17 35.75 7.27
N ALA A 480 -14.13 36.89 7.97
CA ALA A 480 -13.69 36.95 9.36
C ALA A 480 -14.48 36.03 10.27
N LYS A 481 -15.81 36.14 10.16
CA LYS A 481 -16.77 35.35 10.93
C LYS A 481 -16.75 33.88 10.56
N THR A 482 -16.57 33.65 9.26
CA THR A 482 -16.58 32.28 8.73
C THR A 482 -15.36 31.54 9.27
N VAL A 483 -14.23 32.19 9.03
CA VAL A 483 -12.94 31.62 9.47
C VAL A 483 -13.08 31.33 10.98
N PHE A 484 -13.65 32.30 11.72
CA PHE A 484 -13.90 32.21 13.17
C PHE A 484 -14.74 30.97 13.56
N GLU A 485 -16.00 30.95 13.13
CA GLU A 485 -16.93 29.85 13.45
C GLU A 485 -16.36 28.46 13.07
N ALA A 486 -15.51 28.47 12.03
CA ALA A 486 -14.76 27.29 11.58
C ALA A 486 -13.71 26.89 12.61
N LEU A 487 -12.88 27.87 12.92
CA LEU A 487 -11.81 27.66 13.88
C LEU A 487 -12.32 27.14 15.22
N GLN A 488 -13.57 27.43 15.56
CA GLN A 488 -14.02 27.09 16.89
C GLN A 488 -14.65 25.71 17.01
N ALA A 489 -14.28 24.82 16.09
CA ALA A 489 -14.51 23.40 16.24
C ALA A 489 -13.26 22.72 16.81
N PRO A 490 -13.43 21.83 17.80
CA PRO A 490 -12.31 21.02 18.35
C PRO A 490 -11.50 20.29 17.29
N ALA A 491 -12.18 19.87 16.20
CA ALA A 491 -11.57 19.25 14.99
C ALA A 491 -10.44 20.09 14.31
N CYS A 492 -10.74 20.79 13.22
CA CYS A 492 -9.96 21.96 12.79
C CYS A 492 -8.48 21.74 12.32
N HIS A 493 -8.20 21.82 10.99
CA HIS A 493 -6.81 21.56 10.47
C HIS A 493 -6.03 22.72 9.83
N GLU A 494 -4.75 22.44 9.58
CA GLU A 494 -3.71 23.44 9.57
C GLU A 494 -3.95 24.60 8.66
N ASN A 495 -4.29 24.36 7.41
CA ASN A 495 -4.41 25.47 6.47
C ASN A 495 -5.59 26.36 6.83
N LEU A 496 -6.48 25.88 7.70
CA LEU A 496 -7.51 26.74 8.27
C LEU A 496 -6.85 27.74 9.24
N VAL A 497 -6.03 27.21 10.15
CA VAL A 497 -5.36 28.06 11.16
C VAL A 497 -4.54 29.10 10.46
N LYS A 498 -4.03 28.76 9.29
CA LYS A 498 -3.27 29.70 8.50
C LYS A 498 -4.16 30.78 7.97
N VAL A 499 -5.25 30.44 7.29
CA VAL A 499 -6.03 31.49 6.63
C VAL A 499 -6.86 32.19 7.68
N GLY A 500 -7.34 31.36 8.62
CA GLY A 500 -8.01 31.80 9.82
C GLY A 500 -7.25 32.85 10.59
N GLY A 501 -5.97 32.58 10.84
CA GLY A 501 -5.15 33.44 11.66
C GLY A 501 -4.68 34.66 10.89
N TYR A 502 -4.60 34.52 9.55
CA TYR A 502 -4.13 35.65 8.75
C TYR A 502 -5.26 36.63 8.63
N ILE A 503 -6.47 36.11 8.47
CA ILE A 503 -7.60 36.96 8.25
C ILE A 503 -7.99 37.68 9.53
N LEU A 504 -8.19 36.95 10.63
CA LEU A 504 -8.48 37.58 11.94
C LEU A 504 -7.41 38.61 12.41
N GLY A 505 -6.14 38.35 12.16
CA GLY A 505 -5.13 39.37 12.44
C GLY A 505 -5.37 40.67 11.71
N GLU A 506 -6.03 40.60 10.56
CA GLU A 506 -6.18 41.73 9.66
C GLU A 506 -7.56 42.38 9.65
N PHE A 507 -8.58 41.61 9.99
CA PHE A 507 -9.95 42.06 9.93
C PHE A 507 -10.77 41.46 11.09
N GLY A 508 -10.08 41.03 12.17
CA GLY A 508 -10.73 40.51 13.37
C GLY A 508 -11.53 41.57 14.11
N ASN A 509 -11.09 42.82 14.00
CA ASN A 509 -11.82 43.98 14.52
C ASN A 509 -13.27 44.00 14.06
N LEU A 510 -13.56 43.60 12.81
CA LEU A 510 -14.96 43.61 12.31
C LEU A 510 -15.88 42.59 13.01
N ILE A 511 -15.33 41.75 13.87
CA ILE A 511 -16.10 40.73 14.57
C ILE A 511 -15.85 40.75 16.11
N ALA A 512 -14.90 41.60 16.53
CA ALA A 512 -14.59 41.78 17.94
C ALA A 512 -15.76 42.44 18.71
N GLY A 513 -16.72 43.08 18.00
CA GLY A 513 -17.85 43.73 18.64
C GLY A 513 -18.79 42.77 19.31
N ASP A 514 -19.03 41.65 18.64
CA ASP A 514 -19.79 40.54 19.24
C ASP A 514 -19.03 40.02 20.48
N PRO A 515 -19.72 39.81 21.64
CA PRO A 515 -19.00 39.23 22.79
C PRO A 515 -18.84 37.69 22.71
N ARG A 516 -19.51 37.04 21.74
CA ARG A 516 -19.25 35.62 21.40
C ARG A 516 -17.87 35.44 20.69
N SER A 517 -17.27 36.54 20.21
CA SER A 517 -16.02 36.52 19.41
C SER A 517 -15.12 37.73 19.69
N SER A 518 -14.85 37.93 20.99
CA SER A 518 -14.06 39.06 21.47
C SER A 518 -12.59 38.89 21.16
N PRO A 519 -11.82 39.98 21.28
CA PRO A 519 -10.36 39.91 21.11
C PRO A 519 -9.72 38.79 21.88
N LEU A 520 -10.06 38.72 23.18
CA LEU A 520 -9.56 37.69 24.11
C LEU A 520 -9.96 36.25 23.66
N ILE A 521 -11.21 36.10 23.21
CA ILE A 521 -11.74 34.81 22.72
C ILE A 521 -11.07 34.39 21.40
N GLN A 522 -11.07 35.31 20.43
CA GLN A 522 -10.30 35.18 19.21
C GLN A 522 -8.89 34.71 19.52
N PHE A 523 -8.19 35.48 20.35
CA PHE A 523 -6.82 35.19 20.68
C PHE A 523 -6.66 33.76 21.22
N ASN A 524 -7.41 33.42 22.26
CA ASN A 524 -7.20 32.15 22.95
C ASN A 524 -7.49 31.01 22.03
N LEU A 525 -8.60 31.11 21.28
CA LEU A 525 -8.94 30.14 20.21
C LEU A 525 -7.70 29.84 19.35
N LEU A 526 -7.14 30.91 18.77
CA LEU A 526 -5.93 30.85 17.98
C LEU A 526 -4.82 30.17 18.77
N HIS A 527 -4.58 30.61 20.01
CA HIS A 527 -3.49 30.05 20.83
C HIS A 527 -3.73 28.64 21.24
N SER A 528 -4.99 28.22 21.32
CA SER A 528 -5.27 26.81 21.62
C SER A 528 -4.97 25.94 20.39
N LYS A 529 -4.67 26.55 19.25
CA LYS A 529 -4.12 25.83 18.10
C LYS A 529 -2.59 25.90 18.05
N PHE A 530 -2.03 26.95 18.62
CA PHE A 530 -0.65 27.34 18.38
C PHE A 530 0.37 26.19 18.53
N HIS A 531 0.46 25.67 19.73
CA HIS A 531 1.48 24.67 20.06
C HIS A 531 1.26 23.33 19.37
N LEU A 532 0.15 23.18 18.68
CA LEU A 532 -0.05 22.03 17.79
C LEU A 532 0.39 22.26 16.37
N CYS A 533 0.68 23.50 15.99
CA CYS A 533 0.93 23.81 14.58
C CYS A 533 2.39 23.72 14.25
N SER A 534 2.66 23.44 12.97
CA SER A 534 4.02 23.52 12.42
C SER A 534 4.60 24.94 12.62
N VAL A 535 5.93 25.09 12.53
CA VAL A 535 6.58 26.36 12.90
C VAL A 535 6.28 27.51 11.95
N PRO A 536 6.06 27.25 10.64
CA PRO A 536 5.69 28.41 9.78
C PRO A 536 4.31 29.00 10.10
N THR A 537 3.35 28.13 10.41
CA THR A 537 2.06 28.56 10.91
C THR A 537 2.23 29.44 12.19
N ARG A 538 3.09 29.04 13.12
CA ARG A 538 3.34 29.83 14.31
C ARG A 538 4.03 31.10 14.00
N ALA A 539 4.92 31.10 13.02
CA ALA A 539 5.48 32.37 12.57
C ALA A 539 4.30 33.24 12.18
N LEU A 540 3.38 32.70 11.41
CA LEU A 540 2.21 33.49 10.98
C LEU A 540 1.34 33.93 12.17
N LEU A 541 0.96 32.99 13.04
CA LEU A 541 0.20 33.29 14.28
C LEU A 541 0.89 34.36 15.16
N LEU A 542 2.24 34.31 15.27
CA LEU A 542 2.97 35.35 16.00
C LEU A 542 2.69 36.76 15.43
N SER A 543 2.45 36.88 14.12
CA SER A 543 2.16 38.18 13.49
C SER A 543 0.72 38.62 13.76
N THR A 544 -0.19 37.68 13.59
CA THR A 544 -1.54 37.82 14.10
C THR A 544 -1.49 38.39 15.52
N TYR A 545 -0.74 37.71 16.38
CA TYR A 545 -0.70 38.03 17.83
C TYR A 545 -0.31 39.49 18.09
N ILE A 546 0.57 40.08 17.29
CA ILE A 546 0.96 41.45 17.61
C ILE A 546 0.01 42.47 16.98
N LYS A 547 -0.56 42.10 15.85
CA LYS A 547 -1.65 42.85 15.29
C LYS A 547 -2.73 42.99 16.33
N PHE A 548 -3.05 41.90 17.00
CA PHE A 548 -3.96 41.93 18.15
C PHE A 548 -3.50 42.94 19.26
N VAL A 549 -2.20 42.99 19.56
CA VAL A 549 -1.67 43.97 20.54
C VAL A 549 -2.03 45.41 20.09
N ASN A 550 -1.89 45.66 18.79
CA ASN A 550 -2.21 46.95 18.20
C ASN A 550 -3.72 47.27 18.17
N LEU A 551 -4.53 46.34 17.69
CA LEU A 551 -5.97 46.63 17.48
C LEU A 551 -6.68 46.66 18.79
N PHE A 552 -6.46 45.62 19.59
CA PHE A 552 -7.10 45.45 20.90
C PHE A 552 -6.10 45.65 22.09
N PRO A 553 -6.04 46.88 22.69
CA PRO A 553 -5.15 47.10 23.83
C PRO A 553 -5.65 46.45 25.11
N GLU A 554 -6.96 46.20 25.13
CA GLU A 554 -7.68 45.40 26.16
C GLU A 554 -7.08 44.02 26.50
N VAL A 555 -6.04 43.60 25.77
CA VAL A 555 -5.55 42.22 25.78
C VAL A 555 -4.05 42.10 25.45
N LYS A 556 -3.36 43.24 25.45
CA LYS A 556 -1.93 43.34 25.15
C LYS A 556 -1.01 42.62 26.16
N ALA A 557 -1.48 42.34 27.36
CA ALA A 557 -0.58 41.76 28.38
C ALA A 557 -0.70 40.21 28.44
N THR A 558 -1.92 39.70 28.25
CA THR A 558 -2.18 38.27 28.03
C THR A 558 -1.26 37.83 26.90
N ILE A 559 -1.19 38.69 25.86
CA ILE A 559 -0.36 38.46 24.69
C ILE A 559 1.13 38.60 24.94
N GLN A 560 1.52 39.66 25.64
CA GLN A 560 2.93 39.87 25.96
C GLN A 560 3.58 38.75 26.77
N ASP A 561 2.79 38.03 27.58
CA ASP A 561 3.33 36.99 28.48
C ASP A 561 3.37 35.59 27.85
N VAL A 562 2.56 35.39 26.81
CA VAL A 562 2.82 34.39 25.76
C VAL A 562 4.05 34.74 24.88
N LEU A 563 4.34 36.05 24.62
CA LEU A 563 5.62 36.42 23.94
C LEU A 563 6.85 36.39 24.85
N ARG A 564 6.74 36.92 26.09
CA ARG A 564 7.87 36.94 27.08
C ARG A 564 8.26 35.56 27.51
N SER A 565 7.31 34.63 27.43
CA SER A 565 7.56 33.23 27.78
C SER A 565 8.84 32.64 27.19
N ASP A 566 9.31 31.57 27.83
CA ASP A 566 10.50 30.85 27.36
C ASP A 566 10.28 30.14 26.02
N SER A 567 9.21 29.35 25.90
CA SER A 567 8.99 28.56 24.69
C SER A 567 8.93 29.40 23.40
N GLN A 568 8.51 30.67 23.49
CA GLN A 568 8.66 31.64 22.39
C GLN A 568 10.06 32.22 22.32
N LEU A 569 10.55 32.80 23.44
CA LEU A 569 11.76 33.64 23.34
C LEU A 569 13.08 32.89 23.15
N LYS A 570 13.18 31.68 23.68
CA LYS A 570 14.36 30.83 23.57
C LYS A 570 14.05 29.72 22.54
N ASN A 571 13.29 30.02 21.49
CA ASN A 571 12.81 28.98 20.59
C ASN A 571 13.94 28.44 19.72
N ALA A 572 13.99 27.12 19.59
CA ALA A 572 14.99 26.48 18.74
C ALA A 572 14.94 27.03 17.34
N ASP A 573 13.73 27.31 16.81
CA ASP A 573 13.60 27.90 15.49
C ASP A 573 14.03 29.36 15.42
N VAL A 574 14.83 29.68 14.40
CA VAL A 574 15.30 31.05 14.19
C VAL A 574 14.13 32.01 13.91
N GLU A 575 13.23 31.67 12.99
CA GLU A 575 12.13 32.60 12.68
C GLU A 575 11.18 32.83 13.83
N LEU A 576 10.78 31.77 14.53
CA LEU A 576 9.93 31.94 15.72
C LEU A 576 10.54 32.86 16.77
N GLN A 577 11.82 32.65 17.11
CA GLN A 577 12.45 33.47 18.15
C GLN A 577 12.68 34.87 17.66
N GLN A 578 12.94 35.01 16.37
CA GLN A 578 13.20 36.32 15.77
C GLN A 578 11.96 37.23 15.88
N ARG A 579 10.83 36.64 15.53
CA ARG A 579 9.56 37.32 15.55
C ARG A 579 9.16 37.60 17.01
N ALA A 580 9.22 36.59 17.87
CA ALA A 580 8.78 36.75 19.26
C ALA A 580 9.57 37.86 20.00
N VAL A 581 10.89 37.93 19.78
CA VAL A 581 11.71 39.05 20.23
C VAL A 581 11.33 40.35 19.50
N GLU A 582 11.33 40.38 18.16
CA GLU A 582 11.02 41.64 17.46
C GLU A 582 9.68 42.24 17.89
N TYR A 583 8.71 41.36 18.15
CA TYR A 583 7.33 41.75 18.44
C TYR A 583 7.15 42.08 19.89
N LEU A 584 7.77 41.30 20.78
CA LEU A 584 7.72 41.56 22.23
C LEU A 584 8.23 42.96 22.45
N ARG A 585 9.35 43.29 21.80
CA ARG A 585 9.96 44.56 22.08
C ARG A 585 9.31 45.71 21.29
N LEU A 586 8.69 45.44 20.15
CA LEU A 586 7.79 46.41 19.54
C LEU A 586 6.66 46.88 20.44
N SER A 587 6.03 45.95 21.14
CA SER A 587 4.90 46.26 22.04
C SER A 587 5.35 47.01 23.28
N THR A 588 6.66 47.18 23.42
CA THR A 588 7.38 47.67 24.61
C THR A 588 8.07 49.00 24.35
N VAL A 589 8.85 49.05 23.26
CA VAL A 589 9.71 50.19 22.88
C VAL A 589 8.93 51.08 21.92
N ALA A 590 9.49 52.25 21.63
CA ALA A 590 9.05 53.16 20.54
C ALA A 590 7.86 54.08 21.00
N SER A 591 6.76 54.10 20.25
CA SER A 591 5.54 54.84 20.64
C SER A 591 4.36 53.83 20.66
N THR A 592 3.15 54.38 20.66
CA THR A 592 1.95 53.66 20.21
C THR A 592 1.57 54.07 18.78
N ASP A 593 1.93 55.29 18.40
CA ASP A 593 1.79 55.78 17.02
C ASP A 593 2.63 54.97 16.06
N ILE A 594 3.90 54.77 16.42
CA ILE A 594 4.78 53.82 15.73
C ILE A 594 4.12 52.43 15.54
N LEU A 595 3.80 51.75 16.65
CA LEU A 595 3.13 50.44 16.61
C LEU A 595 1.99 50.46 15.59
N ALA A 596 1.10 51.45 15.68
CA ALA A 596 -0.02 51.60 14.74
C ALA A 596 0.37 51.91 13.28
N THR A 597 1.52 52.57 13.08
CA THR A 597 2.07 52.85 11.75
C THR A 597 2.55 51.57 11.15
N VAL A 598 3.33 50.83 11.92
CA VAL A 598 3.94 49.56 11.47
C VAL A 598 2.91 48.43 11.20
N LEU A 599 1.82 48.32 11.97
CA LEU A 599 0.84 47.22 11.80
C LEU A 599 -0.51 47.74 11.36
N GLU A 600 -0.50 48.64 10.39
CA GLU A 600 -1.72 49.17 9.78
C GLU A 600 -2.34 48.19 8.76
N GLU A 601 -3.62 48.41 8.45
CA GLU A 601 -4.42 47.77 7.36
C GLU A 601 -3.73 46.86 6.33
N MET A 602 -2.55 47.22 5.82
CA MET A 602 -1.76 46.33 4.91
C MET A 602 -2.26 46.54 3.49
N PRO A 603 -1.46 47.17 2.63
CA PRO A 603 -1.93 47.58 1.30
C PRO A 603 -2.50 46.50 0.40
N PRO A 604 -3.36 46.87 -0.54
CA PRO A 604 -3.83 45.86 -1.46
C PRO A 604 -2.78 45.46 -2.50
N PHE A 605 -2.78 44.16 -2.82
CA PHE A 605 -2.07 43.55 -3.95
C PHE A 605 -2.32 44.19 -5.32
N PRO A 606 -1.36 44.03 -6.27
CA PRO A 606 -1.48 44.52 -7.63
C PRO A 606 -2.28 43.50 -8.47
N GLU A 607 -2.07 43.49 -9.79
CA GLU A 607 -2.81 42.61 -10.72
C GLU A 607 -1.92 41.69 -11.58
N ARG A 608 -2.59 40.93 -12.47
CA ARG A 608 -1.97 39.88 -13.29
C ARG A 608 -0.94 40.44 -14.29
N SER B 4 -25.13 -19.26 -11.02
CA SER B 4 -25.98 -20.16 -10.18
C SER B 4 -25.11 -20.90 -9.14
N LYS B 5 -25.51 -22.11 -8.73
CA LYS B 5 -24.69 -22.95 -7.87
C LYS B 5 -23.84 -23.95 -8.69
N TYR B 6 -22.96 -23.39 -9.53
CA TYR B 6 -21.91 -24.12 -10.25
C TYR B 6 -20.68 -24.24 -9.33
N PHE B 7 -20.02 -25.40 -9.38
CA PHE B 7 -18.99 -25.83 -8.39
C PHE B 7 -19.47 -26.04 -6.95
N THR B 8 -20.74 -25.74 -6.68
CA THR B 8 -21.41 -26.02 -5.41
C THR B 8 -21.77 -27.49 -5.27
N THR B 9 -21.79 -28.23 -6.38
CA THR B 9 -21.93 -29.69 -6.36
C THR B 9 -21.50 -30.34 -5.03
N ASN B 10 -22.46 -31.06 -4.43
CA ASN B 10 -22.26 -31.78 -3.16
C ASN B 10 -22.03 -33.29 -3.32
N LYS B 11 -22.48 -33.85 -4.45
CA LYS B 11 -22.49 -35.30 -4.67
C LYS B 11 -21.22 -35.80 -5.35
N LYS B 12 -20.25 -34.91 -5.57
CA LYS B 12 -18.87 -35.27 -5.93
C LYS B 12 -17.86 -34.11 -5.59
N GLY B 13 -16.59 -34.26 -5.99
CA GLY B 13 -15.56 -33.24 -5.71
C GLY B 13 -14.81 -33.48 -4.41
N GLU B 14 -14.05 -32.47 -3.99
CA GLU B 14 -13.16 -32.64 -2.83
C GLU B 14 -13.88 -32.75 -1.51
N ILE B 15 -15.05 -32.12 -1.41
CA ILE B 15 -15.86 -32.13 -0.19
C ILE B 15 -16.39 -33.55 0.06
N PHE B 16 -17.13 -34.10 -0.91
CA PHE B 16 -17.59 -35.51 -0.88
C PHE B 16 -16.47 -36.52 -0.54
N GLU B 17 -15.32 -36.39 -1.20
CA GLU B 17 -14.14 -37.23 -0.94
C GLU B 17 -13.74 -37.22 0.52
N LEU B 18 -13.54 -36.00 1.06
CA LEU B 18 -13.17 -35.82 2.47
C LEU B 18 -14.25 -36.30 3.46
N LYS B 19 -15.52 -36.22 3.04
CA LYS B 19 -16.68 -36.73 3.81
C LYS B 19 -16.67 -38.28 3.93
N ALA B 20 -16.35 -38.97 2.83
CA ALA B 20 -16.04 -40.42 2.80
C ALA B 20 -15.01 -40.83 3.85
N GLU B 21 -13.89 -40.11 3.87
CA GLU B 21 -12.80 -40.33 4.85
C GLU B 21 -13.13 -39.91 6.31
N LEU B 22 -13.96 -38.89 6.49
CA LEU B 22 -14.49 -38.56 7.84
C LEU B 22 -15.44 -39.62 8.36
N ASN B 23 -16.09 -40.35 7.45
CA ASN B 23 -16.96 -41.49 7.77
C ASN B 23 -16.29 -42.86 7.73
N ASN B 24 -15.19 -43.03 6.98
CA ASN B 24 -14.37 -44.28 6.91
C ASN B 24 -14.01 -44.82 8.31
N GLU B 25 -14.14 -46.15 8.51
CA GLU B 25 -14.18 -46.71 9.87
C GLU B 25 -12.81 -46.90 10.56
N LYS B 26 -11.73 -46.61 9.81
CA LYS B 26 -10.36 -46.66 10.32
C LYS B 26 -9.94 -45.26 10.76
N LYS B 27 -9.92 -45.05 12.07
CA LYS B 27 -9.50 -43.79 12.71
C LYS B 27 -8.16 -43.15 12.24
N GLU B 28 -7.24 -43.91 11.64
CA GLU B 28 -6.02 -43.33 11.02
C GLU B 28 -6.33 -42.58 9.73
N LYS B 29 -7.31 -43.04 8.98
CA LYS B 29 -7.78 -42.35 7.79
C LYS B 29 -8.68 -41.16 8.14
N ARG B 30 -9.30 -41.22 9.32
CA ARG B 30 -10.18 -40.14 9.83
C ARG B 30 -9.41 -38.93 10.39
N LYS B 31 -8.32 -39.23 11.10
CA LYS B 31 -7.30 -38.23 11.46
C LYS B 31 -6.80 -37.44 10.25
N GLU B 32 -6.55 -38.15 9.14
CA GLU B 32 -6.05 -37.54 7.90
C GLU B 32 -7.12 -36.65 7.26
N ALA B 33 -8.38 -37.04 7.43
CA ALA B 33 -9.51 -36.23 6.96
C ALA B 33 -9.57 -34.88 7.66
N VAL B 34 -9.56 -34.93 9.00
CA VAL B 34 -9.71 -33.73 9.89
C VAL B 34 -8.57 -32.70 9.72
N LYS B 35 -7.32 -33.19 9.58
CA LYS B 35 -6.11 -32.38 9.18
C LYS B 35 -6.31 -31.67 7.84
N LYS B 36 -6.67 -32.47 6.83
CA LYS B 36 -7.00 -32.01 5.49
C LYS B 36 -8.13 -30.96 5.49
N VAL B 37 -9.11 -31.12 6.37
CA VAL B 37 -10.16 -30.10 6.58
C VAL B 37 -9.59 -28.88 7.31
N ILE B 38 -8.71 -29.08 8.30
CA ILE B 38 -8.04 -27.94 8.97
C ILE B 38 -7.16 -27.13 7.99
N ALA B 39 -6.45 -27.85 7.10
CA ALA B 39 -5.69 -27.24 5.99
C ALA B 39 -6.54 -26.45 4.96
N ALA B 40 -7.81 -26.84 4.80
CA ALA B 40 -8.77 -26.18 3.87
C ALA B 40 -9.32 -24.85 4.43
N MET B 41 -9.72 -24.86 5.69
CA MET B 41 -10.12 -23.62 6.40
C MET B 41 -9.04 -22.55 6.24
N THR B 42 -7.80 -22.98 6.49
CA THR B 42 -6.58 -22.15 6.41
C THR B 42 -6.29 -21.56 5.04
N VAL B 43 -6.76 -22.23 3.97
CA VAL B 43 -6.77 -21.68 2.58
C VAL B 43 -8.18 -21.12 2.12
N GLY B 44 -9.05 -20.83 3.09
CA GLY B 44 -10.31 -20.12 2.83
C GLY B 44 -11.35 -20.92 2.10
N LYS B 45 -11.22 -22.24 2.09
CA LYS B 45 -12.24 -23.13 1.49
C LYS B 45 -13.38 -23.28 2.46
N ASP B 46 -14.59 -23.27 1.92
CA ASP B 46 -15.76 -23.38 2.74
C ASP B 46 -15.99 -24.86 2.99
N VAL B 47 -15.51 -25.28 4.16
CA VAL B 47 -15.62 -26.66 4.64
C VAL B 47 -16.80 -26.83 5.62
N SER B 48 -17.73 -25.87 5.61
CA SER B 48 -18.85 -25.82 6.56
C SER B 48 -19.84 -27.00 6.39
N SER B 49 -20.14 -27.33 5.14
CA SER B 49 -20.79 -28.59 4.74
C SER B 49 -20.41 -29.83 5.59
N LEU B 50 -19.11 -29.98 5.88
CA LEU B 50 -18.60 -31.17 6.61
C LEU B 50 -18.83 -31.21 8.13
N PHE B 51 -19.21 -30.10 8.75
CA PHE B 51 -19.24 -29.94 10.21
C PHE B 51 -19.89 -31.09 11.02
N PRO B 52 -21.03 -31.65 10.56
CA PRO B 52 -21.60 -32.82 11.27
C PRO B 52 -20.71 -34.07 11.31
N ASP B 53 -20.05 -34.39 10.18
CA ASP B 53 -19.12 -35.55 10.07
C ASP B 53 -17.81 -35.38 10.89
N VAL B 54 -17.35 -34.13 11.03
CA VAL B 54 -16.15 -33.78 11.82
C VAL B 54 -16.47 -33.77 13.33
N VAL B 55 -17.69 -33.36 13.71
CA VAL B 55 -18.14 -33.42 15.11
C VAL B 55 -18.30 -34.88 15.63
N ASN B 56 -18.65 -35.80 14.73
CA ASN B 56 -18.81 -37.23 15.08
C ASN B 56 -17.49 -37.97 15.30
N CYS B 57 -16.39 -37.44 14.75
CA CYS B 57 -14.98 -37.89 15.02
C CYS B 57 -14.55 -37.69 16.50
N MET B 58 -15.30 -36.85 17.23
CA MET B 58 -15.07 -36.61 18.66
C MET B 58 -15.57 -37.76 19.52
N GLN B 59 -16.47 -38.58 18.99
CA GLN B 59 -16.92 -39.82 19.66
C GLN B 59 -15.81 -40.87 19.60
N THR B 60 -14.73 -40.62 20.38
CA THR B 60 -13.43 -41.33 20.30
C THR B 60 -12.69 -41.56 21.64
N ASP B 61 -11.88 -42.62 21.63
CA ASP B 61 -10.87 -42.92 22.65
C ASP B 61 -9.56 -42.21 22.28
N ASN B 62 -9.15 -42.30 21.01
CA ASN B 62 -7.88 -41.73 20.57
C ASN B 62 -7.76 -40.23 20.92
N LEU B 63 -6.63 -39.89 21.55
CA LEU B 63 -6.37 -38.54 22.00
C LEU B 63 -6.13 -37.59 20.83
N GLU B 64 -5.14 -37.96 20.00
CA GLU B 64 -4.76 -37.18 18.81
C GLU B 64 -5.98 -36.82 17.96
N LEU B 65 -7.02 -37.66 17.97
CA LEU B 65 -8.23 -37.37 17.22
C LEU B 65 -9.07 -36.23 17.83
N LYS B 66 -9.62 -36.39 19.05
CA LYS B 66 -10.35 -35.29 19.76
C LYS B 66 -9.64 -33.96 19.62
N LYS B 67 -8.35 -33.97 19.98
CA LYS B 67 -7.37 -32.85 19.81
C LYS B 67 -7.51 -32.11 18.46
N LEU B 68 -7.49 -32.86 17.34
CA LEU B 68 -7.75 -32.31 15.99
C LEU B 68 -9.15 -31.69 15.80
N VAL B 69 -10.19 -32.30 16.37
CA VAL B 69 -11.55 -31.80 16.26
C VAL B 69 -11.71 -30.47 17.02
N TYR B 70 -11.18 -30.40 18.23
CA TYR B 70 -11.18 -29.14 19.01
C TYR B 70 -10.53 -27.97 18.27
N LEU B 71 -9.41 -28.27 17.60
CA LEU B 71 -8.70 -27.31 16.74
C LEU B 71 -9.61 -26.77 15.66
N TYR B 72 -10.21 -27.68 14.90
CA TYR B 72 -11.22 -27.37 13.90
C TYR B 72 -12.41 -26.57 14.47
N LEU B 73 -12.90 -26.95 15.65
CA LEU B 73 -14.01 -26.23 16.29
C LEU B 73 -13.61 -24.85 16.80
N MET B 74 -12.36 -24.73 17.27
CA MET B 74 -11.76 -23.44 17.67
C MET B 74 -11.64 -22.43 16.49
N ASN B 75 -11.41 -22.91 15.27
CA ASN B 75 -11.42 -22.07 14.04
C ASN B 75 -12.79 -21.41 13.77
N TYR B 76 -13.88 -22.11 14.10
CA TYR B 76 -15.25 -21.57 13.91
C TYR B 76 -15.81 -20.82 15.12
N ALA B 77 -15.05 -20.77 16.21
CA ALA B 77 -15.39 -19.94 17.34
C ALA B 77 -15.39 -18.48 16.92
N LYS B 78 -14.26 -18.03 16.38
CA LYS B 78 -14.07 -16.63 16.02
C LYS B 78 -14.74 -16.30 14.68
N SER B 79 -14.68 -17.25 13.72
CA SER B 79 -15.23 -17.03 12.36
C SER B 79 -16.71 -16.71 12.42
N GLN B 80 -17.52 -17.69 12.77
CA GLN B 80 -18.91 -17.43 13.17
C GLN B 80 -19.24 -18.24 14.44
N PRO B 81 -19.33 -17.56 15.60
CA PRO B 81 -19.75 -18.20 16.86
C PRO B 81 -21.08 -18.98 16.82
N ASP B 82 -21.90 -18.73 15.79
CA ASP B 82 -23.09 -19.55 15.52
C ASP B 82 -22.78 -20.96 15.03
N MET B 83 -21.71 -21.11 14.26
CA MET B 83 -21.29 -22.42 13.76
C MET B 83 -20.80 -23.36 14.89
N ALA B 84 -20.42 -22.80 16.05
CA ALA B 84 -19.95 -23.57 17.23
C ALA B 84 -20.97 -23.72 18.39
N ILE B 85 -22.22 -23.26 18.17
CA ILE B 85 -23.39 -23.47 19.09
C ILE B 85 -23.97 -24.91 19.02
N MET B 86 -23.44 -25.72 18.09
CA MET B 86 -24.03 -27.00 17.68
C MET B 86 -23.26 -28.23 18.22
N ALA B 87 -22.19 -27.98 18.99
CA ALA B 87 -21.44 -29.03 19.71
C ALA B 87 -21.33 -28.70 21.20
N VAL B 88 -22.27 -27.89 21.70
CA VAL B 88 -22.26 -27.37 23.09
C VAL B 88 -22.67 -28.41 24.12
N ASN B 89 -23.55 -29.32 23.70
CA ASN B 89 -24.07 -30.37 24.57
C ASN B 89 -22.99 -31.33 25.00
N SER B 90 -22.06 -31.67 24.09
CA SER B 90 -20.91 -32.54 24.42
C SER B 90 -19.56 -31.78 24.61
N PHE B 91 -19.63 -30.52 25.06
CA PHE B 91 -18.48 -29.82 25.64
C PHE B 91 -18.47 -30.07 27.15
N VAL B 92 -19.56 -29.66 27.81
CA VAL B 92 -19.79 -29.88 29.25
C VAL B 92 -19.45 -31.35 29.66
N LYS B 93 -19.82 -32.31 28.80
CA LYS B 93 -19.49 -33.72 29.00
C LYS B 93 -17.99 -33.92 29.08
N ASP B 94 -17.28 -33.32 28.13
CA ASP B 94 -15.82 -33.40 28.04
C ASP B 94 -15.01 -32.56 29.07
N CYS B 95 -15.60 -32.17 30.21
CA CYS B 95 -14.84 -31.47 31.29
C CYS B 95 -15.00 -32.01 32.76
N GLU B 96 -15.62 -33.18 32.94
CA GLU B 96 -15.30 -34.05 34.11
C GLU B 96 -14.78 -35.38 33.56
N ASP B 97 -13.96 -35.24 32.52
CA ASP B 97 -13.49 -36.38 31.74
C ASP B 97 -12.36 -37.04 32.49
N PRO B 98 -12.10 -38.33 32.19
CA PRO B 98 -10.77 -38.90 32.45
C PRO B 98 -9.69 -38.34 31.46
N ASN B 99 -8.53 -37.98 32.03
CA ASN B 99 -7.43 -37.20 31.38
C ASN B 99 -7.67 -35.69 31.52
N PRO B 100 -6.77 -34.96 32.27
CA PRO B 100 -6.94 -33.49 32.40
C PRO B 100 -6.67 -32.70 31.08
N LEU B 101 -5.80 -33.27 30.22
CA LEU B 101 -5.57 -32.77 28.84
C LEU B 101 -6.87 -32.47 28.07
N ILE B 102 -7.88 -33.35 28.23
CA ILE B 102 -9.24 -33.13 27.68
C ILE B 102 -10.07 -32.11 28.51
N ARG B 103 -9.98 -32.20 29.85
CA ARG B 103 -10.81 -31.37 30.73
C ARG B 103 -10.70 -29.89 30.39
N ALA B 104 -9.47 -29.37 30.51
CA ALA B 104 -9.15 -28.00 30.11
C ALA B 104 -9.63 -27.68 28.69
N LEU B 105 -9.39 -28.63 27.77
CA LEU B 105 -9.66 -28.48 26.31
C LEU B 105 -11.12 -28.18 25.95
N ALA B 106 -12.06 -28.47 26.86
CA ALA B 106 -13.47 -28.03 26.73
C ALA B 106 -13.75 -26.64 27.33
N VAL B 107 -12.94 -26.24 28.31
CA VAL B 107 -13.08 -24.96 29.01
C VAL B 107 -12.56 -23.77 28.17
N ARG B 108 -11.32 -23.89 27.67
CA ARG B 108 -10.67 -22.85 26.80
C ARG B 108 -11.47 -22.57 25.51
N THR B 109 -12.04 -23.64 24.93
CA THR B 109 -12.83 -23.56 23.67
C THR B 109 -14.27 -23.08 23.91
N MET B 110 -14.79 -23.29 25.13
CA MET B 110 -16.06 -22.74 25.53
C MET B 110 -15.97 -21.22 25.74
N GLY B 111 -14.81 -20.76 26.25
CA GLY B 111 -14.58 -19.33 26.57
C GLY B 111 -14.03 -18.41 25.47
N CYS B 112 -13.73 -18.98 24.31
CA CYS B 112 -13.29 -18.24 23.12
C CYS B 112 -14.47 -18.05 22.11
N ILE B 113 -15.72 -18.22 22.57
CA ILE B 113 -16.95 -18.06 21.76
C ILE B 113 -17.71 -16.82 22.22
N ARG B 114 -18.32 -16.08 21.28
CA ARG B 114 -18.80 -14.72 21.54
C ARG B 114 -20.27 -14.42 21.22
N VAL B 115 -21.19 -15.13 21.89
CA VAL B 115 -22.65 -14.83 21.85
C VAL B 115 -23.34 -15.35 23.13
N ASP B 116 -24.48 -14.76 23.51
CA ASP B 116 -25.17 -15.05 24.79
C ASP B 116 -25.96 -16.38 24.90
N LYS B 117 -25.69 -17.33 24.01
CA LYS B 117 -26.05 -18.74 24.23
C LYS B 117 -24.99 -19.51 25.06
N ILE B 118 -23.90 -18.82 25.47
CA ILE B 118 -22.77 -19.41 26.25
C ILE B 118 -22.97 -19.33 27.78
N THR B 119 -23.73 -18.33 28.26
CA THR B 119 -23.96 -18.10 29.70
C THR B 119 -24.44 -19.35 30.44
N GLU B 120 -25.35 -20.09 29.79
CA GLU B 120 -26.13 -21.14 30.46
C GLU B 120 -25.29 -22.37 30.85
N TYR B 121 -24.71 -23.02 29.84
CA TYR B 121 -24.09 -24.35 30.00
C TYR B 121 -22.76 -24.30 30.76
N LEU B 122 -22.13 -23.11 30.81
CA LEU B 122 -20.78 -22.89 31.36
C LEU B 122 -20.72 -22.27 32.79
N CYS B 123 -21.79 -21.61 33.25
CA CYS B 123 -21.79 -20.95 34.58
C CYS B 123 -21.33 -21.88 35.71
N GLU B 124 -21.76 -23.15 35.64
CA GLU B 124 -21.44 -24.17 36.66
C GLU B 124 -20.24 -25.12 36.37
N PRO B 125 -20.09 -25.64 35.11
CA PRO B 125 -18.86 -26.44 34.82
C PRO B 125 -17.50 -25.76 35.11
N LEU B 126 -17.40 -24.44 34.85
CA LEU B 126 -16.22 -23.65 35.23
C LEU B 126 -16.06 -23.58 36.75
N ARG B 127 -17.18 -23.44 37.47
CA ARG B 127 -17.21 -23.57 38.93
C ARG B 127 -16.49 -24.86 39.45
N LYS B 128 -16.41 -25.90 38.60
CA LYS B 128 -15.79 -27.21 38.90
C LYS B 128 -14.36 -27.39 38.39
N CYS B 129 -14.01 -26.66 37.33
CA CYS B 129 -12.62 -26.61 36.81
C CYS B 129 -11.62 -25.77 37.65
N LEU B 130 -12.18 -24.87 38.47
CA LEU B 130 -11.48 -24.09 39.50
C LEU B 130 -11.33 -24.88 40.81
N LYS B 131 -12.28 -25.80 41.05
CA LYS B 131 -12.23 -26.80 42.12
C LYS B 131 -11.69 -28.16 41.63
N ASP B 132 -11.12 -28.18 40.41
CA ASP B 132 -10.56 -29.36 39.81
C ASP B 132 -9.24 -29.66 40.51
N GLU B 133 -9.00 -30.95 40.78
CA GLU B 133 -7.78 -31.41 41.48
C GLU B 133 -6.50 -31.49 40.60
N ASP B 134 -6.59 -31.07 39.33
CA ASP B 134 -5.44 -30.97 38.41
C ASP B 134 -5.18 -29.50 38.02
N PRO B 135 -3.90 -29.02 38.17
CA PRO B 135 -3.59 -27.58 38.00
C PRO B 135 -3.49 -27.00 36.56
N TYR B 136 -3.23 -27.84 35.55
CA TYR B 136 -3.35 -27.46 34.11
C TYR B 136 -4.80 -27.08 33.73
N VAL B 137 -5.77 -27.62 34.47
CA VAL B 137 -7.19 -27.30 34.34
C VAL B 137 -7.53 -26.01 35.11
N ARG B 138 -6.94 -25.87 36.30
CA ARG B 138 -7.07 -24.65 37.10
C ARG B 138 -6.24 -23.48 36.52
N LYS B 139 -5.23 -23.81 35.72
CA LYS B 139 -4.49 -22.84 34.87
C LYS B 139 -5.38 -22.32 33.75
N THR B 140 -6.20 -23.23 33.19
CA THR B 140 -7.11 -22.96 32.07
C THR B 140 -8.51 -22.48 32.53
N ALA B 141 -8.91 -22.82 33.76
CA ALA B 141 -10.14 -22.29 34.38
C ALA B 141 -9.92 -20.83 34.79
N ALA B 142 -8.78 -20.56 35.44
CA ALA B 142 -8.35 -19.20 35.85
C ALA B 142 -8.36 -18.18 34.70
N VAL B 143 -7.72 -18.54 33.60
CA VAL B 143 -7.74 -17.74 32.37
C VAL B 143 -9.19 -17.68 31.79
N CYS B 144 -9.94 -18.78 31.94
CA CYS B 144 -11.34 -18.88 31.51
C CYS B 144 -12.30 -17.93 32.26
N VAL B 145 -12.05 -17.72 33.54
CA VAL B 145 -12.89 -16.79 34.34
C VAL B 145 -12.75 -15.39 33.76
N ALA B 146 -11.50 -15.04 33.43
CA ALA B 146 -11.17 -13.78 32.73
C ALA B 146 -11.92 -13.67 31.41
N LYS B 147 -11.85 -14.74 30.60
CA LYS B 147 -12.58 -14.84 29.32
C LYS B 147 -14.09 -14.62 29.50
N LEU B 148 -14.64 -15.04 30.63
CA LEU B 148 -16.08 -14.98 30.82
C LEU B 148 -16.55 -13.54 30.96
N HIS B 149 -15.89 -12.75 31.81
CA HIS B 149 -16.24 -11.31 31.97
C HIS B 149 -16.35 -10.56 30.63
N ASP B 150 -15.46 -10.92 29.70
CA ASP B 150 -15.37 -10.30 28.36
C ASP B 150 -16.73 -10.06 27.73
N ILE B 151 -17.53 -11.13 27.66
CA ILE B 151 -18.88 -11.04 27.10
C ILE B 151 -19.73 -10.11 27.98
N ASN B 152 -20.52 -9.25 27.32
CA ASN B 152 -21.24 -8.12 27.94
C ASN B 152 -22.01 -8.41 29.25
N ALA B 153 -22.44 -7.34 29.92
CA ALA B 153 -23.22 -7.38 31.18
C ALA B 153 -22.32 -7.52 32.41
N GLN B 154 -22.80 -6.97 33.52
CA GLN B 154 -22.12 -7.07 34.81
C GLN B 154 -22.34 -8.47 35.38
N MET B 155 -23.63 -8.82 35.57
CA MET B 155 -24.11 -10.02 36.29
C MET B 155 -23.81 -9.90 37.81
N VAL B 156 -24.64 -10.53 38.66
CA VAL B 156 -24.43 -10.51 40.13
C VAL B 156 -24.03 -11.88 40.73
N GLU B 157 -24.37 -12.99 40.04
CA GLU B 157 -23.70 -14.32 40.26
C GLU B 157 -22.20 -14.24 39.91
N ASP B 158 -21.88 -13.24 39.06
CA ASP B 158 -20.52 -12.76 38.84
C ASP B 158 -19.77 -12.36 40.14
N GLN B 159 -20.49 -11.90 41.18
CA GLN B 159 -19.92 -11.62 42.53
C GLN B 159 -20.03 -12.84 43.50
N GLY B 160 -20.22 -14.02 42.92
CA GLY B 160 -19.73 -15.29 43.45
C GLY B 160 -18.71 -15.90 42.48
N PHE B 161 -18.15 -15.10 41.56
CA PHE B 161 -17.13 -15.51 40.54
C PHE B 161 -15.80 -14.73 40.71
N LEU B 162 -15.90 -13.42 40.97
CA LEU B 162 -14.76 -12.58 41.36
C LEU B 162 -14.03 -13.19 42.58
N ASP B 163 -14.84 -13.59 43.57
CA ASP B 163 -14.37 -14.16 44.85
C ASP B 163 -13.78 -15.57 44.61
N SER B 164 -14.42 -16.33 43.71
CA SER B 164 -13.95 -17.66 43.24
C SER B 164 -12.58 -17.61 42.59
N LEU B 165 -12.31 -16.50 41.92
CA LEU B 165 -10.99 -16.21 41.40
C LEU B 165 -10.00 -15.88 42.53
N ARG B 166 -10.41 -14.98 43.46
CA ARG B 166 -9.54 -14.52 44.56
C ARG B 166 -9.03 -15.67 45.41
N ASP B 167 -9.85 -16.72 45.52
CA ASP B 167 -9.44 -18.00 46.15
C ASP B 167 -8.17 -18.53 45.52
N LEU B 168 -8.16 -18.58 44.18
CA LEU B 168 -7.09 -19.25 43.41
C LEU B 168 -5.77 -18.45 43.30
N ILE B 169 -5.77 -17.20 43.80
CA ILE B 169 -4.53 -16.43 44.03
C ILE B 169 -3.70 -17.11 45.14
N ALA B 170 -4.45 -17.65 46.13
CA ALA B 170 -3.91 -18.60 47.10
C ALA B 170 -4.03 -20.03 46.54
N ASP B 171 -2.89 -20.57 46.10
CA ASP B 171 -2.86 -21.89 45.49
C ASP B 171 -1.46 -22.44 45.50
N SER B 172 -1.35 -23.78 45.54
CA SER B 172 -0.07 -24.48 45.58
C SER B 172 0.62 -24.62 44.22
N ASN B 173 0.27 -23.77 43.24
CA ASN B 173 0.92 -23.77 41.91
C ASN B 173 1.16 -22.39 41.26
N PRO B 174 2.47 -21.94 41.19
CA PRO B 174 2.83 -20.65 40.53
C PRO B 174 2.27 -20.42 39.11
N MET B 175 2.06 -21.50 38.33
CA MET B 175 1.34 -21.38 37.04
C MET B 175 -0.11 -20.95 37.29
N VAL B 176 -0.77 -21.57 38.28
CA VAL B 176 -2.19 -21.32 38.56
C VAL B 176 -2.39 -19.91 39.08
N VAL B 177 -1.88 -19.66 40.29
CA VAL B 177 -1.96 -18.33 40.92
C VAL B 177 -1.56 -17.24 39.91
N ALA B 178 -0.36 -17.36 39.33
CA ALA B 178 0.13 -16.39 38.32
C ALA B 178 -0.55 -16.59 36.94
N ASN B 179 -1.76 -16.01 36.83
CA ASN B 179 -2.77 -16.18 35.72
C ASN B 179 -4.18 -15.73 36.24
N ALA B 180 -4.52 -16.20 37.45
CA ALA B 180 -5.62 -15.60 38.21
C ALA B 180 -5.29 -14.12 38.42
N VAL B 181 -4.04 -13.85 38.80
CA VAL B 181 -3.46 -12.48 38.81
C VAL B 181 -3.67 -11.73 37.45
N ALA B 182 -3.21 -12.33 36.34
CA ALA B 182 -3.42 -11.78 34.97
C ALA B 182 -4.90 -11.57 34.66
N ALA B 183 -5.71 -12.58 34.95
CA ALA B 183 -7.16 -12.47 34.88
C ALA B 183 -7.59 -11.21 35.62
N LEU B 184 -7.26 -11.17 36.93
CA LEU B 184 -7.71 -10.13 37.87
C LEU B 184 -7.48 -8.68 37.46
N SER B 185 -6.27 -8.32 37.06
CA SER B 185 -5.94 -6.92 36.71
C SER B 185 -6.62 -6.49 35.40
N GLU B 186 -6.70 -7.42 34.45
CA GLU B 186 -7.37 -7.18 33.17
C GLU B 186 -8.87 -6.90 33.34
N ILE B 187 -9.60 -7.90 33.87
CA ILE B 187 -11.05 -7.74 34.24
C ILE B 187 -11.30 -6.49 35.08
N SER B 188 -10.37 -6.20 36.00
CA SER B 188 -10.37 -5.00 36.84
C SER B 188 -10.29 -3.68 36.06
N GLU B 189 -9.61 -3.67 34.91
CA GLU B 189 -9.51 -2.48 34.05
C GLU B 189 -10.64 -2.37 32.99
N SER B 190 -11.86 -2.76 33.35
CA SER B 190 -13.08 -2.14 32.83
C SER B 190 -13.74 -1.50 34.06
N HIS B 191 -13.31 -0.27 34.36
CA HIS B 191 -13.11 0.24 35.75
C HIS B 191 -14.29 0.95 36.47
N PRO B 192 -14.97 0.26 37.43
CA PRO B 192 -15.27 0.87 38.76
C PRO B 192 -14.00 0.86 39.69
N ASN B 193 -14.02 1.63 40.79
CA ASN B 193 -12.81 1.76 41.64
C ASN B 193 -12.45 0.49 42.44
N SER B 194 -13.09 0.28 43.61
CA SER B 194 -12.65 -0.72 44.59
C SER B 194 -13.02 -2.15 44.19
N ASN B 195 -12.30 -2.67 43.20
CA ASN B 195 -12.35 -4.07 42.83
C ASN B 195 -10.97 -4.61 43.09
N LEU B 196 -10.85 -5.93 43.12
CA LEU B 196 -9.67 -6.65 43.64
C LEU B 196 -9.62 -6.51 45.16
N LEU B 197 -9.83 -7.63 45.87
CA LEU B 197 -10.05 -7.60 47.33
C LEU B 197 -8.75 -7.23 48.07
N ASP B 198 -8.84 -6.21 48.92
CA ASP B 198 -7.70 -5.69 49.67
C ASP B 198 -7.49 -6.46 51.01
N LEU B 199 -7.76 -7.76 51.00
CA LEU B 199 -7.05 -8.76 51.82
C LEU B 199 -5.56 -8.72 51.40
N ASN B 200 -4.97 -7.53 51.46
CA ASN B 200 -3.76 -7.17 50.68
C ASN B 200 -2.39 -7.52 51.32
N PRO B 201 -2.18 -7.15 52.61
CA PRO B 201 -0.87 -7.40 53.25
C PRO B 201 -0.45 -8.86 53.14
N GLN B 202 -1.43 -9.75 53.31
CA GLN B 202 -1.26 -11.18 53.11
C GLN B 202 -0.93 -11.51 51.66
N ASN B 203 -1.85 -11.18 50.73
CA ASN B 203 -1.81 -11.71 49.36
C ASN B 203 -0.58 -11.28 48.56
N ILE B 204 0.10 -10.20 48.99
CA ILE B 204 1.43 -9.79 48.45
C ILE B 204 2.44 -10.91 48.70
N ASN B 205 2.51 -11.38 49.96
CA ASN B 205 3.40 -12.49 50.39
C ASN B 205 3.21 -13.76 49.53
N LYS B 206 1.97 -14.03 49.13
CA LYS B 206 1.61 -15.15 48.21
C LYS B 206 2.04 -14.92 46.75
N LEU B 207 2.06 -13.65 46.33
CA LEU B 207 2.48 -13.28 44.97
C LEU B 207 3.99 -13.36 44.78
N LEU B 208 4.70 -12.79 45.76
CA LEU B 208 6.14 -12.64 45.73
C LEU B 208 6.91 -13.89 46.24
N THR B 209 6.16 -14.93 46.56
CA THR B 209 6.70 -16.26 46.78
C THR B 209 6.52 -17.02 45.49
N ALA B 210 5.27 -17.02 44.97
CA ALA B 210 4.97 -17.56 43.64
C ALA B 210 6.06 -17.10 42.69
N LEU B 211 6.27 -15.77 42.61
CA LEU B 211 7.35 -15.13 41.78
C LEU B 211 8.77 -15.74 41.88
N ASN B 212 9.13 -16.31 43.04
CA ASN B 212 10.44 -16.99 43.23
C ASN B 212 10.53 -18.30 42.41
N GLU B 213 9.52 -19.16 42.61
CA GLU B 213 9.41 -20.45 41.93
C GLU B 213 8.77 -20.34 40.55
N CYS B 214 8.26 -19.15 40.19
CA CYS B 214 7.36 -19.02 39.06
C CYS B 214 8.06 -19.23 37.73
N THR B 215 7.20 -19.62 36.78
CA THR B 215 7.48 -19.66 35.36
C THR B 215 8.07 -18.31 34.89
N GLU B 216 8.63 -18.35 33.70
CA GLU B 216 9.08 -17.15 32.98
C GLU B 216 8.02 -16.01 32.92
N TRP B 217 6.80 -16.33 32.49
CA TRP B 217 5.75 -15.32 32.24
C TRP B 217 4.77 -15.10 33.41
N GLY B 218 4.69 -16.04 34.36
CA GLY B 218 3.86 -15.88 35.58
C GLY B 218 4.21 -14.69 36.50
N GLN B 219 5.52 -14.55 36.76
CA GLN B 219 6.12 -13.38 37.43
C GLN B 219 5.46 -12.05 37.02
N ILE B 220 5.45 -11.78 35.71
CA ILE B 220 5.09 -10.45 35.12
C ILE B 220 3.63 -9.97 35.34
N PHE B 221 2.70 -10.89 35.22
CA PHE B 221 1.30 -10.58 35.47
C PHE B 221 1.22 -10.11 36.90
N ILE B 222 2.04 -10.77 37.75
CA ILE B 222 2.26 -10.33 39.15
C ILE B 222 2.80 -8.89 39.17
N LEU B 223 4.10 -8.73 38.93
CA LEU B 223 4.77 -7.42 38.92
C LEU B 223 3.84 -6.28 38.44
N ASP B 224 3.25 -6.44 37.25
CA ASP B 224 2.35 -5.39 36.68
C ASP B 224 1.15 -5.04 37.55
N CYS B 225 0.56 -6.02 38.25
CA CYS B 225 -0.64 -5.76 39.07
C CYS B 225 -0.34 -5.06 40.41
N LEU B 226 0.93 -5.04 40.86
CA LEU B 226 1.34 -4.34 42.09
C LEU B 226 1.30 -2.82 41.97
N SER B 227 2.19 -2.30 41.11
CA SER B 227 2.42 -0.85 40.92
C SER B 227 1.19 0.08 41.08
N ASN B 228 0.04 -0.40 40.61
CA ASN B 228 -1.29 0.25 40.75
C ASN B 228 -1.47 0.93 42.12
N TYR B 229 -1.12 0.19 43.18
CA TYR B 229 -1.35 0.58 44.59
C TYR B 229 -0.26 1.46 45.22
N ASN B 230 -0.74 2.46 45.99
CA ASN B 230 0.11 3.34 46.77
C ASN B 230 0.15 2.84 48.21
N PRO B 231 1.31 2.31 48.68
CA PRO B 231 1.51 2.09 50.13
C PRO B 231 1.22 3.36 50.98
N LYS B 232 1.15 3.22 52.32
CA LYS B 232 0.87 4.37 53.23
C LYS B 232 2.15 5.03 53.87
N ASP B 233 2.54 4.53 55.06
CA ASP B 233 3.91 4.68 55.58
C ASP B 233 4.43 3.23 55.50
N ASP B 234 5.61 2.94 54.94
CA ASP B 234 6.70 3.81 54.44
C ASP B 234 7.90 2.87 54.39
N ARG B 235 8.17 2.24 55.53
CA ARG B 235 9.10 1.12 55.70
C ARG B 235 8.39 -0.21 55.34
N GLU B 236 7.05 -0.14 55.21
CA GLU B 236 6.20 -1.05 54.35
C GLU B 236 6.85 -1.35 52.97
N ALA B 237 7.14 -0.27 52.24
CA ALA B 237 7.92 -0.28 51.00
C ALA B 237 9.18 -1.15 51.06
N GLN B 238 10.00 -1.00 52.11
CA GLN B 238 11.30 -1.74 52.24
C GLN B 238 11.29 -3.15 51.62
N SER B 239 10.82 -4.15 52.37
CA SER B 239 10.97 -5.57 51.96
C SER B 239 10.19 -5.89 50.64
N ILE B 240 9.08 -5.17 50.40
CA ILE B 240 8.42 -5.20 49.08
C ILE B 240 9.52 -5.24 48.03
N CYS B 241 10.40 -4.23 48.08
CA CYS B 241 11.53 -4.00 47.13
C CYS B 241 12.78 -4.93 47.28
N GLU B 242 12.96 -5.59 48.44
CA GLU B 242 14.13 -6.50 48.76
C GLU B 242 13.93 -7.95 48.24
N ARG B 243 12.67 -8.26 47.92
CA ARG B 243 12.18 -9.49 47.25
C ARG B 243 12.32 -9.49 45.71
N VAL B 244 12.05 -8.32 45.15
CA VAL B 244 12.04 -8.09 43.75
C VAL B 244 13.49 -8.12 43.29
N THR B 245 14.44 -7.98 44.21
CA THR B 245 15.89 -7.90 43.86
C THR B 245 16.43 -8.89 42.78
N PRO B 246 16.09 -10.21 42.88
CA PRO B 246 16.67 -11.18 41.88
C PRO B 246 16.17 -11.09 40.40
N ARG B 247 15.33 -10.11 40.05
CA ARG B 247 14.93 -9.88 38.65
C ARG B 247 16.11 -9.46 37.74
N LEU B 248 16.97 -10.43 37.46
CA LEU B 248 17.73 -10.49 36.22
C LEU B 248 17.27 -11.84 35.61
N SER B 249 15.96 -12.00 35.63
CA SER B 249 15.30 -13.30 35.60
C SER B 249 15.21 -13.88 34.21
N HIS B 250 14.31 -14.87 34.08
CA HIS B 250 13.86 -15.40 32.82
C HIS B 250 13.54 -14.28 31.77
N ALA B 251 12.28 -13.83 31.66
CA ALA B 251 11.81 -13.03 30.48
C ALA B 251 12.20 -11.61 30.59
N ASN B 252 13.51 -11.38 30.53
CA ASN B 252 14.05 -10.08 30.18
C ASN B 252 13.41 -9.77 28.85
N SER B 253 12.81 -8.61 28.63
CA SER B 253 12.79 -7.49 29.54
C SER B 253 11.42 -7.33 30.18
N ALA B 254 10.46 -8.19 29.88
CA ALA B 254 9.13 -8.01 30.44
C ALA B 254 9.16 -8.15 31.95
N VAL B 255 9.90 -9.16 32.41
CA VAL B 255 10.12 -9.38 33.85
C VAL B 255 10.85 -8.19 34.47
N VAL B 256 12.11 -8.02 34.08
CA VAL B 256 12.96 -6.89 34.49
C VAL B 256 12.13 -5.57 34.51
N LEU B 257 11.69 -5.07 33.36
CA LEU B 257 10.93 -3.81 33.28
C LEU B 257 9.62 -3.76 34.07
N SER B 258 8.85 -4.85 34.15
CA SER B 258 7.66 -4.82 34.99
C SER B 258 8.04 -4.61 36.47
N ALA B 259 9.23 -5.14 36.89
CA ALA B 259 9.85 -4.85 38.22
C ALA B 259 10.24 -3.38 38.34
N VAL B 260 11.29 -2.98 37.62
CA VAL B 260 11.67 -1.57 37.48
C VAL B 260 10.47 -0.62 37.61
N LYS B 261 9.31 -0.96 37.03
CA LYS B 261 8.09 -0.14 37.21
C LYS B 261 7.72 0.13 38.65
N VAL B 262 7.73 -0.97 39.43
CA VAL B 262 7.43 -1.00 40.89
C VAL B 262 8.61 -0.35 41.64
N LEU B 263 9.81 -0.83 41.31
CA LEU B 263 11.05 -0.29 41.90
C LEU B 263 11.30 1.21 41.58
N MET B 264 10.29 1.91 41.01
CA MET B 264 10.38 3.35 40.73
C MET B 264 9.15 4.20 41.08
N LYS B 265 7.95 3.62 41.18
CA LYS B 265 6.89 4.32 41.92
C LYS B 265 7.21 4.45 43.45
N PHE B 266 7.90 3.42 43.99
CA PHE B 266 8.27 3.31 45.43
C PHE B 266 9.65 3.89 45.74
N LEU B 267 10.10 4.79 44.87
CA LEU B 267 11.21 5.65 45.16
C LEU B 267 10.64 7.08 45.35
N GLU B 268 9.74 7.14 46.33
CA GLU B 268 9.45 8.35 47.07
C GLU B 268 9.61 7.92 48.54
N LEU B 269 10.85 7.75 48.93
CA LEU B 269 11.19 7.40 50.30
C LEU B 269 11.81 8.66 50.93
N LEU B 270 11.81 8.73 52.28
CA LEU B 270 12.85 9.48 52.98
C LEU B 270 14.10 8.64 52.60
N PRO B 271 14.89 9.14 51.60
CA PRO B 271 15.77 8.24 50.87
C PRO B 271 17.01 7.86 51.68
N LYS B 272 17.97 8.77 51.78
CA LYS B 272 19.30 8.50 52.35
C LYS B 272 19.34 8.76 53.88
N ASP B 273 18.20 8.53 54.56
CA ASP B 273 18.09 8.46 56.05
C ASP B 273 18.60 7.04 56.44
N SER B 274 18.22 6.06 55.60
CA SER B 274 18.87 4.73 55.52
C SER B 274 19.27 4.50 54.04
N ASP B 275 20.54 4.20 53.78
CA ASP B 275 20.98 3.95 52.40
C ASP B 275 20.52 2.59 51.86
N TYR B 276 19.19 2.52 51.63
CA TYR B 276 18.58 1.53 50.75
C TYR B 276 18.63 2.15 49.36
N TYR B 277 17.96 3.30 49.20
CA TYR B 277 18.09 4.20 48.03
C TYR B 277 19.40 4.01 47.31
N ASN B 278 20.53 4.13 48.01
CA ASN B 278 21.85 3.92 47.41
C ASN B 278 22.14 2.47 47.06
N MET B 279 21.52 1.53 47.79
CA MET B 279 21.57 0.09 47.46
C MET B 279 20.77 -0.27 46.20
N LEU B 280 19.50 0.15 46.18
CA LEU B 280 18.56 -0.08 45.05
C LEU B 280 19.06 0.45 43.68
N LEU B 281 19.65 1.65 43.72
CA LEU B 281 20.16 2.36 42.54
C LEU B 281 21.47 1.77 42.00
N LYS B 282 22.29 1.23 42.88
CA LYS B 282 23.44 0.47 42.43
C LYS B 282 22.99 -0.79 41.68
N LYS B 283 21.92 -1.41 42.20
CA LYS B 283 21.34 -2.63 41.62
C LYS B 283 20.83 -2.40 40.19
N LEU B 284 19.98 -1.38 40.04
CA LEU B 284 19.25 -1.11 38.79
C LEU B 284 20.07 -0.84 37.51
N ALA B 285 21.31 -0.38 37.67
CA ALA B 285 22.16 -0.11 36.50
C ALA B 285 22.47 -1.43 35.71
N PRO B 286 23.28 -2.38 36.29
CA PRO B 286 23.46 -3.73 35.71
C PRO B 286 22.30 -4.43 34.92
N PRO B 287 21.07 -4.63 35.50
CA PRO B 287 20.01 -5.33 34.77
C PRO B 287 19.58 -4.59 33.49
N LEU B 288 19.33 -3.28 33.58
CA LEU B 288 18.94 -2.49 32.43
C LEU B 288 20.00 -2.67 31.36
N VAL B 289 21.24 -2.31 31.64
CA VAL B 289 22.40 -2.63 30.79
C VAL B 289 22.31 -3.99 30.07
N THR B 290 21.87 -5.04 30.77
CA THR B 290 21.78 -6.40 30.20
C THR B 290 20.77 -6.55 29.07
N LEU B 291 19.75 -5.69 29.07
CA LEU B 291 18.68 -5.79 28.07
C LEU B 291 19.11 -5.37 26.65
N LEU B 292 20.23 -4.66 26.54
CA LEU B 292 20.85 -4.33 25.25
C LEU B 292 21.79 -5.42 24.68
N SER B 293 21.89 -6.53 25.41
CA SER B 293 22.43 -7.78 24.89
C SER B 293 21.30 -8.66 24.36
N GLY B 294 20.13 -8.68 25.03
CA GLY B 294 18.92 -9.41 24.57
C GLY B 294 18.77 -9.57 23.06
N GLU B 295 17.69 -9.06 22.47
CA GLU B 295 17.58 -8.97 21.01
C GLU B 295 17.09 -7.63 20.48
N PRO B 296 17.29 -7.39 19.15
CA PRO B 296 17.19 -6.03 18.65
C PRO B 296 15.85 -5.42 18.97
N GLU B 297 14.77 -6.16 18.73
CA GLU B 297 13.48 -5.60 18.99
C GLU B 297 13.34 -5.26 20.47
N VAL B 298 13.74 -6.22 21.30
CA VAL B 298 13.51 -6.11 22.75
C VAL B 298 14.19 -4.85 23.27
N GLN B 299 15.40 -4.61 22.74
CA GLN B 299 16.13 -3.39 22.98
C GLN B 299 15.21 -2.19 22.75
N TYR B 300 14.82 -1.89 21.52
CA TYR B 300 14.00 -0.70 21.23
C TYR B 300 13.12 -0.33 22.43
N VAL B 301 12.29 -1.26 22.85
CA VAL B 301 11.44 -1.06 24.06
C VAL B 301 12.27 -0.61 25.29
N ALA B 302 13.29 -1.40 25.63
CA ALA B 302 14.20 -1.10 26.73
C ALA B 302 14.65 0.34 26.70
N LEU B 303 15.08 0.79 25.51
CA LEU B 303 15.66 2.11 25.37
C LEU B 303 14.59 3.17 25.52
N ARG B 304 13.45 2.96 24.92
CA ARG B 304 12.35 3.92 25.09
C ARG B 304 11.91 4.14 26.55
N ASN B 305 12.23 3.17 27.42
CA ASN B 305 11.99 3.26 28.86
C ASN B 305 13.16 3.83 29.61
N ILE B 306 14.33 3.24 29.35
CA ILE B 306 15.60 3.83 29.75
C ILE B 306 15.63 5.36 29.51
N ASN B 307 15.05 5.81 28.40
CA ASN B 307 15.05 7.22 28.01
C ASN B 307 14.35 8.07 29.07
N LEU B 308 13.12 7.67 29.40
CA LEU B 308 12.32 8.30 30.48
C LEU B 308 12.95 8.15 31.88
N ILE B 309 13.37 6.92 32.17
CA ILE B 309 14.09 6.60 33.39
C ILE B 309 15.35 7.51 33.58
N VAL B 310 16.12 7.73 32.51
CA VAL B 310 17.32 8.57 32.61
C VAL B 310 16.98 10.05 32.91
N GLN B 311 15.83 10.48 32.41
CA GLN B 311 15.33 11.83 32.66
C GLN B 311 14.83 12.03 34.08
N LYS B 312 14.08 11.06 34.58
CA LYS B 312 13.74 10.99 36.00
C LYS B 312 15.04 10.80 36.85
N ARG B 313 15.47 9.57 37.12
CA ARG B 313 16.52 9.31 38.08
C ARG B 313 17.85 9.16 37.36
N PRO B 314 18.47 10.30 36.97
CA PRO B 314 19.66 10.28 36.10
C PRO B 314 20.88 9.63 36.69
N GLU B 315 20.85 9.46 38.01
CA GLU B 315 21.96 8.88 38.76
C GLU B 315 22.14 7.43 38.32
N ILE B 316 21.03 6.67 38.31
CA ILE B 316 21.05 5.26 37.94
C ILE B 316 22.14 4.90 36.88
N LEU B 317 21.97 5.32 35.61
CA LEU B 317 22.93 4.94 34.54
C LEU B 317 24.04 5.95 34.23
N LYS B 318 24.13 7.01 35.03
CA LYS B 318 25.19 8.02 34.91
C LYS B 318 26.58 7.45 34.50
N GLN B 319 26.99 6.36 35.14
CA GLN B 319 28.33 5.81 34.96
C GLN B 319 28.48 4.88 33.77
N GLU B 320 27.38 4.67 33.01
CA GLU B 320 27.23 3.50 32.14
C GLU B 320 27.06 3.75 30.63
N ILE B 321 27.56 4.90 30.16
CA ILE B 321 27.32 5.36 28.78
C ILE B 321 27.79 4.41 27.68
N LYS B 322 28.93 3.76 27.86
CA LYS B 322 29.53 2.85 26.83
C LYS B 322 28.59 1.70 26.43
N VAL B 323 27.71 1.32 27.35
CA VAL B 323 26.57 0.44 27.09
C VAL B 323 25.80 0.78 25.83
N PHE B 324 25.59 2.06 25.57
CA PHE B 324 24.73 2.57 24.50
C PHE B 324 25.51 3.10 23.31
N PHE B 325 26.70 2.59 23.09
CA PHE B 325 27.42 3.00 21.92
C PHE B 325 26.87 2.18 20.79
N VAL B 326 26.93 2.73 19.59
CA VAL B 326 26.21 2.16 18.46
C VAL B 326 26.99 1.02 17.84
N LYS B 327 26.29 -0.08 17.57
CA LYS B 327 26.85 -1.13 16.66
C LYS B 327 26.34 -1.00 15.19
N TYR B 328 27.30 -0.96 14.26
CA TYR B 328 27.04 -0.72 12.85
C TYR B 328 25.87 -1.55 12.35
N ASN B 329 25.78 -2.80 12.81
CA ASN B 329 24.74 -3.69 12.34
C ASN B 329 23.41 -3.58 13.10
N ASP B 330 23.28 -2.57 13.96
CA ASP B 330 22.05 -2.43 14.74
C ASP B 330 21.01 -1.90 13.76
N PRO B 331 19.78 -2.42 13.85
CA PRO B 331 18.72 -1.77 13.11
C PRO B 331 18.71 -0.26 13.30
N ILE B 332 18.15 0.42 12.32
CA ILE B 332 18.12 1.86 12.35
C ILE B 332 17.47 2.34 13.69
N TYR B 333 16.40 1.69 14.14
CA TYR B 333 15.65 2.23 15.26
C TYR B 333 16.32 1.98 16.61
N VAL B 334 17.16 0.96 16.71
CA VAL B 334 17.96 0.80 17.90
C VAL B 334 19.06 1.86 17.82
N LYS B 335 19.65 2.09 16.64
CA LYS B 335 20.66 3.14 16.50
C LYS B 335 20.18 4.48 17.03
N LEU B 336 18.94 4.82 16.73
CA LEU B 336 18.57 6.20 16.91
C LEU B 336 18.29 6.44 18.38
N GLU B 337 17.61 5.49 19.03
CA GLU B 337 17.28 5.61 20.45
C GLU B 337 18.51 5.53 21.32
N LYS B 338 19.46 4.70 20.88
CA LYS B 338 20.83 4.69 21.43
C LYS B 338 21.40 6.08 21.46
N LEU B 339 21.27 6.76 20.34
CA LEU B 339 21.85 8.08 20.17
C LEU B 339 21.21 9.08 21.12
N ASP B 340 19.90 9.11 21.16
CA ASP B 340 19.19 10.03 22.04
C ASP B 340 19.72 9.97 23.50
N ILE B 341 19.89 8.74 23.95
CA ILE B 341 20.30 8.42 25.29
C ILE B 341 21.78 8.69 25.45
N MET B 342 22.61 8.36 24.48
CA MET B 342 24.03 8.82 24.51
C MET B 342 24.17 10.31 24.85
N ILE B 343 23.26 11.16 24.38
CA ILE B 343 23.41 12.57 24.66
C ILE B 343 22.74 12.89 26.01
N ARG B 344 21.66 12.19 26.38
CA ARG B 344 21.05 12.37 27.74
C ARG B 344 21.99 12.08 28.90
N LEU B 345 23.08 11.33 28.65
CA LEU B 345 24.08 10.94 29.63
C LEU B 345 25.42 11.63 29.43
N ALA B 346 25.56 12.45 28.38
CA ALA B 346 26.85 13.07 28.07
C ALA B 346 27.32 13.98 29.21
N SER B 347 28.00 13.36 30.16
CA SER B 347 28.61 14.04 31.28
C SER B 347 29.74 14.97 30.76
N GLN B 348 30.04 15.98 31.59
CA GLN B 348 31.22 16.89 31.48
C GLN B 348 32.60 16.20 31.26
N ALA B 349 32.65 14.87 31.50
CA ALA B 349 33.86 14.02 31.51
C ALA B 349 33.95 13.02 30.36
N ASN B 350 32.83 12.35 30.05
CA ASN B 350 32.77 11.30 28.97
C ASN B 350 32.65 11.84 27.54
N ILE B 351 32.31 13.12 27.38
CA ILE B 351 32.45 13.76 26.06
C ILE B 351 33.74 13.31 25.40
N ALA B 352 34.73 13.00 26.24
CA ALA B 352 35.93 12.30 25.83
C ALA B 352 35.76 11.48 24.55
N GLN B 353 35.30 10.25 24.71
CA GLN B 353 35.12 9.35 23.58
C GLN B 353 33.77 9.65 22.89
N VAL B 354 32.73 10.02 23.66
CA VAL B 354 31.41 10.31 23.09
C VAL B 354 31.48 11.11 21.80
N LEU B 355 32.35 12.11 21.79
CA LEU B 355 32.64 12.90 20.61
C LEU B 355 33.36 12.07 19.58
N ALA B 356 34.38 11.31 19.98
CA ALA B 356 35.08 10.36 19.07
C ALA B 356 34.11 9.33 18.45
N GLU B 357 33.18 8.89 19.30
CA GLU B 357 32.18 7.92 18.97
C GLU B 357 31.10 8.46 18.05
N LEU B 358 31.01 9.77 17.88
CA LEU B 358 30.12 10.37 16.88
C LEU B 358 30.86 10.75 15.57
N LYS B 359 32.17 11.02 15.64
CA LYS B 359 32.96 11.26 14.40
C LYS B 359 32.97 9.91 13.73
N GLU B 360 32.95 8.83 14.53
CA GLU B 360 32.84 7.52 13.94
C GLU B 360 31.56 7.48 13.07
N TYR B 361 30.43 7.77 13.70
CA TYR B 361 29.13 7.61 13.08
C TYR B 361 28.93 8.51 11.87
N ALA B 362 29.31 9.77 11.93
CA ALA B 362 29.11 10.68 10.79
C ALA B 362 29.96 10.36 9.53
N THR B 363 30.77 9.31 9.61
CA THR B 363 31.63 8.95 8.49
C THR B 363 31.14 7.67 7.85
N GLU B 364 30.12 7.03 8.47
CA GLU B 364 29.47 5.83 7.96
C GLU B 364 28.58 6.15 6.68
N VAL B 365 27.83 5.13 6.19
CA VAL B 365 27.12 5.15 4.90
C VAL B 365 25.62 5.37 5.02
N ASP B 366 25.06 5.09 6.19
CA ASP B 366 23.64 5.25 6.42
C ASP B 366 23.39 6.71 6.55
N VAL B 367 22.92 7.27 5.47
CA VAL B 367 22.80 8.69 5.38
C VAL B 367 21.88 9.30 6.42
N ASP B 368 20.87 8.58 6.85
CA ASP B 368 19.90 9.15 7.79
C ASP B 368 20.57 9.26 9.13
N PHE B 369 21.21 8.17 9.50
CA PHE B 369 21.84 8.04 10.81
C PHE B 369 23.04 8.98 10.89
N VAL B 370 23.75 9.14 9.78
CA VAL B 370 24.83 10.10 9.74
C VAL B 370 24.31 11.46 10.19
N ARG B 371 23.31 11.98 9.49
CA ARG B 371 22.74 13.27 9.84
C ARG B 371 22.41 13.39 11.33
N LYS B 372 21.75 12.38 11.92
CA LYS B 372 21.31 12.49 13.33
C LYS B 372 22.49 12.52 14.30
N ALA B 373 23.49 11.69 14.02
CA ALA B 373 24.84 11.83 14.60
C ALA B 373 25.50 13.23 14.54
N VAL B 374 25.48 13.96 13.44
CA VAL B 374 26.12 15.28 13.54
C VAL B 374 25.20 16.30 14.22
N ARG B 375 23.90 16.05 14.23
CA ARG B 375 23.03 16.82 15.09
C ARG B 375 23.49 16.57 16.52
N ALA B 376 23.86 15.34 16.80
CA ALA B 376 24.05 14.91 18.17
C ALA B 376 25.24 15.61 18.80
N ILE B 377 26.30 15.70 18.01
CA ILE B 377 27.46 16.50 18.31
C ILE B 377 27.03 17.93 18.57
N GLY B 378 26.12 18.47 17.77
CA GLY B 378 25.54 19.77 18.08
C GLY B 378 25.03 19.93 19.50
N ARG B 379 24.00 19.18 19.83
CA ARG B 379 23.46 19.20 21.19
C ARG B 379 24.40 18.64 22.28
N CYS B 380 25.56 18.13 21.91
CA CYS B 380 26.69 17.95 22.85
C CYS B 380 27.28 19.30 23.24
N ALA B 381 27.82 20.02 22.24
CA ALA B 381 28.34 21.39 22.43
C ALA B 381 27.40 22.28 23.25
N ILE B 382 26.10 22.02 23.12
CA ILE B 382 25.07 22.83 23.75
C ILE B 382 24.77 22.35 25.19
N LYS B 383 24.76 21.04 25.43
CA LYS B 383 24.45 20.50 26.79
C LYS B 383 25.59 20.78 27.72
N VAL B 384 26.78 20.38 27.28
CA VAL B 384 27.99 20.53 28.04
C VAL B 384 28.82 21.67 27.43
N GLU B 385 29.01 22.75 28.20
CA GLU B 385 29.70 23.97 27.71
C GLU B 385 31.17 23.87 27.25
N GLN B 386 31.91 22.94 27.85
CA GLN B 386 33.37 22.90 27.74
C GLN B 386 33.82 22.06 26.55
N SER B 387 32.90 21.23 26.06
CA SER B 387 33.09 20.53 24.80
C SER B 387 32.99 21.48 23.60
N ALA B 388 32.11 22.48 23.66
CA ALA B 388 31.84 23.40 22.54
C ALA B 388 33.03 23.64 21.62
N GLU B 389 34.16 23.99 22.22
CA GLU B 389 35.41 24.25 21.47
C GLU B 389 35.87 23.06 20.63
N ARG B 390 35.82 21.88 21.22
CA ARG B 390 36.23 20.65 20.54
C ARG B 390 35.17 20.14 19.55
N CYS B 391 33.87 20.26 19.91
CA CYS B 391 32.75 19.96 18.99
C CYS B 391 32.94 20.75 17.71
N VAL B 392 33.12 22.07 17.85
CA VAL B 392 33.28 22.95 16.70
C VAL B 392 34.53 22.56 15.87
N SER B 393 35.51 21.98 16.56
CA SER B 393 36.73 21.50 15.89
C SER B 393 36.38 20.29 14.98
N THR B 394 35.87 19.21 15.62
CA THR B 394 35.27 18.04 14.94
C THR B 394 34.37 18.40 13.76
N LEU B 395 33.38 19.24 14.04
CA LEU B 395 32.51 19.76 13.00
C LEU B 395 33.30 20.35 11.83
N LEU B 396 34.29 21.18 12.14
CA LEU B 396 35.14 21.73 11.08
C LEU B 396 35.87 20.63 10.26
N ASP B 397 36.32 19.58 10.96
CA ASP B 397 36.95 18.41 10.31
C ASP B 397 35.96 17.73 9.33
N LEU B 398 34.81 17.30 9.85
CA LEU B 398 33.77 16.66 9.01
C LEU B 398 33.46 17.48 7.74
N ILE B 399 33.48 18.81 7.86
CA ILE B 399 33.20 19.73 6.75
C ILE B 399 34.30 19.73 5.70
N GLN B 400 35.52 19.51 6.17
CA GLN B 400 36.67 19.33 5.29
C GLN B 400 36.61 18.09 4.38
N THR B 401 36.12 16.96 4.91
CA THR B 401 35.83 15.77 4.08
C THR B 401 35.03 16.10 2.79
N LYS B 402 34.23 17.17 2.81
CA LYS B 402 33.43 17.58 1.66
C LYS B 402 32.26 16.65 1.34
N VAL B 403 31.98 15.63 2.20
CA VAL B 403 30.80 14.76 2.04
C VAL B 403 29.55 15.67 2.16
N ASN B 404 28.80 15.82 1.06
CA ASN B 404 27.83 16.88 0.91
C ASN B 404 26.81 17.00 2.07
N TYR B 405 26.13 15.89 2.32
CA TYR B 405 25.13 15.83 3.38
C TYR B 405 25.71 16.13 4.76
N VAL B 406 26.93 15.68 5.04
CA VAL B 406 27.59 15.96 6.32
C VAL B 406 27.84 17.46 6.46
N VAL B 407 28.25 18.10 5.37
CA VAL B 407 28.61 19.50 5.43
C VAL B 407 27.37 20.28 5.88
N GLN B 408 26.26 20.02 5.18
CA GLN B 408 25.04 20.82 5.36
C GLN B 408 24.50 20.64 6.74
N GLU B 409 24.42 19.40 7.19
CA GLU B 409 24.04 19.16 8.57
C GLU B 409 24.92 19.90 9.57
N ALA B 410 26.22 19.95 9.30
CA ALA B 410 27.15 20.60 10.21
C ALA B 410 26.93 22.10 10.29
N ILE B 411 26.81 22.73 9.13
CA ILE B 411 26.54 24.16 9.06
C ILE B 411 25.33 24.52 9.89
N VAL B 412 24.22 23.84 9.66
CA VAL B 412 23.03 24.04 10.50
C VAL B 412 23.31 23.97 12.01
N VAL B 413 24.11 23.00 12.41
CA VAL B 413 24.48 22.79 13.83
C VAL B 413 25.37 23.93 14.34
N ILE B 414 26.31 24.33 13.49
CA ILE B 414 27.16 25.45 13.83
C ILE B 414 26.37 26.73 14.09
N ARG B 415 25.29 26.96 13.35
CA ARG B 415 24.42 28.11 13.55
C ARG B 415 23.87 28.09 14.97
N ASP B 416 23.32 26.95 15.37
CA ASP B 416 22.72 26.86 16.69
C ASP B 416 23.74 26.99 17.82
N ILE B 417 25.00 26.70 17.53
CA ILE B 417 26.09 26.83 18.50
C ILE B 417 26.46 28.30 18.67
N PHE B 418 26.56 29.03 17.55
CA PHE B 418 26.80 30.48 17.60
C PHE B 418 25.71 31.15 18.45
N ARG B 419 24.47 30.77 18.22
CA ARG B 419 23.38 31.27 19.02
C ARG B 419 23.51 30.95 20.51
N LYS B 420 24.04 29.78 20.86
CA LYS B 420 24.29 29.39 22.28
C LYS B 420 25.57 30.01 22.89
N TYR B 421 26.61 30.17 22.08
CA TYR B 421 27.84 30.78 22.53
C TYR B 421 28.17 31.88 21.53
N PRO B 422 27.50 33.03 21.72
CA PRO B 422 27.78 34.18 20.87
C PRO B 422 29.18 34.70 21.04
N ASN B 423 29.65 35.41 20.03
CA ASN B 423 30.91 36.18 20.09
C ASN B 423 32.07 35.31 20.53
N LYS B 424 32.16 34.11 19.96
CA LYS B 424 33.20 33.15 20.36
C LYS B 424 33.83 32.42 19.19
N TYR B 425 33.04 32.00 18.21
CA TYR B 425 33.57 31.17 17.14
C TYR B 425 33.50 31.92 15.83
N GLU B 426 34.26 32.99 15.73
CA GLU B 426 34.07 33.97 14.66
C GLU B 426 35.07 33.89 13.53
N SER B 427 36.28 33.47 13.85
CA SER B 427 37.30 33.24 12.82
C SER B 427 36.88 32.16 11.82
N ILE B 428 36.04 31.22 12.30
CA ILE B 428 35.54 30.08 11.54
C ILE B 428 34.64 30.51 10.38
N ILE B 429 33.96 31.65 10.57
CA ILE B 429 33.00 32.21 9.59
C ILE B 429 33.66 32.22 8.23
N ALA B 430 34.84 32.83 8.16
CA ALA B 430 35.60 32.94 6.90
C ALA B 430 35.79 31.57 6.24
N THR B 431 36.24 30.60 7.02
CA THR B 431 36.36 29.19 6.57
C THR B 431 35.02 28.53 6.24
N LEU B 432 33.96 28.97 6.90
CA LEU B 432 32.61 28.50 6.59
C LEU B 432 32.08 28.95 5.25
N CYS B 433 32.33 30.21 4.88
CA CYS B 433 31.86 30.77 3.60
C CYS B 433 32.57 30.18 2.40
N GLU B 434 33.78 29.68 2.62
CA GLU B 434 34.52 28.89 1.62
C GLU B 434 33.66 27.82 0.92
N ASN B 435 32.72 27.23 1.66
CA ASN B 435 31.89 26.12 1.16
C ASN B 435 30.51 26.54 0.64
N LEU B 436 30.33 27.85 0.38
CA LEU B 436 29.06 28.38 -0.19
C LEU B 436 28.71 27.80 -1.59
N ASP B 437 29.72 27.32 -2.34
CA ASP B 437 29.50 26.65 -3.63
C ASP B 437 28.40 25.55 -3.60
N SER B 438 28.45 24.67 -2.59
CA SER B 438 27.74 23.38 -2.62
C SER B 438 26.72 23.21 -1.47
N LEU B 439 25.82 24.19 -1.33
CA LEU B 439 24.68 24.14 -0.38
C LEU B 439 23.29 24.11 -1.05
N ASP B 440 22.90 22.94 -1.57
CA ASP B 440 21.54 22.74 -2.13
C ASP B 440 20.39 22.86 -1.11
N GLU B 441 20.51 22.28 0.09
CA GLU B 441 19.34 22.21 1.01
C GLU B 441 18.94 23.56 1.65
N PRO B 442 17.63 23.87 1.71
CA PRO B 442 17.10 25.10 2.29
C PRO B 442 17.62 25.45 3.66
N ASP B 443 17.58 24.48 4.57
CA ASP B 443 18.08 24.71 5.92
C ASP B 443 19.45 25.31 6.00
N ALA B 444 20.42 24.62 5.40
CA ALA B 444 21.79 25.11 5.33
C ALA B 444 21.89 26.49 4.71
N ARG B 445 21.22 26.74 3.59
CA ARG B 445 21.34 28.06 2.98
C ARG B 445 20.92 29.15 3.99
N ALA B 446 19.76 28.91 4.62
CA ALA B 446 19.21 29.76 5.71
C ALA B 446 20.15 29.96 6.90
N ALA B 447 21.04 29.00 7.17
CA ALA B 447 21.95 29.09 8.28
C ALA B 447 23.10 30.01 7.96
N MET B 448 23.77 29.76 6.85
CA MET B 448 24.77 30.70 6.34
C MET B 448 24.22 32.12 6.28
N ILE B 449 23.16 32.28 5.51
CA ILE B 449 22.49 33.57 5.42
C ILE B 449 22.29 34.20 6.82
N TRP B 450 21.66 33.47 7.75
CA TRP B 450 21.53 34.00 9.12
C TRP B 450 22.86 34.31 9.77
N ILE B 451 23.87 33.50 9.49
CA ILE B 451 25.20 33.70 10.06
C ILE B 451 25.85 34.94 9.51
N VAL B 452 25.77 35.19 8.21
CA VAL B 452 26.22 36.50 7.71
C VAL B 452 25.43 37.62 8.41
N GLY B 453 24.16 37.31 8.67
CA GLY B 453 23.46 37.80 9.85
C GLY B 453 23.64 39.24 10.19
N GLU B 454 23.90 39.63 11.46
CA GLU B 454 24.50 38.85 12.58
C GLU B 454 25.90 38.54 12.17
N TYR B 455 26.85 39.34 12.63
CA TYR B 455 28.24 39.27 12.13
C TYR B 455 28.42 39.93 10.73
N ALA B 456 27.45 40.70 10.27
CA ALA B 456 27.59 41.43 9.00
C ALA B 456 28.68 42.48 9.10
N GLU B 457 28.62 43.27 10.20
CA GLU B 457 29.61 44.32 10.53
C GLU B 457 31.08 43.81 10.74
N ARG B 458 31.24 42.50 10.98
CA ARG B 458 32.54 41.83 10.98
C ARG B 458 33.13 41.70 9.58
N ILE B 459 32.30 41.40 8.58
CA ILE B 459 32.79 40.99 7.26
C ILE B 459 32.35 41.97 6.17
N ASP B 460 33.30 42.32 5.29
CA ASP B 460 33.07 43.36 4.27
C ASP B 460 32.42 42.81 2.98
N ASN B 461 32.92 41.67 2.45
CA ASN B 461 32.24 41.00 1.29
C ASN B 461 30.73 40.70 1.52
N ALA B 462 30.34 40.55 2.80
CA ALA B 462 28.95 40.35 3.28
C ALA B 462 27.82 40.82 2.38
N ASP B 463 28.03 41.94 1.69
CA ASP B 463 27.02 42.49 0.79
C ASP B 463 26.93 41.64 -0.47
N GLU B 464 28.04 41.54 -1.22
CA GLU B 464 28.09 40.71 -2.45
C GLU B 464 27.55 39.28 -2.20
N LEU B 465 27.84 38.74 -1.01
CA LEU B 465 27.33 37.45 -0.53
C LEU B 465 25.78 37.39 -0.47
N LEU B 466 25.22 38.21 0.40
CA LEU B 466 23.77 38.42 0.48
C LEU B 466 23.09 38.83 -0.86
N GLU B 467 23.81 39.58 -1.69
CA GLU B 467 23.33 39.96 -3.02
C GLU B 467 23.28 38.74 -3.95
N SER B 468 24.12 37.72 -3.66
CA SER B 468 24.22 36.54 -4.55
C SER B 468 22.90 35.80 -4.57
N PHE B 469 22.13 35.93 -3.49
CA PHE B 469 20.84 35.26 -3.38
C PHE B 469 19.70 36.03 -4.04
N LEU B 470 19.80 37.34 -4.21
CA LEU B 470 18.68 38.11 -4.76
C LEU B 470 18.33 37.74 -6.21
N GLU B 471 19.31 37.23 -6.96
CA GLU B 471 19.08 36.75 -8.33
C GLU B 471 17.85 35.82 -8.39
N GLY B 472 17.89 34.76 -7.59
CA GLY B 472 16.90 33.71 -7.63
C GLY B 472 16.30 33.71 -6.25
N PHE B 473 15.67 34.83 -5.90
CA PHE B 473 14.93 34.98 -4.66
C PHE B 473 13.74 34.03 -4.66
N HIS B 474 13.06 33.91 -5.79
CA HIS B 474 12.07 32.85 -5.99
C HIS B 474 12.93 31.63 -6.23
N ASP B 475 12.36 30.49 -6.58
CA ASP B 475 13.12 29.22 -6.61
C ASP B 475 13.65 28.87 -5.20
N GLU B 476 13.48 29.81 -4.28
CA GLU B 476 14.08 29.75 -2.99
C GLU B 476 13.03 29.40 -1.93
N SER B 477 13.40 28.50 -1.03
CA SER B 477 12.59 28.19 0.13
C SER B 477 11.98 29.43 0.81
N THR B 478 10.69 29.39 1.08
CA THR B 478 10.09 30.55 1.74
C THR B 478 10.77 30.78 3.12
N GLN B 479 11.44 29.77 3.65
CA GLN B 479 12.21 29.94 4.89
C GLN B 479 13.44 30.74 4.66
N VAL B 480 14.17 30.35 3.64
CA VAL B 480 15.27 31.18 3.19
C VAL B 480 14.80 32.59 2.86
N GLN B 481 13.75 32.74 2.08
CA GLN B 481 13.32 34.09 1.72
C GLN B 481 13.18 34.95 2.98
N LEU B 482 12.48 34.43 3.98
CA LEU B 482 12.30 35.10 5.25
C LEU B 482 13.60 35.46 5.93
N THR B 483 14.51 34.50 5.93
CA THR B 483 15.77 34.62 6.62
C THR B 483 16.65 35.67 5.97
N LEU B 484 16.57 35.70 4.64
CA LEU B 484 17.28 36.67 3.78
C LEU B 484 16.70 38.07 3.89
N LEU B 485 15.38 38.15 3.99
CA LEU B 485 14.76 39.41 4.33
C LEU B 485 15.37 39.93 5.64
N THR B 486 15.21 39.18 6.73
CA THR B 486 15.75 39.59 8.05
C THR B 486 17.26 39.84 7.96
N ALA B 487 18.00 38.96 7.30
CA ALA B 487 19.46 39.10 7.16
C ALA B 487 19.89 40.49 6.66
N ILE B 488 19.32 40.89 5.54
CA ILE B 488 19.62 42.16 4.89
C ILE B 488 19.15 43.41 5.68
N VAL B 489 18.00 43.37 6.36
CA VAL B 489 17.63 44.50 7.27
C VAL B 489 18.62 44.63 8.44
N LYS B 490 19.29 43.54 8.81
CA LYS B 490 20.40 43.63 9.75
C LYS B 490 21.52 44.39 9.09
N LEU B 491 21.98 43.89 7.93
CA LEU B 491 23.06 44.52 7.17
C LEU B 491 22.86 46.05 7.15
N PHE B 492 21.68 46.49 6.73
CA PHE B 492 21.34 47.92 6.69
C PHE B 492 21.33 48.60 8.06
N LEU B 493 20.70 47.98 9.05
CA LEU B 493 20.65 48.58 10.39
C LEU B 493 22.03 48.80 11.06
N LYS B 494 23.09 48.34 10.41
CA LYS B 494 24.46 48.71 10.77
C LYS B 494 25.34 49.35 9.65
N LYS B 495 24.90 49.40 8.38
CA LYS B 495 25.68 50.07 7.29
C LYS B 495 24.86 50.91 6.31
N PRO B 496 24.08 51.92 6.81
CA PRO B 496 23.36 52.75 5.82
C PRO B 496 24.28 53.42 4.75
N SER B 497 23.66 53.92 3.68
CA SER B 497 24.35 54.31 2.44
C SER B 497 24.93 53.07 1.73
N GLU B 498 25.96 52.48 2.33
CA GLU B 498 26.62 51.27 1.82
C GLU B 498 25.67 50.22 1.25
N THR B 499 24.63 49.89 2.02
CA THR B 499 23.76 48.76 1.68
C THR B 499 22.71 49.15 0.67
N GLN B 500 22.03 50.28 0.86
CA GLN B 500 20.92 50.74 -0.05
C GLN B 500 21.08 50.38 -1.54
N GLU B 501 22.33 50.34 -2.03
CA GLU B 501 22.73 49.65 -3.27
C GLU B 501 21.67 48.58 -3.63
N LEU B 502 21.41 47.70 -2.65
CA LEU B 502 20.52 46.54 -2.77
C LEU B 502 19.26 46.58 -1.92
N VAL B 503 19.34 46.90 -0.64
CA VAL B 503 18.19 46.72 0.30
C VAL B 503 16.81 47.19 -0.25
N GLN B 504 16.81 48.09 -1.24
CA GLN B 504 15.60 48.42 -2.01
C GLN B 504 15.00 47.14 -2.59
N GLN B 505 15.81 46.42 -3.38
CA GLN B 505 15.42 45.17 -4.06
C GLN B 505 14.55 44.31 -3.14
N VAL B 506 15.13 43.96 -1.97
CA VAL B 506 14.60 42.90 -1.08
C VAL B 506 13.28 43.24 -0.43
N LEU B 507 13.10 44.46 0.05
CA LEU B 507 11.80 44.83 0.59
C LEU B 507 10.82 44.87 -0.57
N SER B 508 11.30 45.30 -1.74
CA SER B 508 10.47 45.41 -2.93
C SER B 508 10.01 44.06 -3.49
N LEU B 509 10.79 43.00 -3.26
CA LEU B 509 10.42 41.61 -3.67
C LEU B 509 9.47 40.84 -2.73
N ALA B 510 9.57 41.06 -1.42
CA ALA B 510 8.58 40.54 -0.44
C ALA B 510 7.20 41.24 -0.50
N THR B 511 7.27 42.56 -0.65
CA THR B 511 6.12 43.46 -0.66
C THR B 511 5.35 43.38 -2.02
N GLN B 512 6.07 43.65 -3.11
CA GLN B 512 5.48 43.82 -4.43
C GLN B 512 5.44 42.56 -5.31
N ASP B 513 6.31 41.59 -5.04
CA ASP B 513 6.50 40.41 -5.93
C ASP B 513 6.08 39.06 -5.37
N SER B 514 5.83 38.98 -4.06
CA SER B 514 5.73 37.69 -3.40
C SER B 514 4.27 37.45 -3.24
N ASP B 515 3.82 36.23 -3.56
CA ASP B 515 2.44 35.86 -3.29
C ASP B 515 2.20 35.44 -1.85
N ASN B 516 3.26 35.05 -1.16
CA ASN B 516 3.11 34.60 0.20
C ASN B 516 2.64 35.80 1.04
N PRO B 517 1.42 35.73 1.62
CA PRO B 517 0.96 36.84 2.47
C PRO B 517 1.74 37.02 3.77
N ASP B 518 2.23 35.92 4.35
CA ASP B 518 3.07 36.02 5.52
C ASP B 518 4.37 36.75 5.19
N LEU B 519 4.91 36.53 3.99
CA LEU B 519 6.20 37.11 3.60
C LEU B 519 5.96 38.53 3.27
N ARG B 520 4.83 38.81 2.63
CA ARG B 520 4.49 40.18 2.25
C ARG B 520 4.39 41.07 3.50
N ASP B 521 3.61 40.60 4.48
CA ASP B 521 3.54 41.14 5.86
C ASP B 521 4.92 41.59 6.37
N ARG B 522 5.87 40.66 6.33
CA ARG B 522 7.18 40.89 6.92
C ARG B 522 7.95 42.01 6.18
N GLY B 523 7.90 42.04 4.84
CA GLY B 523 8.51 43.13 4.05
C GLY B 523 7.94 44.49 4.45
N TYR B 524 6.63 44.56 4.52
CA TYR B 524 5.96 45.77 4.93
C TYR B 524 6.44 46.14 6.31
N ILE B 525 6.18 45.27 7.27
CA ILE B 525 6.62 45.55 8.65
C ILE B 525 8.07 46.11 8.74
N TYR B 526 8.99 45.54 7.97
CA TYR B 526 10.36 46.06 7.95
C TYR B 526 10.43 47.34 7.17
N TRP B 527 9.72 47.43 6.05
CA TRP B 527 9.68 48.66 5.27
C TRP B 527 9.16 49.83 6.12
N ARG B 528 8.12 49.56 6.93
CA ARG B 528 7.51 50.58 7.81
C ARG B 528 8.33 50.94 9.06
N LEU B 529 9.34 50.14 9.39
CA LEU B 529 10.29 50.48 10.45
C LEU B 529 11.43 51.28 9.87
N LEU B 530 12.05 50.75 8.83
CA LEU B 530 13.28 51.34 8.33
C LEU B 530 12.98 52.67 7.72
N SER B 531 12.09 52.65 6.73
CA SER B 531 11.63 53.87 6.10
C SER B 531 10.51 54.45 6.99
N THR B 532 10.88 54.75 8.26
CA THR B 532 10.15 55.61 9.22
C THR B 532 11.04 56.07 10.38
N ASP B 533 11.67 55.14 11.11
CA ASP B 533 12.60 55.47 12.23
C ASP B 533 14.00 54.74 12.30
N PRO B 534 15.04 55.33 11.67
CA PRO B 534 16.44 54.79 11.62
C PRO B 534 17.13 54.30 12.92
N VAL B 535 16.61 54.62 14.11
CA VAL B 535 17.19 54.11 15.37
C VAL B 535 16.28 53.12 16.09
N THR B 536 14.97 53.40 16.14
CA THR B 536 13.96 52.56 16.83
C THR B 536 13.80 51.18 16.17
N ALA B 537 14.20 51.13 14.90
CA ALA B 537 14.33 49.89 14.18
C ALA B 537 15.47 49.09 14.78
N LYS B 538 16.66 49.69 14.92
CA LYS B 538 17.81 48.99 15.50
C LYS B 538 17.42 48.38 16.86
N GLU B 539 16.67 49.12 17.66
CA GLU B 539 16.27 48.59 18.96
C GLU B 539 15.46 47.31 18.73
N VAL B 540 14.40 47.41 17.92
CA VAL B 540 13.39 46.33 17.68
C VAL B 540 13.97 45.05 17.01
N VAL B 541 15.06 45.15 16.28
CA VAL B 541 15.65 44.00 15.60
C VAL B 541 16.89 43.48 16.35
N LEU B 542 17.96 44.26 16.33
CA LEU B 542 19.26 43.83 16.81
C LEU B 542 19.36 43.69 18.34
N SER B 543 18.26 43.78 19.07
CA SER B 543 18.26 43.41 20.49
C SER B 543 19.02 42.13 20.83
N GLU B 544 19.61 42.12 22.04
CA GLU B 544 20.27 40.92 22.59
C GLU B 544 19.17 39.85 22.78
N LYS B 545 19.11 38.90 21.85
CA LYS B 545 18.16 37.80 21.98
C LYS B 545 18.66 36.89 23.10
N PRO B 546 17.75 36.34 23.89
CA PRO B 546 18.21 35.36 24.89
C PRO B 546 18.84 34.12 24.26
N LEU B 547 19.59 33.40 25.08
CA LEU B 547 20.32 32.24 24.62
C LEU B 547 19.34 31.09 24.62
N ILE B 548 19.23 30.42 23.47
CA ILE B 548 18.58 29.13 23.41
C ILE B 548 19.19 28.22 24.49
N SER B 549 18.36 27.82 25.46
CA SER B 549 18.74 26.78 26.43
C SER B 549 18.26 25.45 25.86
N GLU B 550 19.05 24.40 26.05
CA GLU B 550 18.76 23.09 25.45
C GLU B 550 17.43 22.44 25.93
N GLU B 551 16.32 22.85 25.34
CA GLU B 551 14.98 22.25 25.57
C GLU B 551 14.64 21.14 24.56
N THR B 552 15.48 20.96 23.52
CA THR B 552 15.23 20.12 22.30
C THR B 552 14.55 18.79 22.57
N ASP B 553 15.33 17.79 22.97
CA ASP B 553 14.79 16.59 23.60
C ASP B 553 14.61 16.92 25.09
N LEU B 554 13.36 17.01 25.55
CA LEU B 554 13.06 17.10 26.98
C LEU B 554 11.56 17.06 27.22
N ILE B 555 11.12 16.23 28.15
CA ILE B 555 9.68 16.03 28.43
C ILE B 555 9.26 16.90 29.60
N GLU B 556 8.02 17.38 29.57
CA GLU B 556 7.48 18.19 30.65
C GLU B 556 7.38 17.31 31.95
N PRO B 557 8.03 17.73 33.07
CA PRO B 557 8.20 16.93 34.31
C PRO B 557 6.97 16.29 34.94
N THR B 558 5.78 16.81 34.66
CA THR B 558 4.51 16.24 35.18
C THR B 558 4.16 14.98 34.36
N LEU B 559 4.13 15.16 33.02
CA LEU B 559 3.92 14.09 32.01
C LEU B 559 4.87 12.92 32.18
N LEU B 560 6.12 13.26 32.53
CA LEU B 560 7.21 12.30 32.79
C LEU B 560 6.93 11.37 33.97
N ASP B 561 6.15 11.85 34.93
CA ASP B 561 5.73 11.03 36.07
C ASP B 561 4.56 10.14 35.73
N GLU B 562 3.62 10.68 34.94
CA GLU B 562 2.56 9.85 34.30
C GLU B 562 3.24 8.65 33.61
N LEU B 563 4.23 8.92 32.73
CA LEU B 563 4.94 7.85 31.98
C LEU B 563 5.86 6.92 32.81
N ILE B 564 6.36 7.41 33.94
CA ILE B 564 7.03 6.51 34.90
C ILE B 564 6.02 5.55 35.57
N CYS B 565 4.81 6.02 35.82
CA CYS B 565 3.74 5.14 36.34
C CYS B 565 3.16 4.26 35.23
N HIS B 566 3.94 3.95 34.19
CA HIS B 566 3.47 3.14 33.08
C HIS B 566 4.58 2.32 32.46
N ILE B 567 5.75 2.24 33.13
CA ILE B 567 6.98 1.98 32.36
C ILE B 567 6.97 0.68 31.51
N GLY B 568 6.21 -0.31 31.93
CA GLY B 568 6.15 -1.54 31.12
C GLY B 568 5.52 -1.33 29.75
N SER B 569 4.56 -0.42 29.70
CA SER B 569 3.47 -0.54 28.76
C SER B 569 3.75 0.05 27.37
N LEU B 570 2.66 0.36 26.67
CA LEU B 570 2.69 0.88 25.30
C LEU B 570 3.04 2.34 25.37
N ALA B 571 2.28 3.09 26.18
CA ALA B 571 2.55 4.49 26.51
C ALA B 571 4.02 4.78 26.85
N SER B 572 4.73 3.77 27.37
CA SER B 572 6.15 3.88 27.61
C SER B 572 7.00 3.87 26.34
N VAL B 573 6.47 3.28 25.27
CA VAL B 573 7.15 3.25 23.97
C VAL B 573 6.80 4.48 23.15
N TYR B 574 5.51 4.83 23.10
CA TYR B 574 5.10 6.06 22.42
C TYR B 574 5.47 7.36 23.18
N HIS B 575 5.81 7.25 24.47
CA HIS B 575 5.94 8.42 25.35
C HIS B 575 4.72 9.29 25.18
N LYS B 576 3.58 8.69 25.48
CA LYS B 576 2.29 9.31 25.24
C LYS B 576 1.33 8.80 26.29
N PRO B 577 0.44 9.68 26.79
CA PRO B 577 -0.59 9.14 27.71
C PRO B 577 -1.64 8.21 27.01
N PRO B 578 -2.37 7.38 27.78
CA PRO B 578 -3.40 6.51 27.19
C PRO B 578 -4.68 7.20 26.69
N ASN B 579 -4.85 8.51 26.97
CA ASN B 579 -5.83 9.39 26.27
C ASN B 579 -5.68 9.41 24.71
N ALA B 580 -4.46 9.16 24.23
CA ALA B 580 -4.19 9.01 22.80
C ALA B 580 -4.87 7.76 22.20
N PHE B 581 -5.26 6.77 23.03
CA PHE B 581 -6.09 5.63 22.56
C PHE B 581 -7.01 5.01 23.66
N VAL B 582 -8.24 5.54 23.77
CA VAL B 582 -9.30 5.15 24.75
C VAL B 582 -9.80 3.68 24.60
N MET C 1 -4.98 -7.55 26.31
CA MET C 1 -3.65 -8.16 25.95
C MET C 1 -3.66 -8.67 24.49
N ILE C 2 -2.65 -9.47 24.10
CA ILE C 2 -2.47 -9.94 22.71
C ILE C 2 -3.82 -10.28 22.08
N GLY C 3 -4.39 -9.31 21.37
CA GLY C 3 -5.77 -9.40 20.88
C GLY C 3 -5.93 -9.99 19.50
N GLY C 4 -4.81 -10.31 18.82
CA GLY C 4 -4.86 -10.81 17.45
C GLY C 4 -3.48 -11.22 16.95
N LEU C 5 -3.35 -12.46 16.48
CA LEU C 5 -2.06 -13.00 16.06
C LEU C 5 -2.12 -13.58 14.63
N PHE C 6 -1.52 -12.86 13.67
CA PHE C 6 -1.51 -13.26 12.27
C PHE C 6 -0.09 -13.46 11.77
N ILE C 7 0.07 -14.39 10.84
CA ILE C 7 1.36 -14.65 10.20
C ILE C 7 1.16 -14.51 8.71
N TYR C 8 1.90 -13.58 8.12
CA TYR C 8 1.77 -13.27 6.72
C TYR C 8 2.90 -13.96 5.99
N ASN C 9 2.79 -13.96 4.65
CA ASN C 9 3.88 -14.38 3.74
C ASN C 9 4.51 -13.15 3.11
N HIS C 10 5.50 -13.34 2.24
CA HIS C 10 6.21 -12.21 1.66
C HIS C 10 5.36 -11.22 0.83
N LYS C 11 4.04 -11.40 0.78
CA LYS C 11 3.13 -10.55 -0.02
C LYS C 11 1.92 -9.99 0.77
N GLY C 12 2.00 -10.04 2.10
CA GLY C 12 0.90 -9.58 2.94
C GLY C 12 -0.35 -10.41 2.82
N GLU C 13 -0.17 -11.73 2.68
CA GLU C 13 -1.28 -12.69 2.66
C GLU C 13 -1.31 -13.44 3.99
N VAL C 14 -2.47 -13.48 4.64
CA VAL C 14 -2.64 -14.17 5.93
C VAL C 14 -2.47 -15.70 5.81
N LEU C 15 -1.22 -16.21 5.84
CA LEU C 15 -0.95 -17.68 5.82
C LEU C 15 -1.69 -18.51 6.88
N ILE C 16 -1.92 -17.94 8.06
CA ILE C 16 -2.63 -18.62 9.16
C ILE C 16 -2.86 -17.65 10.31
N SER C 17 -4.01 -17.68 10.93
CA SER C 17 -4.25 -16.76 12.04
C SER C 17 -5.27 -17.18 13.09
N ARG C 18 -5.19 -16.49 14.23
CA ARG C 18 -6.09 -16.64 15.40
C ARG C 18 -6.36 -15.31 16.16
N VAL C 19 -7.58 -14.75 16.01
CA VAL C 19 -8.07 -13.63 16.82
C VAL C 19 -8.32 -14.14 18.26
N TYR C 20 -8.12 -13.26 19.25
CA TYR C 20 -8.49 -13.52 20.67
C TYR C 20 -9.45 -12.47 21.32
N ARG C 21 -9.86 -11.41 20.61
CA ARG C 21 -10.80 -10.40 21.12
C ARG C 21 -11.62 -9.91 19.95
N ASP C 22 -12.93 -9.76 20.14
CA ASP C 22 -13.81 -9.24 19.08
C ASP C 22 -13.58 -7.72 18.77
N ASP C 23 -12.79 -7.03 19.61
CA ASP C 23 -12.47 -5.60 19.42
C ASP C 23 -11.59 -5.26 18.17
N ILE C 24 -11.30 -6.27 17.34
CA ILE C 24 -10.51 -6.07 16.11
C ILE C 24 -10.98 -7.02 14.97
N GLY C 25 -11.44 -6.44 13.85
CA GLY C 25 -11.99 -7.21 12.73
C GLY C 25 -11.00 -7.50 11.59
N ARG C 26 -11.45 -7.24 10.36
CA ARG C 26 -10.61 -7.26 9.16
C ARG C 26 -9.79 -5.99 9.12
N ASN C 27 -10.44 -4.84 9.28
CA ASN C 27 -9.77 -3.53 9.41
C ASN C 27 -8.38 -3.52 10.07
N ALA C 28 -8.12 -4.45 10.99
CA ALA C 28 -6.77 -4.68 11.54
C ALA C 28 -5.78 -5.28 10.52
N VAL C 29 -6.14 -6.44 9.98
CA VAL C 29 -5.27 -7.21 9.07
C VAL C 29 -4.78 -6.36 7.89
N ASP C 30 -5.66 -5.47 7.39
CA ASP C 30 -5.39 -4.63 6.23
C ASP C 30 -4.44 -3.53 6.57
N ALA C 31 -4.73 -2.80 7.63
CA ALA C 31 -3.84 -1.74 8.14
C ALA C 31 -2.39 -2.23 8.20
N PHE C 32 -2.17 -3.36 8.88
CA PHE C 32 -0.83 -3.95 8.97
C PHE C 32 -0.24 -4.33 7.59
N ARG C 33 -1.06 -4.94 6.73
CA ARG C 33 -0.67 -5.23 5.34
C ARG C 33 -0.25 -3.97 4.57
N VAL C 34 -1.13 -2.98 4.57
CA VAL C 34 -0.95 -1.74 3.81
C VAL C 34 0.20 -0.83 4.34
N ASN C 35 0.31 -0.67 5.66
CA ASN C 35 1.24 0.31 6.25
C ASN C 35 2.55 -0.27 6.71
N VAL C 36 2.59 -1.55 7.04
CA VAL C 36 3.85 -2.11 7.45
C VAL C 36 4.45 -3.02 6.39
N ILE C 37 3.70 -4.00 5.90
CA ILE C 37 4.27 -4.96 4.95
C ILE C 37 4.57 -4.30 3.61
N HIS C 38 3.66 -3.43 3.17
CA HIS C 38 3.80 -2.71 1.93
C HIS C 38 4.00 -1.24 2.30
N ALA C 39 4.98 -1.00 3.16
CA ALA C 39 5.28 0.34 3.60
C ALA C 39 6.13 1.04 2.55
N ARG C 40 5.92 2.35 2.41
CA ARG C 40 6.70 3.23 1.50
C ARG C 40 7.90 3.90 2.24
N GLN C 41 7.92 5.24 2.38
CA GLN C 41 9.12 5.99 2.87
C GLN C 41 8.87 6.36 4.35
N GLN C 42 8.64 5.33 5.14
CA GLN C 42 8.20 5.47 6.52
C GLN C 42 9.28 5.01 7.50
N VAL C 43 9.36 5.70 8.64
CA VAL C 43 10.27 5.36 9.77
C VAL C 43 9.86 4.02 10.44
N ARG C 44 10.37 2.90 9.93
CA ARG C 44 10.03 1.59 10.47
C ARG C 44 10.45 1.45 11.95
N SER C 45 9.58 0.78 12.70
CA SER C 45 9.76 0.51 14.11
C SER C 45 8.96 -0.76 14.42
N PRO C 46 9.47 -1.62 15.30
CA PRO C 46 8.75 -2.84 15.64
C PRO C 46 7.36 -2.61 16.21
N VAL C 47 6.99 -1.39 16.55
CA VAL C 47 5.66 -1.10 17.09
C VAL C 47 5.03 0.12 16.38
N THR C 48 3.83 -0.09 15.83
CA THR C 48 3.07 0.96 15.12
C THR C 48 1.64 1.11 15.64
N ASN C 49 1.17 2.35 15.63
CA ASN C 49 -0.14 2.71 16.13
C ASN C 49 -0.89 3.32 14.97
N ILE C 50 -1.78 2.55 14.33
CA ILE C 50 -2.71 3.12 13.32
C ILE C 50 -4.14 2.70 13.61
N ALA C 51 -5.08 3.60 13.32
CA ALA C 51 -6.51 3.42 13.60
C ALA C 51 -6.78 3.25 15.10
N ARG C 52 -6.00 3.95 15.93
CA ARG C 52 -5.94 3.75 17.40
C ARG C 52 -5.71 2.27 17.83
N THR C 53 -4.94 1.54 17.02
CA THR C 53 -4.64 0.11 17.23
C THR C 53 -3.14 -0.10 17.14
N SER C 54 -2.57 -0.85 18.09
CA SER C 54 -1.13 -1.08 18.13
C SER C 54 -0.76 -2.36 17.43
N PHE C 55 0.46 -2.41 16.87
CA PHE C 55 0.96 -3.54 16.09
C PHE C 55 2.43 -3.87 16.37
N PHE C 56 2.69 -5.08 16.83
CA PHE C 56 4.04 -5.55 17.05
C PHE C 56 4.30 -6.51 15.92
N HIS C 57 5.58 -6.64 15.54
CA HIS C 57 5.98 -7.58 14.51
C HIS C 57 7.48 -7.94 14.61
N VAL C 58 7.79 -9.16 14.21
CA VAL C 58 9.16 -9.58 13.95
C VAL C 58 9.20 -10.13 12.50
N LYS C 59 10.40 -10.33 11.96
CA LYS C 59 10.57 -10.87 10.61
C LYS C 59 11.57 -12.05 10.55
N ARG C 60 11.14 -13.14 9.89
CA ARG C 60 11.91 -14.39 9.80
C ARG C 60 12.05 -14.90 8.37
N SER C 61 13.12 -14.45 7.71
CA SER C 61 13.48 -14.90 6.36
C SER C 61 12.62 -14.17 5.30
N ASN C 62 11.35 -14.53 5.22
CA ASN C 62 10.37 -13.82 4.38
C ASN C 62 8.98 -13.80 5.02
N ILE C 63 8.92 -14.11 6.33
CA ILE C 63 7.68 -14.34 7.08
C ILE C 63 7.44 -13.16 8.02
N TRP C 64 6.19 -12.74 8.14
CA TRP C 64 5.82 -11.62 9.02
C TRP C 64 5.02 -12.18 10.17
N LEU C 65 5.56 -12.05 11.38
CA LEU C 65 4.87 -12.48 12.60
C LEU C 65 4.36 -11.23 13.28
N ALA C 66 3.05 -11.11 13.38
CA ALA C 66 2.47 -9.90 13.90
C ALA C 66 1.75 -10.21 15.19
N ALA C 67 1.48 -9.16 15.97
CA ALA C 67 0.73 -9.28 17.23
C ALA C 67 0.01 -7.95 17.44
N VAL C 68 -1.23 -7.97 17.94
CA VAL C 68 -2.15 -6.82 17.78
C VAL C 68 -3.11 -6.61 18.97
N THR C 69 -3.38 -5.33 19.30
CA THR C 69 -4.30 -4.95 20.38
C THR C 69 -4.77 -3.52 20.25
N LYS C 70 -5.91 -3.22 20.92
CA LYS C 70 -6.37 -1.84 21.24
C LYS C 70 -6.19 -1.46 22.74
N GLN C 71 -5.51 -2.35 23.48
CA GLN C 71 -5.19 -2.22 24.93
C GLN C 71 -3.83 -1.58 25.14
N ASN C 72 -3.56 -1.19 26.39
CA ASN C 72 -2.28 -0.59 26.78
C ASN C 72 -1.35 -1.65 27.39
N VAL C 73 -0.90 -2.55 26.56
CA VAL C 73 -0.28 -3.79 27.01
C VAL C 73 1.16 -3.66 27.53
N ASN C 74 1.64 -4.67 28.27
CA ASN C 74 3.07 -4.85 28.53
C ASN C 74 3.77 -5.11 27.19
N ALA C 75 4.30 -4.03 26.64
CA ALA C 75 5.02 -4.07 25.37
C ALA C 75 6.13 -5.11 25.38
N ALA C 76 6.95 -5.09 26.42
CA ALA C 76 8.15 -5.94 26.48
C ALA C 76 7.85 -7.42 26.33
N MET C 77 6.63 -7.79 26.75
CA MET C 77 6.19 -9.18 26.86
C MET C 77 6.01 -9.78 25.50
N VAL C 78 5.24 -9.06 24.68
CA VAL C 78 4.93 -9.47 23.33
C VAL C 78 6.17 -10.01 22.62
N PHE C 79 7.23 -9.20 22.50
CA PHE C 79 8.49 -9.64 21.82
C PHE C 79 9.16 -10.88 22.42
N GLU C 80 9.06 -10.97 23.75
CA GLU C 80 9.59 -12.08 24.54
C GLU C 80 8.82 -13.33 24.24
N PHE C 81 7.49 -13.21 24.32
CA PHE C 81 6.59 -14.24 23.85
C PHE C 81 6.95 -14.72 22.42
N LEU C 82 7.07 -13.74 21.52
CA LEU C 82 7.22 -14.02 20.10
C LEU C 82 8.52 -14.77 19.83
N TYR C 83 9.65 -14.35 20.44
CA TYR C 83 10.93 -15.07 20.22
C TYR C 83 10.89 -16.55 20.66
N LYS C 84 10.06 -16.85 21.66
CA LYS C 84 9.91 -18.22 22.19
C LYS C 84 9.04 -19.08 21.24
N MET C 85 7.91 -18.53 20.77
CA MET C 85 7.12 -19.18 19.70
C MET C 85 8.03 -19.65 18.55
N CYS C 86 8.82 -18.72 18.00
CA CYS C 86 9.94 -19.07 17.09
C CYS C 86 10.99 -20.09 17.63
N ASP C 87 11.30 -20.05 18.93
CA ASP C 87 12.09 -21.11 19.60
C ASP C 87 11.39 -22.48 19.57
N VAL C 88 10.05 -22.45 19.74
CA VAL C 88 9.20 -23.63 19.73
C VAL C 88 9.08 -24.22 18.30
N MET C 89 8.59 -23.39 17.38
CA MET C 89 8.37 -23.81 16.00
C MET C 89 9.63 -24.45 15.43
N ALA C 90 10.74 -23.70 15.44
CA ALA C 90 12.03 -24.18 14.89
C ALA C 90 12.53 -25.49 15.49
N ALA C 91 12.10 -25.83 16.70
CA ALA C 91 12.44 -27.11 17.37
C ALA C 91 11.48 -28.25 17.03
N TYR C 92 10.39 -27.93 16.33
CA TYR C 92 9.47 -28.92 15.77
C TYR C 92 9.72 -29.19 14.26
N PHE C 93 10.17 -28.18 13.51
CA PHE C 93 10.40 -28.32 12.07
C PHE C 93 11.52 -27.48 11.42
N GLY C 94 12.50 -27.04 12.22
CA GLY C 94 13.67 -26.31 11.70
C GLY C 94 13.35 -24.95 11.13
N LYS C 95 13.97 -24.65 9.99
CA LYS C 95 13.84 -23.32 9.38
C LYS C 95 12.38 -22.77 9.39
N ILE C 96 12.22 -21.51 9.82
CA ILE C 96 10.91 -20.83 9.96
C ILE C 96 10.57 -20.05 8.67
N SER C 97 10.10 -20.81 7.67
CA SER C 97 9.94 -20.35 6.28
C SER C 97 8.54 -20.63 5.75
N GLU C 98 8.15 -19.86 4.73
CA GLU C 98 6.81 -19.93 4.11
C GLU C 98 6.40 -21.38 3.81
N GLU C 99 7.35 -22.17 3.28
CA GLU C 99 7.15 -23.61 3.01
C GLU C 99 6.90 -24.37 4.32
N ASN C 100 7.86 -24.36 5.26
CA ASN C 100 7.70 -25.10 6.54
C ASN C 100 6.45 -24.69 7.34
N ILE C 101 6.12 -23.39 7.32
CA ILE C 101 4.85 -22.94 7.91
C ILE C 101 3.71 -23.70 7.24
N LYS C 102 3.71 -23.64 5.90
CA LYS C 102 2.70 -24.27 5.03
C LYS C 102 2.53 -25.77 5.21
N ASN C 103 3.65 -26.48 5.36
CA ASN C 103 3.62 -27.91 5.63
C ASN C 103 2.92 -28.23 7.00
N ASN C 104 3.05 -27.33 7.98
CA ASN C 104 2.66 -27.61 9.36
C ASN C 104 1.52 -26.73 9.89
N PHE C 105 0.45 -26.58 9.11
CA PHE C 105 -0.73 -25.86 9.58
C PHE C 105 -1.41 -26.49 10.81
N VAL C 106 -1.56 -27.80 10.78
CA VAL C 106 -2.25 -28.53 11.88
C VAL C 106 -1.49 -28.31 13.19
N LEU C 107 -0.18 -28.60 13.14
CA LEU C 107 0.75 -28.41 14.26
C LEU C 107 0.70 -26.99 14.83
N ILE C 108 0.78 -25.97 13.97
CA ILE C 108 0.89 -24.57 14.41
C ILE C 108 -0.37 -24.07 15.08
N TYR C 109 -1.53 -24.33 14.51
CA TYR C 109 -2.77 -24.10 15.25
C TYR C 109 -2.64 -24.67 16.65
N GLU C 110 -2.14 -25.90 16.77
CA GLU C 110 -1.98 -26.56 18.08
C GLU C 110 -1.01 -25.89 19.09
N LEU C 111 0.19 -25.50 18.65
CA LEU C 111 1.09 -24.69 19.48
C LEU C 111 0.35 -23.44 19.96
N LEU C 112 -0.42 -22.80 19.07
CA LEU C 112 -1.11 -21.54 19.40
C LEU C 112 -2.16 -21.61 20.51
N ASP C 113 -3.07 -22.60 20.47
CA ASP C 113 -4.09 -22.75 21.52
C ASP C 113 -3.43 -22.93 22.90
N GLU C 114 -2.25 -23.57 22.85
CA GLU C 114 -1.44 -24.00 23.99
C GLU C 114 -0.48 -22.94 24.57
N ILE C 115 0.21 -22.26 23.67
CA ILE C 115 1.22 -21.27 23.99
C ILE C 115 0.57 -19.97 24.48
N LEU C 116 -0.76 -19.82 24.29
CA LEU C 116 -1.47 -18.52 24.38
C LEU C 116 -3.00 -18.67 24.59
N ASP C 117 -3.46 -18.40 25.82
CA ASP C 117 -4.89 -18.53 26.14
C ASP C 117 -5.50 -17.13 26.24
N PHE C 118 -6.49 -16.86 25.39
CA PHE C 118 -7.17 -15.58 25.33
C PHE C 118 -6.14 -14.43 25.23
N GLY C 119 -4.99 -14.71 24.60
CA GLY C 119 -3.88 -13.76 24.56
C GLY C 119 -2.83 -13.73 25.69
N TYR C 120 -3.00 -14.49 26.79
CA TYR C 120 -2.02 -14.48 27.92
C TYR C 120 -0.82 -15.48 27.77
N PRO C 121 0.41 -14.98 27.53
CA PRO C 121 1.63 -15.81 27.36
C PRO C 121 1.87 -16.87 28.43
N GLN C 122 1.78 -18.15 28.03
CA GLN C 122 1.87 -19.31 28.94
C GLN C 122 3.07 -20.23 28.70
N ASN C 123 3.30 -21.11 29.67
CA ASN C 123 4.44 -22.01 29.70
C ASN C 123 4.70 -22.58 28.32
N SER C 124 5.81 -22.16 27.72
CA SER C 124 6.09 -22.42 26.31
C SER C 124 7.58 -22.55 26.05
N GLU C 125 8.17 -23.54 26.72
CA GLU C 125 9.49 -24.06 26.41
C GLU C 125 9.26 -25.54 26.04
N THR C 126 10.02 -26.05 25.06
CA THR C 126 9.70 -27.31 24.31
C THR C 126 9.21 -28.53 25.11
N GLY C 127 9.95 -28.87 26.17
CA GLY C 127 9.84 -30.15 26.89
C GLY C 127 8.53 -30.37 27.61
N ALA C 128 8.06 -29.30 28.26
CA ALA C 128 6.72 -29.22 28.88
C ALA C 128 5.60 -29.60 27.90
N LEU C 129 5.78 -29.23 26.63
CA LEU C 129 4.74 -29.28 25.60
C LEU C 129 4.61 -30.62 24.88
N LYS C 130 5.61 -31.49 25.01
CA LYS C 130 5.55 -32.87 24.51
C LYS C 130 4.32 -33.67 25.01
N THR C 131 3.85 -33.35 26.22
CA THR C 131 2.57 -33.87 26.78
C THR C 131 1.33 -33.29 26.07
N PHE C 132 1.25 -31.96 26.00
CA PHE C 132 0.01 -31.27 25.58
C PHE C 132 -0.17 -31.25 24.05
N ILE C 133 0.92 -31.56 23.32
CA ILE C 133 0.97 -31.55 21.85
C ILE C 133 1.06 -32.95 21.22
N THR C 134 0.10 -33.22 20.33
CA THR C 134 -0.13 -34.51 19.70
C THR C 134 0.60 -34.69 18.37
N GLN C 135 0.79 -33.59 17.63
CA GLN C 135 1.40 -33.63 16.30
C GLN C 135 2.93 -33.59 16.28
N GLN C 136 3.50 -34.10 15.18
CA GLN C 136 4.91 -33.88 14.87
C GLN C 136 5.07 -32.97 13.68
N GLY C 137 6.25 -32.38 13.57
CA GLY C 137 6.51 -31.30 12.60
C GLY C 137 7.24 -31.84 11.41
N ILE C 138 6.73 -31.53 10.22
CA ILE C 138 7.23 -32.12 8.99
C ILE C 138 8.54 -31.41 8.57
N LYS C 139 9.67 -31.89 9.12
CA LYS C 139 10.99 -31.29 8.84
C LYS C 139 11.53 -31.71 7.47
N SER C 140 12.03 -30.73 6.73
CA SER C 140 12.48 -30.88 5.35
C SER C 140 13.83 -30.19 5.22
N GLN C 141 14.72 -30.73 4.39
CA GLN C 141 16.03 -30.11 4.08
C GLN C 141 16.53 -30.53 2.68
N ILE D 159 40.52 -14.76 -5.91
CA ILE D 159 40.61 -13.41 -6.59
C ILE D 159 40.75 -13.58 -8.11
N GLY D 160 41.58 -12.79 -8.78
CA GLY D 160 41.63 -12.82 -10.22
C GLY D 160 40.86 -11.65 -10.81
N TRP D 161 40.09 -10.97 -9.96
CA TRP D 161 39.54 -9.62 -10.28
C TRP D 161 40.23 -8.50 -9.46
N ARG D 162 41.07 -8.88 -8.48
CA ARG D 162 41.83 -7.91 -7.68
C ARG D 162 43.32 -8.29 -7.48
N ARG D 163 44.21 -7.59 -8.17
CA ARG D 163 45.63 -7.95 -8.16
C ARG D 163 46.35 -7.48 -6.89
N GLU D 164 47.52 -8.05 -6.67
CA GLU D 164 48.22 -7.95 -5.39
C GLU D 164 48.88 -6.60 -5.10
N GLY D 165 49.02 -6.28 -3.81
CA GLY D 165 49.80 -5.13 -3.37
C GLY D 165 49.35 -3.77 -3.85
N ILE D 166 48.05 -3.54 -3.83
CA ILE D 166 47.53 -2.22 -4.14
C ILE D 166 47.77 -1.35 -2.94
N LYS D 167 48.07 -0.08 -3.16
CA LYS D 167 48.15 0.87 -2.05
C LYS D 167 47.68 2.32 -2.34
N TYR D 168 47.01 2.94 -1.36
CA TYR D 168 46.68 4.36 -1.44
C TYR D 168 46.85 5.07 -0.10
N ARG D 169 47.41 6.28 -0.14
CA ARG D 169 47.51 7.08 1.05
C ARG D 169 46.16 7.14 1.68
N ARG D 170 45.11 7.32 0.89
CA ARG D 170 43.83 7.74 1.44
C ARG D 170 42.82 6.70 0.96
N ASN D 171 42.33 5.86 1.87
CA ASN D 171 41.46 4.72 1.51
C ASN D 171 40.02 5.19 1.43
N GLU D 172 39.47 5.30 0.22
CA GLU D 172 38.09 5.79 0.05
C GLU D 172 37.19 4.73 -0.54
N LEU D 173 35.89 4.91 -0.39
CA LEU D 173 34.94 4.22 -1.28
C LEU D 173 33.67 5.04 -1.50
N PHE D 174 33.08 4.86 -2.69
CA PHE D 174 31.88 5.58 -3.10
C PHE D 174 30.85 4.54 -3.47
N LEU D 175 29.61 4.78 -3.04
CA LEU D 175 28.46 4.04 -3.49
C LEU D 175 27.43 4.95 -4.19
N ASP D 176 27.08 4.62 -5.42
CA ASP D 176 26.06 5.32 -6.15
C ASP D 176 24.93 4.37 -6.34
N VAL D 177 23.80 4.65 -5.72
CA VAL D 177 22.58 3.88 -5.99
C VAL D 177 21.89 4.57 -7.16
N LEU D 178 21.63 3.88 -8.24
CA LEU D 178 21.07 4.52 -9.44
C LEU D 178 19.86 3.74 -9.90
N GLU D 179 18.71 4.37 -9.84
CA GLU D 179 17.46 3.70 -10.05
C GLU D 179 16.70 4.41 -11.11
N SER D 180 16.00 3.65 -11.95
CA SER D 180 15.06 4.22 -12.91
C SER D 180 13.60 3.78 -12.61
N VAL D 181 12.66 4.70 -12.47
CA VAL D 181 11.29 4.30 -12.08
C VAL D 181 10.33 4.36 -13.23
N ASN D 182 9.56 3.32 -13.43
CA ASN D 182 8.61 3.32 -14.50
C ASN D 182 7.22 3.18 -13.99
N LEU D 183 6.28 3.85 -14.67
CA LEU D 183 4.85 3.82 -14.28
C LEU D 183 3.94 3.91 -15.50
N LEU D 184 2.90 3.08 -15.53
CA LEU D 184 1.65 3.43 -16.23
C LEU D 184 0.50 3.67 -15.24
N MET D 185 -0.25 4.75 -15.43
CA MET D 185 -1.33 5.09 -14.51
C MET D 185 -2.55 5.65 -15.22
N SER D 186 -3.71 5.26 -14.72
CA SER D 186 -4.99 5.77 -15.19
C SER D 186 -5.27 7.22 -14.77
N PRO D 187 -6.18 7.87 -15.49
CA PRO D 187 -6.52 9.23 -15.11
C PRO D 187 -7.15 9.29 -13.77
N GLN D 188 -7.55 8.17 -13.22
CA GLN D 188 -8.03 8.16 -11.85
C GLN D 188 -6.92 7.86 -10.85
N GLY D 189 -5.69 7.65 -11.31
CA GLY D 189 -4.58 7.36 -10.43
C GLY D 189 -4.39 5.92 -10.00
N GLN D 190 -4.97 4.96 -10.71
CA GLN D 190 -4.75 3.53 -10.42
C GLN D 190 -3.42 3.12 -11.04
N VAL D 191 -2.46 2.68 -10.22
CA VAL D 191 -1.19 2.11 -10.71
C VAL D 191 -1.52 0.91 -11.59
N LEU D 192 -1.42 1.02 -12.91
CA LEU D 192 -1.69 -0.13 -13.76
C LEU D 192 -0.49 -1.06 -13.86
N SER D 193 0.69 -0.49 -13.95
CA SER D 193 1.95 -1.22 -13.87
C SER D 193 2.97 -0.22 -13.36
N ALA D 194 4.05 -0.74 -12.79
CA ALA D 194 5.15 0.10 -12.30
C ALA D 194 6.29 -0.81 -12.00
N HIS D 195 7.50 -0.38 -12.37
CA HIS D 195 8.69 -1.10 -11.93
C HIS D 195 9.91 -0.20 -11.80
N VAL D 196 10.82 -0.59 -10.90
CA VAL D 196 12.17 0.04 -10.76
C VAL D 196 13.31 -0.85 -11.25
N SER D 197 14.19 -0.30 -12.09
CA SER D 197 15.44 -0.94 -12.45
C SER D 197 16.56 -0.22 -11.76
N GLY D 198 17.38 -0.97 -11.02
CA GLY D 198 18.48 -0.40 -10.28
C GLY D 198 19.83 -1.06 -10.39
N ARG D 199 20.83 -0.36 -9.87
CA ARG D 199 22.20 -0.87 -9.71
C ARG D 199 22.90 -0.02 -8.72
N VAL D 200 23.63 -0.66 -7.82
CA VAL D 200 24.58 0.00 -6.95
C VAL D 200 25.95 -0.02 -7.64
N VAL D 201 26.58 1.13 -7.81
CA VAL D 201 27.89 1.19 -8.40
C VAL D 201 28.81 1.56 -7.30
N MET D 202 29.84 0.75 -7.09
CA MET D 202 30.87 1.02 -6.09
C MET D 202 32.13 1.48 -6.79
N LYS D 203 32.72 2.58 -6.32
CA LYS D 203 34.02 3.10 -6.77
C LYS D 203 34.89 2.95 -5.53
N SER D 204 35.83 2.01 -5.54
CA SER D 204 36.66 1.64 -4.37
C SER D 204 38.16 1.88 -4.56
N TYR D 205 38.74 2.72 -3.71
CA TYR D 205 40.18 2.87 -3.65
C TYR D 205 40.66 2.53 -2.24
N LEU D 206 40.97 1.24 -2.07
CA LEU D 206 41.28 0.64 -0.76
C LEU D 206 42.58 -0.20 -0.83
N SER D 207 43.55 0.04 0.07
CA SER D 207 44.85 -0.67 -0.02
C SER D 207 44.59 -2.14 0.24
N GLY D 208 45.44 -3.01 -0.27
CA GLY D 208 45.41 -4.42 0.12
C GLY D 208 44.39 -5.28 -0.54
N MET D 209 43.87 -6.26 0.21
CA MET D 209 42.75 -7.08 -0.19
C MET D 209 41.68 -6.95 0.88
N PRO D 210 40.94 -5.84 0.88
CA PRO D 210 39.86 -5.63 1.86
C PRO D 210 38.70 -6.61 1.72
N GLU D 211 38.30 -7.17 2.86
CA GLU D 211 37.08 -7.95 2.98
C GLU D 211 35.99 -6.95 3.38
N CYS D 212 34.90 -6.91 2.61
CA CYS D 212 33.82 -5.93 2.76
C CYS D 212 32.52 -6.59 3.09
N LYS D 213 31.80 -6.02 4.04
CA LYS D 213 30.53 -6.55 4.52
C LYS D 213 29.54 -5.46 4.24
N PHE D 214 28.54 -5.74 3.41
CA PHE D 214 27.56 -4.71 2.98
C PHE D 214 26.18 -5.03 3.52
N GLY D 215 25.45 -4.00 3.95
CA GLY D 215 24.16 -4.18 4.62
C GLY D 215 23.14 -3.19 4.15
N MET D 216 21.94 -3.65 3.83
CA MET D 216 20.85 -2.76 3.38
C MET D 216 19.48 -3.20 3.95
N ASN D 217 18.43 -2.41 3.71
CA ASN D 217 17.09 -2.66 4.28
C ASN D 217 16.31 -3.79 3.62
N ASP D 218 15.06 -4.00 4.00
CA ASP D 218 14.27 -5.14 3.49
C ASP D 218 14.00 -5.15 1.98
N LYS D 219 14.15 -4.02 1.27
CA LYS D 219 13.45 -3.83 -0.02
C LYS D 219 13.71 -4.84 -1.15
N ILE D 220 14.95 -5.20 -1.38
CA ILE D 220 15.27 -6.12 -2.47
C ILE D 220 15.26 -7.52 -1.94
N VAL D 221 14.62 -8.42 -2.66
CA VAL D 221 14.67 -9.84 -2.34
C VAL D 221 15.60 -10.46 -3.38
N ILE D 222 16.25 -11.56 -2.97
CA ILE D 222 17.37 -12.15 -3.71
C ILE D 222 16.92 -13.38 -4.51
N SER D 251 8.30 -6.95 -21.72
CA SER D 251 7.13 -6.17 -21.36
C SER D 251 6.57 -6.36 -19.93
N ILE D 252 6.75 -7.54 -19.33
CA ILE D 252 6.35 -7.77 -17.92
C ILE D 252 7.58 -7.86 -17.03
N ALA D 253 7.72 -6.89 -16.12
CA ALA D 253 8.85 -6.76 -15.24
C ALA D 253 8.81 -7.86 -14.23
N ILE D 254 9.95 -8.49 -14.01
CA ILE D 254 10.08 -9.49 -12.95
C ILE D 254 11.08 -9.07 -11.87
N ASP D 255 10.71 -9.36 -10.64
CA ASP D 255 11.55 -9.07 -9.50
C ASP D 255 12.79 -9.93 -9.59
N ASP D 256 13.94 -9.28 -9.56
CA ASP D 256 15.23 -9.96 -9.79
C ASP D 256 16.40 -9.23 -9.09
N CYS D 257 17.49 -9.94 -8.88
CA CYS D 257 18.70 -9.37 -8.32
C CYS D 257 19.92 -10.11 -8.81
N THR D 258 20.92 -9.41 -9.32
CA THR D 258 22.12 -10.04 -9.82
C THR D 258 23.33 -9.34 -9.24
N PHE D 259 24.20 -10.13 -8.62
CA PHE D 259 25.41 -9.61 -8.02
C PHE D 259 26.62 -9.82 -8.90
N HIS D 260 27.66 -9.03 -8.63
CA HIS D 260 28.97 -9.15 -9.27
C HIS D 260 29.53 -10.50 -8.99
N GLN D 261 30.36 -10.95 -9.92
CA GLN D 261 31.09 -12.23 -9.78
C GLN D 261 31.77 -12.38 -8.38
N CYS D 262 32.07 -11.26 -7.72
CA CYS D 262 32.86 -11.22 -6.49
C CYS D 262 32.05 -11.42 -5.25
N VAL D 263 30.74 -11.47 -5.37
CA VAL D 263 29.88 -11.37 -4.20
C VAL D 263 29.58 -12.73 -3.65
N ARG D 264 29.73 -12.90 -2.32
CA ARG D 264 29.33 -14.12 -1.59
C ARG D 264 28.17 -13.89 -0.63
N LEU D 265 27.31 -14.90 -0.54
CA LEU D 265 25.96 -14.76 0.06
C LEU D 265 25.70 -15.48 1.43
N SER D 266 24.95 -14.81 2.30
CA SER D 266 24.56 -15.35 3.61
C SER D 266 23.34 -14.68 4.32
N ARG D 272 19.72 -10.05 5.69
CA ARG D 272 21.00 -9.71 6.29
C ARG D 272 22.01 -9.16 5.23
N SER D 273 23.13 -9.86 4.98
CA SER D 273 24.32 -9.21 4.43
C SER D 273 25.04 -9.95 3.29
N ILE D 274 25.75 -9.13 2.52
CA ILE D 274 26.49 -9.52 1.36
C ILE D 274 27.95 -9.28 1.69
N SER D 275 28.84 -10.16 1.25
CA SER D 275 30.27 -9.89 1.50
C SER D 275 31.19 -10.24 0.34
N PHE D 276 32.27 -9.46 0.19
CA PHE D 276 33.11 -9.54 -1.00
C PHE D 276 34.45 -8.88 -0.78
N ILE D 277 35.42 -9.25 -1.58
CA ILE D 277 36.60 -8.44 -1.78
C ILE D 277 36.40 -7.76 -3.13
N PRO D 278 36.32 -6.44 -3.12
CA PRO D 278 35.93 -5.81 -4.32
C PRO D 278 37.09 -5.67 -5.27
N PRO D 279 36.81 -5.59 -6.55
CA PRO D 279 37.72 -5.12 -7.52
C PRO D 279 38.09 -3.73 -7.18
N ASP D 280 39.20 -3.25 -7.71
CA ASP D 280 39.66 -1.91 -7.45
C ASP D 280 39.01 -0.91 -8.44
N GLY D 281 38.78 0.33 -7.98
CA GLY D 281 38.12 1.41 -8.79
C GLY D 281 36.63 1.19 -8.92
N GLU D 282 36.06 1.47 -10.09
CA GLU D 282 34.62 1.36 -10.29
C GLU D 282 34.15 -0.03 -10.74
N PHE D 283 33.07 -0.48 -10.13
CA PHE D 283 32.40 -1.67 -10.62
C PHE D 283 30.94 -1.68 -10.21
N GLU D 284 30.19 -2.60 -10.80
CA GLU D 284 28.80 -2.77 -10.47
C GLU D 284 28.65 -3.92 -9.47
N LEU D 285 28.39 -3.56 -8.23
CA LEU D 285 28.17 -4.51 -7.17
C LEU D 285 26.93 -5.31 -7.41
N MET D 286 25.83 -4.66 -7.73
CA MET D 286 24.59 -5.35 -8.07
C MET D 286 23.66 -4.64 -9.03
N ARG D 287 22.83 -5.43 -9.68
CA ARG D 287 21.82 -4.99 -10.64
C ARG D 287 20.54 -5.55 -10.06
N TYR D 288 19.44 -4.80 -10.15
CA TYR D 288 18.14 -5.31 -9.66
C TYR D 288 16.90 -4.70 -10.30
N ARG D 289 15.81 -5.39 -10.10
CA ARG D 289 14.54 -4.91 -10.53
C ARG D 289 13.48 -5.26 -9.49
N THR D 290 12.67 -4.29 -9.11
CA THR D 290 11.59 -4.53 -8.17
C THR D 290 10.23 -4.04 -8.72
N THR D 291 9.13 -4.66 -8.28
CA THR D 291 7.79 -4.31 -8.78
C THR D 291 6.78 -3.93 -7.72
N LYS D 292 7.20 -3.93 -6.47
CA LYS D 292 6.29 -3.85 -5.34
C LYS D 292 6.72 -2.64 -4.54
N ASP D 293 5.74 -2.01 -3.91
CA ASP D 293 5.99 -0.99 -2.93
C ASP D 293 6.95 0.10 -3.42
N ILE D 294 6.78 0.47 -4.67
CA ILE D 294 7.58 1.52 -5.27
C ILE D 294 7.06 2.87 -4.78
N ILE D 295 7.95 3.83 -4.61
CA ILE D 295 7.59 5.16 -4.23
C ILE D 295 7.53 5.90 -5.51
N LEU D 296 6.33 6.33 -5.90
CA LEU D 296 6.10 7.15 -7.09
C LEU D 296 6.35 8.63 -6.81
N PRO D 297 7.47 9.17 -7.26
CA PRO D 297 7.82 10.55 -6.98
C PRO D 297 6.77 11.62 -7.38
N PHE D 298 6.01 11.38 -8.43
CA PHE D 298 4.95 12.30 -8.83
C PHE D 298 3.64 11.62 -9.13
N ARG D 299 2.58 12.32 -8.76
CA ARG D 299 1.23 12.02 -9.23
C ARG D 299 0.82 13.00 -10.31
N VAL D 300 0.40 12.51 -11.47
CA VAL D 300 -0.05 13.39 -12.57
C VAL D 300 -1.57 13.25 -12.66
N ILE D 301 -2.27 14.38 -12.59
CA ILE D 301 -3.74 14.36 -12.54
C ILE D 301 -4.23 15.13 -13.73
N PRO D 302 -4.73 14.45 -14.78
CA PRO D 302 -5.14 15.14 -16.00
C PRO D 302 -6.62 15.47 -16.02
N LEU D 303 -6.96 16.64 -16.56
CA LEU D 303 -8.33 17.08 -16.69
C LEU D 303 -8.56 17.58 -18.10
N VAL D 304 -9.22 16.75 -18.90
CA VAL D 304 -9.26 16.95 -20.33
C VAL D 304 -10.68 17.05 -20.71
N ARG D 305 -11.02 17.92 -21.64
CA ARG D 305 -12.42 18.26 -21.83
C ARG D 305 -12.66 18.63 -23.26
N GLU D 306 -13.21 17.70 -24.05
CA GLU D 306 -13.44 17.88 -25.48
C GLU D 306 -14.71 18.72 -25.71
N VAL D 307 -14.57 20.03 -25.92
CA VAL D 307 -15.74 20.90 -26.21
C VAL D 307 -16.23 20.79 -27.71
N GLY D 308 -17.09 19.81 -27.94
CA GLY D 308 -17.50 19.48 -29.28
C GLY D 308 -16.37 18.84 -30.07
N ARG D 309 -15.98 19.46 -31.19
CA ARG D 309 -14.93 18.94 -32.08
C ARG D 309 -13.94 19.99 -32.53
N THR D 310 -14.02 21.14 -31.88
CA THR D 310 -13.37 22.38 -32.30
C THR D 310 -12.45 22.99 -31.20
N LYS D 311 -12.80 22.84 -29.92
CA LYS D 311 -11.92 23.21 -28.79
C LYS D 311 -11.70 21.99 -27.89
N LEU D 312 -10.48 21.88 -27.37
CA LEU D 312 -10.10 20.92 -26.35
C LEU D 312 -9.50 21.68 -25.19
N GLU D 313 -9.99 21.46 -23.98
CA GLU D 313 -9.44 22.11 -22.78
C GLU D 313 -8.67 21.09 -21.97
N VAL D 314 -7.42 21.43 -21.64
CA VAL D 314 -6.50 20.54 -20.95
C VAL D 314 -5.94 21.23 -19.74
N LYS D 315 -6.21 20.66 -18.57
CA LYS D 315 -5.50 21.00 -17.34
C LYS D 315 -4.80 19.77 -16.76
N VAL D 316 -3.61 19.96 -16.23
CA VAL D 316 -2.77 18.89 -15.73
C VAL D 316 -2.13 19.45 -14.49
N VAL D 317 -2.28 18.72 -13.40
CA VAL D 317 -1.68 19.05 -12.14
C VAL D 317 -0.75 17.93 -11.73
N ILE D 318 0.41 18.31 -11.24
CA ILE D 318 1.41 17.39 -10.80
C ILE D 318 1.65 17.65 -9.31
N LYS D 319 1.75 16.57 -8.55
CA LYS D 319 2.02 16.61 -7.14
C LYS D 319 3.32 15.92 -6.85
N SER D 320 4.26 16.59 -6.20
CA SER D 320 5.50 15.95 -5.76
C SER D 320 5.14 15.24 -4.50
N ASN D 321 5.35 13.94 -4.47
N ASN D 321 5.23 13.92 -4.45
CA ASN D 321 4.92 13.07 -3.38
CA ASN D 321 4.82 13.20 -3.24
C ASN D 321 6.09 12.53 -2.55
C ASN D 321 6.03 12.56 -2.52
N PHE D 322 6.88 13.44 -1.96
CA PHE D 322 8.04 13.06 -1.11
C PHE D 322 8.42 14.10 -0.02
N LYS D 323 9.28 13.74 0.94
CA LYS D 323 9.77 14.66 2.01
C LYS D 323 10.01 16.08 1.51
N PRO D 324 9.48 17.10 2.22
CA PRO D 324 9.62 18.50 1.77
C PRO D 324 11.03 19.00 1.74
N SER D 325 11.89 18.43 2.58
CA SER D 325 13.32 18.79 2.62
C SER D 325 14.16 18.41 1.37
N LEU D 326 13.56 17.61 0.48
CA LEU D 326 14.20 17.12 -0.72
C LEU D 326 13.62 17.74 -1.94
N LEU D 327 14.43 17.81 -2.99
CA LEU D 327 14.11 18.56 -4.17
C LEU D 327 14.32 17.74 -5.43
N ALA D 328 13.35 17.82 -6.35
CA ALA D 328 13.43 17.10 -7.59
C ALA D 328 13.78 18.05 -8.65
N GLN D 329 14.55 17.62 -9.65
CA GLN D 329 15.04 18.51 -10.69
C GLN D 329 14.81 17.99 -12.05
N LYS D 330 15.09 18.84 -13.03
CA LYS D 330 14.92 18.50 -14.43
C LYS D 330 13.57 17.90 -14.72
N ILE D 331 12.53 18.55 -14.17
CA ILE D 331 11.17 18.13 -14.33
C ILE D 331 10.77 18.47 -15.73
N GLU D 332 10.12 17.55 -16.43
CA GLU D 332 9.41 17.88 -17.66
C GLU D 332 8.10 17.19 -17.65
N VAL D 333 7.04 17.92 -17.99
CA VAL D 333 5.78 17.29 -18.30
C VAL D 333 5.53 17.47 -19.81
N ARG D 334 5.17 16.40 -20.49
CA ARG D 334 4.98 16.41 -21.93
C ARG D 334 3.51 15.96 -22.26
N ILE D 335 2.69 16.91 -22.67
CA ILE D 335 1.23 16.73 -22.80
C ILE D 335 0.96 16.68 -24.28
N PRO D 336 0.58 15.52 -24.81
CA PRO D 336 0.52 15.47 -26.25
C PRO D 336 -0.77 16.07 -26.79
N THR D 337 -0.69 16.67 -27.98
CA THR D 337 -1.83 17.28 -28.64
C THR D 337 -2.25 16.49 -29.88
N PRO D 338 -3.55 16.57 -30.27
CA PRO D 338 -3.97 15.85 -31.50
C PRO D 338 -3.38 16.48 -32.73
N LEU D 339 -3.32 15.71 -33.79
CA LEU D 339 -2.69 16.14 -35.05
C LEU D 339 -3.38 17.33 -35.69
N ASN D 340 -4.72 17.33 -35.64
CA ASN D 340 -5.52 18.39 -36.24
C ASN D 340 -5.59 19.66 -35.36
N THR D 341 -4.46 20.04 -34.76
CA THR D 341 -4.43 21.18 -33.86
C THR D 341 -4.22 22.47 -34.65
N SER D 342 -5.24 23.29 -34.72
CA SER D 342 -5.10 24.62 -35.30
C SER D 342 -4.07 25.41 -34.49
N GLY D 343 -4.32 25.72 -33.21
CA GLY D 343 -3.36 26.49 -32.34
C GLY D 343 -3.51 26.20 -30.85
N VAL D 344 -2.72 26.87 -29.99
CA VAL D 344 -2.71 26.60 -28.54
C VAL D 344 -2.29 27.78 -27.68
N GLN D 345 -3.02 28.08 -26.62
CA GLN D 345 -2.58 29.07 -25.61
C GLN D 345 -2.44 28.38 -24.24
N VAL D 346 -1.32 28.65 -23.55
CA VAL D 346 -0.96 27.91 -22.33
C VAL D 346 -0.60 28.84 -21.23
N ILE D 347 -1.15 28.64 -20.05
CA ILE D 347 -0.76 29.44 -18.89
C ILE D 347 -0.23 28.46 -17.83
N CYS D 348 0.84 28.84 -17.16
CA CYS D 348 1.38 28.08 -16.03
C CYS D 348 2.06 28.99 -15.01
N MET D 349 1.79 28.79 -13.74
CA MET D 349 2.30 29.70 -12.72
C MET D 349 3.68 29.29 -12.26
N LYS D 350 4.01 28.02 -12.31
CA LYS D 350 5.35 27.55 -11.94
C LYS D 350 6.09 27.00 -13.16
N GLY D 351 7.37 27.33 -13.27
CA GLY D 351 8.17 26.94 -14.44
C GLY D 351 7.80 27.67 -15.71
N LYS D 352 7.87 26.98 -16.84
CA LYS D 352 7.54 27.56 -18.12
C LYS D 352 7.24 26.47 -19.10
N ALA D 353 6.49 26.78 -20.14
CA ALA D 353 5.98 25.73 -21.00
C ALA D 353 5.71 26.26 -22.34
N LYS D 354 5.55 25.36 -23.32
CA LYS D 354 5.26 25.76 -24.68
C LYS D 354 4.91 24.63 -25.68
N TYR D 355 4.16 24.99 -26.71
CA TYR D 355 3.65 24.01 -27.65
C TYR D 355 4.64 23.82 -28.77
N LYS D 356 5.00 22.57 -29.07
CA LYS D 356 5.90 22.23 -30.17
C LYS D 356 5.15 21.34 -31.16
N ALA D 357 4.80 21.90 -32.33
CA ALA D 357 3.96 21.23 -33.32
C ALA D 357 4.60 20.06 -34.09
N SER D 358 5.91 20.10 -34.35
CA SER D 358 6.56 18.93 -35.00
C SER D 358 6.40 17.65 -34.16
N GLU D 359 6.35 17.85 -32.83
CA GLU D 359 6.24 16.77 -31.87
C GLU D 359 4.81 16.58 -31.34
N ASN D 360 3.84 17.35 -31.84
CA ASN D 360 2.48 17.37 -31.28
C ASN D 360 2.49 17.26 -29.77
N ALA D 361 3.01 18.30 -29.10
CA ALA D 361 3.17 18.26 -27.67
C ALA D 361 3.31 19.61 -27.01
N ILE D 362 2.64 19.76 -25.88
CA ILE D 362 2.95 20.80 -24.93
C ILE D 362 4.05 20.23 -24.02
N VAL D 363 5.10 20.99 -23.81
CA VAL D 363 6.26 20.59 -23.02
C VAL D 363 6.41 21.62 -21.91
N TRP D 364 6.39 21.20 -20.66
CA TRP D 364 6.33 22.10 -19.50
C TRP D 364 7.59 21.78 -18.72
N LYS D 365 8.32 22.79 -18.21
CA LYS D 365 9.58 22.52 -17.51
C LYS D 365 9.66 23.20 -16.20
N ILE D 366 10.20 22.48 -15.24
CA ILE D 366 10.39 23.03 -13.93
C ILE D 366 11.79 22.70 -13.43
N LYS D 367 12.56 23.73 -13.12
CA LYS D 367 13.97 23.57 -12.83
C LYS D 367 14.08 22.82 -11.54
N ARG D 368 13.14 23.03 -10.65
CA ARG D 368 13.26 22.55 -9.29
C ARG D 368 11.90 22.52 -8.66
N MET D 369 11.66 21.57 -7.76
CA MET D 369 10.40 21.45 -7.04
C MET D 369 10.53 20.57 -5.82
N ALA D 370 10.03 21.05 -4.69
CA ALA D 370 10.23 20.35 -3.44
C ALA D 370 9.11 19.39 -3.27
N GLY D 371 9.26 18.58 -2.25
CA GLY D 371 8.29 17.57 -1.97
C GLY D 371 7.09 18.21 -1.38
N MET D 372 5.94 17.56 -1.50
CA MET D 372 4.70 18.01 -0.93
C MET D 372 4.26 19.38 -1.45
N LYS D 373 4.56 19.66 -2.70
CA LYS D 373 3.98 20.79 -3.39
C LYS D 373 3.05 20.37 -4.55
N GLU D 374 2.47 21.35 -5.24
CA GLU D 374 1.47 21.06 -6.26
C GLU D 374 1.63 22.08 -7.35
N SER D 375 1.39 21.74 -8.59
CA SER D 375 1.54 22.74 -9.66
C SER D 375 0.54 22.45 -10.74
N GLN D 376 0.17 23.49 -11.50
CA GLN D 376 -0.88 23.41 -12.53
C GLN D 376 -0.47 24.06 -13.84
N ILE D 377 -1.04 23.55 -14.89
CA ILE D 377 -0.89 24.15 -16.19
C ILE D 377 -2.29 24.08 -16.83
N SER D 378 -2.66 25.09 -17.60
CA SER D 378 -3.91 25.03 -18.39
C SER D 378 -3.65 25.35 -19.83
N ALA D 379 -4.45 24.76 -20.70
CA ALA D 379 -4.21 24.84 -22.11
C ALA D 379 -5.51 24.83 -22.87
N GLU D 380 -5.66 25.82 -23.72
CA GLU D 380 -6.78 25.85 -24.60
C GLU D 380 -6.26 25.57 -25.99
N ILE D 381 -6.64 24.41 -26.51
CA ILE D 381 -6.17 23.90 -27.79
C ILE D 381 -7.32 24.04 -28.78
N GLU D 382 -7.04 24.62 -29.96
CA GLU D 382 -8.02 24.84 -31.03
C GLU D 382 -7.92 23.75 -32.13
N LEU D 383 -9.02 23.30 -32.69
CA LEU D 383 -9.02 22.11 -33.57
C LEU D 383 -9.60 22.34 -34.96
N LEU D 384 -8.86 22.08 -36.02
CA LEU D 384 -9.41 22.10 -37.40
C LEU D 384 -10.09 20.76 -37.68
N PRO D 385 -11.43 20.72 -37.77
CA PRO D 385 -12.04 19.39 -37.83
C PRO D 385 -12.02 18.69 -39.19
N THR D 386 -10.95 17.93 -39.44
CA THR D 386 -11.04 16.73 -40.28
C THR D 386 -11.85 15.74 -39.48
N ASN D 387 -11.69 14.44 -39.72
CA ASN D 387 -12.27 13.40 -38.86
C ASN D 387 -13.80 13.64 -38.73
N ASP D 388 -14.66 13.15 -39.64
CA ASP D 388 -14.36 12.19 -40.71
C ASP D 388 -13.82 10.87 -40.13
N LYS D 389 -14.64 10.24 -39.27
CA LYS D 389 -14.34 8.95 -38.58
C LYS D 389 -13.30 9.08 -37.46
N LYS D 390 -13.41 8.20 -36.47
CA LYS D 390 -12.37 7.99 -35.45
C LYS D 390 -12.14 9.21 -34.54
N LYS D 391 -12.81 9.22 -33.40
CA LYS D 391 -12.39 9.95 -32.19
C LYS D 391 -10.85 9.95 -32.03
N TRP D 392 -10.32 11.04 -31.47
CA TRP D 392 -8.87 11.11 -31.20
C TRP D 392 -8.38 10.02 -30.21
N ALA D 393 -7.65 9.03 -30.75
CA ALA D 393 -6.98 8.00 -29.94
C ALA D 393 -5.80 8.65 -29.19
N ARG D 394 -5.95 8.76 -27.86
CA ARG D 394 -5.22 9.73 -27.03
C ARG D 394 -3.96 9.13 -26.43
N PRO D 395 -2.75 9.57 -26.86
CA PRO D 395 -1.52 9.02 -26.26
C PRO D 395 -1.33 9.57 -24.85
N PRO D 396 -0.53 8.88 -24.00
CA PRO D 396 -0.41 9.33 -22.60
C PRO D 396 0.49 10.54 -22.33
N ILE D 397 0.31 11.14 -21.16
CA ILE D 397 1.17 12.21 -20.64
C ILE D 397 2.35 11.54 -19.97
N SER D 398 3.53 12.07 -20.24
CA SER D 398 4.78 11.50 -19.74
C SER D 398 5.59 12.56 -19.02
N MET D 399 6.41 12.11 -18.08
CA MET D 399 7.23 13.01 -17.27
C MET D 399 8.70 12.61 -17.34
N ASN D 400 9.59 13.56 -17.18
CA ASN D 400 10.96 13.27 -16.76
C ASN D 400 11.27 14.06 -15.53
N PHE D 401 12.13 13.48 -14.70
CA PHE D 401 12.52 14.10 -13.46
C PHE D 401 13.73 13.37 -12.91
N GLU D 402 14.25 13.89 -11.83
CA GLU D 402 15.31 13.24 -11.13
C GLU D 402 15.17 13.54 -9.68
N VAL D 403 15.41 12.53 -8.84
CA VAL D 403 15.31 12.70 -7.42
C VAL D 403 16.44 12.10 -6.62
N PRO D 404 16.72 12.70 -5.48
CA PRO D 404 17.83 12.28 -4.66
C PRO D 404 17.51 11.10 -3.75
N PHE D 405 16.68 10.18 -4.22
CA PHE D 405 16.38 8.97 -3.47
C PHE D 405 16.04 7.84 -4.42
N ALA D 406 15.97 6.65 -3.87
CA ALA D 406 15.67 5.45 -4.62
C ALA D 406 14.18 5.22 -4.61
N PRO D 407 13.48 5.49 -5.70
CA PRO D 407 12.09 5.11 -5.76
C PRO D 407 11.74 3.66 -5.37
N SER D 408 12.67 2.72 -5.37
CA SER D 408 12.37 1.40 -4.79
C SER D 408 12.32 1.35 -3.26
N GLY D 409 12.83 2.37 -2.61
CA GLY D 409 12.97 2.35 -1.15
C GLY D 409 14.32 1.81 -0.65
N LEU D 410 15.19 1.31 -1.53
CA LEU D 410 16.49 0.80 -1.10
C LEU D 410 17.23 1.81 -0.23
N LYS D 411 17.70 1.34 0.92
CA LYS D 411 18.55 2.16 1.80
C LYS D 411 19.79 1.36 2.16
N VAL D 412 20.95 1.99 1.96
CA VAL D 412 22.21 1.45 2.43
C VAL D 412 22.34 1.67 3.94
N ARG D 413 22.66 0.64 4.70
CA ARG D 413 22.80 0.76 6.18
C ARG D 413 24.21 0.69 6.73
N TYR D 414 25.02 -0.21 6.17
CA TYR D 414 26.44 -0.32 6.48
C TYR D 414 27.29 -0.83 5.31
N LEU D 415 28.53 -0.43 5.34
CA LEU D 415 29.53 -1.03 4.49
C LEU D 415 30.83 -1.03 5.27
N LYS D 416 31.26 -2.20 5.79
CA LYS D 416 32.40 -2.32 6.70
C LYS D 416 33.50 -2.96 5.98
N VAL D 417 34.69 -2.36 6.14
CA VAL D 417 35.92 -2.76 5.46
C VAL D 417 36.86 -3.38 6.47
N PHE D 418 37.36 -4.58 6.20
CA PHE D 418 38.31 -5.25 7.10
C PHE D 418 39.51 -5.74 6.31
N GLU D 419 40.61 -5.02 6.41
CA GLU D 419 41.82 -5.44 5.73
C GLU D 419 42.73 -6.16 6.74
N PRO D 420 43.14 -7.43 6.46
CA PRO D 420 43.82 -8.22 7.50
C PRO D 420 45.34 -7.89 7.67
N LYS D 421 46.12 -8.20 6.63
CA LYS D 421 47.52 -7.78 6.52
C LYS D 421 47.81 -6.28 6.78
N LEU D 422 47.13 -5.36 6.12
CA LEU D 422 47.56 -3.94 6.12
C LEU D 422 47.26 -3.14 7.42
N ASN D 423 47.55 -1.83 7.39
N ASN D 423 47.58 -1.84 7.44
CA ASN D 423 47.61 -0.93 8.55
CA ASN D 423 47.53 -1.01 8.66
C ASN D 423 46.32 -0.25 9.01
C ASN D 423 46.22 -0.37 9.05
N TYR D 424 45.45 0.04 8.07
CA TYR D 424 44.21 0.82 8.30
C TYR D 424 43.04 -0.05 8.74
N SER D 425 42.05 0.60 9.35
CA SER D 425 40.78 -0.09 9.66
C SER D 425 39.55 0.66 9.15
N ASP D 426 38.42 -0.02 9.20
CA ASP D 426 37.15 0.55 8.75
C ASP D 426 36.91 2.00 9.19
N HIS D 427 37.44 2.36 10.37
CA HIS D 427 37.38 3.75 10.91
C HIS D 427 38.21 4.71 10.05
N ASP D 428 39.25 4.19 9.39
CA ASP D 428 40.09 4.99 8.50
C ASP D 428 39.56 5.24 7.07
N VAL D 429 38.40 4.65 6.71
CA VAL D 429 37.94 4.66 5.35
C VAL D 429 36.89 5.69 5.19
N ILE D 430 37.13 6.61 4.26
CA ILE D 430 36.14 7.64 3.90
C ILE D 430 35.06 7.10 2.89
N LYS D 431 33.82 7.52 3.13
CA LYS D 431 32.65 6.90 2.52
C LYS D 431 31.57 7.90 2.15
N TRP D 432 31.18 7.89 0.88
CA TRP D 432 30.10 8.75 0.33
C TRP D 432 29.02 7.83 -0.16
N VAL D 433 27.77 8.20 0.03
CA VAL D 433 26.68 7.53 -0.66
C VAL D 433 25.92 8.57 -1.47
N ARG D 434 25.47 8.19 -2.64
CA ARG D 434 24.60 9.06 -3.39
C ARG D 434 23.39 8.23 -3.83
N TYR D 435 22.24 8.87 -3.86
CA TYR D 435 21.06 8.28 -4.44
C TYR D 435 20.65 9.15 -5.62
N ILE D 436 20.54 8.56 -6.81
CA ILE D 436 19.90 9.24 -7.93
C ILE D 436 18.77 8.36 -8.48
N GLY D 437 17.56 8.89 -8.34
CA GLY D 437 16.36 8.31 -8.93
C GLY D 437 15.98 9.07 -10.18
N ARG D 438 15.97 8.38 -11.32
CA ARG D 438 15.62 8.98 -12.59
C ARG D 438 14.29 8.39 -13.06
N SER D 439 13.58 9.17 -13.84
CA SER D 439 12.37 8.67 -14.49
C SER D 439 12.78 7.70 -15.64
N GLY D 440 11.98 6.68 -15.91
CA GLY D 440 12.12 5.86 -17.09
C GLY D 440 10.96 6.19 -18.01
N ILE D 441 10.03 5.25 -18.18
CA ILE D 441 8.78 5.51 -18.89
C ILE D 441 7.70 5.70 -17.85
N TYR D 442 7.31 6.95 -17.65
CA TYR D 442 6.54 7.39 -16.51
C TYR D 442 5.30 8.05 -17.11
N GLU D 443 4.24 7.27 -17.22
CA GLU D 443 3.14 7.59 -18.10
C GLU D 443 1.80 7.68 -17.40
N THR D 444 0.99 8.64 -17.81
CA THR D 444 -0.33 8.75 -17.27
C THR D 444 -1.29 8.93 -18.42
N ARG D 445 -2.22 8.01 -18.51
CA ARG D 445 -3.25 8.08 -19.55
C ARG D 445 -4.14 9.25 -19.24
N CYS D 446 -4.66 9.92 -20.25
CA CYS D 446 -5.53 11.09 -20.02
C CYS D 446 -6.96 10.90 -20.55
N MET E 1 -9.28 -8.00 -28.54
CA MET E 1 -9.21 -9.46 -28.51
C MET E 1 -8.91 -9.93 -27.12
N ILE E 2 -9.13 -11.22 -26.89
CA ILE E 2 -8.73 -11.86 -25.65
C ILE E 2 -7.22 -12.03 -25.69
N ARG E 3 -6.56 -11.59 -24.63
CA ARG E 3 -5.16 -11.81 -24.45
C ARG E 3 -4.84 -13.09 -23.72
N PHE E 4 -5.61 -13.38 -22.68
CA PHE E 4 -5.61 -14.69 -22.02
C PHE E 4 -6.82 -14.93 -21.15
N ILE E 5 -7.04 -16.21 -20.87
CA ILE E 5 -8.09 -16.72 -19.99
C ILE E 5 -7.46 -17.54 -18.84
N LEU E 6 -7.85 -17.26 -17.59
CA LEU E 6 -7.40 -18.04 -16.45
C LEU E 6 -8.57 -18.53 -15.62
N ILE E 7 -8.38 -19.68 -14.99
CA ILE E 7 -9.27 -20.16 -13.97
C ILE E 7 -8.36 -20.46 -12.83
N GLN E 8 -8.69 -19.96 -11.65
CA GLN E 8 -7.79 -19.96 -10.51
C GLN E 8 -8.59 -20.20 -9.26
N ASN E 9 -7.97 -20.65 -8.17
CA ASN E 9 -8.76 -20.77 -6.95
C ASN E 9 -8.46 -19.68 -6.00
N ARG E 10 -9.21 -19.65 -4.92
CA ARG E 10 -9.01 -18.66 -3.86
C ARG E 10 -7.57 -18.59 -3.47
N ALA E 11 -6.93 -19.76 -3.39
CA ALA E 11 -5.53 -19.89 -2.96
C ALA E 11 -4.45 -19.33 -3.90
N GLY E 12 -4.82 -18.91 -5.11
CA GLY E 12 -3.84 -18.45 -6.12
C GLY E 12 -3.48 -19.48 -7.19
N LYS E 13 -3.82 -20.74 -6.93
CA LYS E 13 -3.45 -21.85 -7.79
C LYS E 13 -4.24 -21.81 -9.12
N THR E 14 -3.52 -21.97 -10.23
CA THR E 14 -4.10 -21.93 -11.56
C THR E 14 -4.67 -23.27 -11.87
N ARG E 15 -5.87 -23.33 -12.44
CA ARG E 15 -6.44 -24.56 -12.96
C ARG E 15 -6.57 -24.64 -14.45
N LEU E 16 -6.51 -23.52 -15.15
CA LEU E 16 -6.40 -23.53 -16.60
C LEU E 16 -5.69 -22.28 -17.01
N ALA E 17 -4.97 -22.31 -18.13
CA ALA E 17 -4.40 -21.08 -18.67
C ALA E 17 -4.15 -21.22 -20.15
N LYS E 18 -4.75 -20.29 -20.85
CA LYS E 18 -4.76 -20.31 -22.25
C LYS E 18 -4.32 -18.91 -22.67
N TRP E 19 -3.27 -18.82 -23.48
CA TRP E 19 -2.64 -17.54 -23.83
C TRP E 19 -2.79 -17.24 -25.27
N TYR E 20 -3.20 -16.03 -25.59
CA TYR E 20 -3.38 -15.66 -26.99
C TYR E 20 -2.41 -14.59 -27.41
N MET E 21 -1.33 -14.45 -26.65
CA MET E 21 -0.30 -13.47 -26.88
C MET E 21 1.05 -14.12 -26.48
N GLN E 22 2.15 -13.63 -27.04
CA GLN E 22 3.51 -14.02 -26.66
C GLN E 22 3.91 -13.50 -25.32
N PHE E 23 4.12 -14.42 -24.39
CA PHE E 23 4.83 -14.17 -23.16
C PHE E 23 5.78 -15.31 -22.86
N ASP E 24 6.86 -14.99 -22.16
CA ASP E 24 7.81 -15.98 -21.63
C ASP E 24 7.20 -16.53 -20.39
N ASP E 25 7.74 -17.64 -19.90
CA ASP E 25 7.13 -18.32 -18.76
C ASP E 25 7.25 -17.51 -17.49
N ASP E 26 8.36 -16.79 -17.34
CA ASP E 26 8.54 -15.87 -16.20
C ASP E 26 7.40 -14.89 -16.17
N GLU E 27 7.08 -14.33 -17.35
CA GLU E 27 6.05 -13.30 -17.50
C GLU E 27 4.70 -13.94 -17.19
N LYS E 28 4.45 -15.11 -17.79
CA LYS E 28 3.18 -15.85 -17.57
C LYS E 28 2.96 -16.06 -16.11
N GLN E 29 4.01 -16.45 -15.40
CA GLN E 29 3.95 -16.53 -13.94
C GLN E 29 3.64 -15.16 -13.24
N LYS E 30 4.28 -14.10 -13.69
CA LYS E 30 4.08 -12.80 -13.10
C LYS E 30 2.64 -12.35 -13.26
N LEU E 31 2.14 -12.45 -14.49
CA LEU E 31 0.75 -12.20 -14.79
C LEU E 31 -0.19 -13.08 -13.97
N ILE E 32 0.12 -14.34 -13.80
CA ILE E 32 -0.76 -15.19 -13.01
C ILE E 32 -0.86 -14.71 -11.57
N GLU E 33 0.29 -14.33 -10.98
CA GLU E 33 0.30 -13.71 -9.63
C GLU E 33 -0.48 -12.39 -9.55
N GLU E 34 -0.14 -11.46 -10.45
CA GLU E 34 -0.80 -10.17 -10.51
C GLU E 34 -2.32 -10.27 -10.55
N VAL E 35 -2.86 -11.13 -11.40
CA VAL E 35 -4.30 -11.34 -11.51
C VAL E 35 -4.88 -11.83 -10.20
N HIS E 36 -4.21 -12.74 -9.54
CA HIS E 36 -4.70 -13.25 -8.28
C HIS E 36 -4.80 -12.17 -7.21
N ALA E 37 -3.78 -11.33 -7.17
CA ALA E 37 -3.69 -10.20 -6.24
C ALA E 37 -4.85 -9.19 -6.40
N VAL E 38 -5.12 -8.82 -7.65
CA VAL E 38 -6.24 -7.95 -8.00
C VAL E 38 -7.64 -8.51 -7.69
N VAL E 39 -7.85 -9.78 -7.99
CA VAL E 39 -9.21 -10.34 -8.00
C VAL E 39 -9.67 -10.96 -6.67
N THR E 40 -8.75 -11.55 -5.93
CA THR E 40 -9.08 -12.10 -4.62
C THR E 40 -9.33 -11.02 -3.54
N VAL E 41 -8.91 -9.79 -3.81
CA VAL E 41 -9.12 -8.67 -2.89
C VAL E 41 -10.51 -7.95 -3.01
N ARG E 42 -11.38 -8.37 -3.92
CA ARG E 42 -12.64 -7.64 -4.24
C ARG E 42 -13.82 -8.46 -3.76
N ASP E 43 -14.65 -7.85 -2.92
CA ASP E 43 -15.95 -8.40 -2.49
C ASP E 43 -17.01 -8.23 -3.60
N ALA E 44 -18.22 -8.73 -3.37
CA ALA E 44 -19.33 -8.65 -4.35
C ALA E 44 -19.88 -7.24 -4.61
N LYS E 45 -19.48 -6.24 -3.84
CA LYS E 45 -19.84 -4.84 -4.10
C LYS E 45 -19.06 -4.26 -5.26
N HIS E 46 -17.93 -4.86 -5.61
CA HIS E 46 -17.18 -4.37 -6.73
C HIS E 46 -17.76 -4.85 -8.05
N THR E 47 -17.46 -4.11 -9.10
CA THR E 47 -17.81 -4.50 -10.43
C THR E 47 -16.98 -5.71 -10.79
N ASN E 48 -17.44 -6.37 -11.84
CA ASN E 48 -16.77 -7.49 -12.42
C ASN E 48 -15.71 -7.02 -13.40
N PHE E 49 -15.43 -5.74 -13.53
CA PHE E 49 -14.46 -5.28 -14.49
C PHE E 49 -13.39 -4.49 -13.82
N VAL E 50 -12.14 -4.69 -14.20
CA VAL E 50 -11.08 -3.88 -13.64
C VAL E 50 -9.93 -3.74 -14.59
N GLU E 51 -9.40 -2.54 -14.67
CA GLU E 51 -8.27 -2.29 -15.56
C GLU E 51 -7.06 -2.99 -14.99
N PHE E 52 -6.20 -3.45 -15.90
CA PHE E 52 -5.16 -4.34 -15.52
C PHE E 52 -4.08 -4.16 -16.55
N ARG E 53 -2.94 -3.62 -16.12
CA ARG E 53 -1.79 -3.30 -16.96
C ARG E 53 -2.26 -2.41 -18.03
N ASN E 54 -2.08 -2.71 -19.30
CA ASN E 54 -2.70 -1.86 -20.34
C ASN E 54 -3.89 -2.53 -20.99
N PHE E 55 -4.45 -3.49 -20.28
CA PHE E 55 -5.66 -4.17 -20.66
C PHE E 55 -6.76 -4.08 -19.55
N LYS E 56 -7.72 -4.97 -19.60
CA LYS E 56 -8.63 -5.05 -18.50
C LYS E 56 -9.07 -6.48 -18.42
N ILE E 57 -9.70 -6.77 -17.30
CA ILE E 57 -10.04 -8.12 -16.87
C ILE E 57 -11.52 -8.16 -16.56
N ILE E 58 -12.22 -9.12 -17.13
CA ILE E 58 -13.54 -9.42 -16.70
C ILE E 58 -13.46 -10.68 -15.86
N TYR E 59 -14.14 -10.71 -14.73
CA TYR E 59 -14.03 -11.88 -13.87
C TYR E 59 -15.33 -12.20 -13.20
N ARG E 60 -15.56 -13.46 -12.89
CA ARG E 60 -16.64 -13.89 -11.99
C ARG E 60 -16.20 -15.07 -11.11
N ARG E 61 -16.79 -15.16 -9.91
CA ARG E 61 -16.42 -16.10 -8.88
C ARG E 61 -17.60 -17.04 -8.75
N TYR E 62 -17.43 -18.29 -9.13
CA TYR E 62 -18.32 -19.45 -8.84
C TYR E 62 -17.86 -20.36 -7.66
N ALA E 63 -18.20 -20.04 -6.40
CA ALA E 63 -17.66 -20.77 -5.23
C ALA E 63 -16.22 -20.41 -4.92
N GLY E 64 -15.24 -21.30 -5.12
CA GLY E 64 -13.81 -21.01 -4.80
C GLY E 64 -12.78 -20.95 -5.93
N LEU E 65 -13.28 -20.92 -7.18
CA LEU E 65 -12.60 -20.71 -8.49
C LEU E 65 -12.83 -19.38 -9.20
N TYR E 66 -11.86 -18.60 -9.62
CA TYR E 66 -12.18 -17.34 -10.30
C TYR E 66 -12.01 -17.50 -11.81
N PHE E 67 -13.06 -17.28 -12.59
CA PHE E 67 -12.92 -17.33 -14.06
C PHE E 67 -12.56 -15.93 -14.53
N CYS E 68 -11.52 -15.81 -15.36
CA CYS E 68 -10.97 -14.50 -15.70
C CYS E 68 -10.59 -14.42 -17.13
N ILE E 69 -11.10 -13.43 -17.85
CA ILE E 69 -10.72 -13.20 -19.25
C ILE E 69 -10.09 -11.85 -19.29
N CYS E 70 -8.89 -11.77 -19.83
CA CYS E 70 -8.22 -10.49 -20.01
C CYS E 70 -8.36 -10.08 -21.43
N VAL E 71 -8.79 -8.86 -21.65
CA VAL E 71 -9.15 -8.40 -22.97
C VAL E 71 -8.69 -6.98 -23.21
N ASP E 72 -8.77 -6.55 -24.46
CA ASP E 72 -8.54 -5.16 -24.81
C ASP E 72 -9.53 -4.16 -24.17
N VAL E 73 -9.02 -2.99 -23.78
CA VAL E 73 -9.78 -1.89 -23.14
C VAL E 73 -11.11 -1.56 -23.81
N ASN E 74 -11.13 -1.65 -25.13
CA ASN E 74 -12.30 -1.32 -25.97
C ASN E 74 -13.27 -2.49 -26.21
N ASP E 75 -13.04 -3.63 -25.58
CA ASP E 75 -13.93 -4.76 -25.72
C ASP E 75 -15.11 -4.67 -24.80
N ASN E 76 -16.20 -5.31 -25.17
CA ASN E 76 -17.48 -5.22 -24.48
C ASN E 76 -17.48 -6.07 -23.20
N ASN E 77 -17.62 -5.39 -22.05
CA ASN E 77 -17.52 -6.01 -20.74
C ASN E 77 -18.58 -7.05 -20.46
N LEU E 78 -19.80 -6.76 -20.84
CA LEU E 78 -20.89 -7.64 -20.51
C LEU E 78 -20.84 -8.78 -21.47
N ALA E 79 -20.46 -8.51 -22.70
CA ALA E 79 -20.32 -9.62 -23.65
C ALA E 79 -19.43 -10.74 -23.07
N TYR E 80 -18.26 -10.33 -22.56
CA TYR E 80 -17.29 -11.25 -21.98
C TYR E 80 -17.73 -11.78 -20.65
N LEU E 81 -18.31 -10.94 -19.79
CA LEU E 81 -18.86 -11.44 -18.53
C LEU E 81 -19.82 -12.60 -18.76
N GLU E 82 -20.57 -12.56 -19.86
CA GLU E 82 -21.56 -13.60 -20.17
C GLU E 82 -20.96 -14.72 -20.99
N ALA E 83 -19.97 -14.40 -21.81
CA ALA E 83 -19.15 -15.47 -22.38
C ALA E 83 -18.61 -16.42 -21.31
N ILE E 84 -18.18 -15.86 -20.18
CA ILE E 84 -17.64 -16.65 -19.10
C ILE E 84 -18.72 -17.60 -18.66
N HIS E 85 -19.90 -17.08 -18.39
CA HIS E 85 -20.95 -17.88 -17.84
C HIS E 85 -21.41 -18.93 -18.86
N ASN E 86 -21.49 -18.52 -20.12
CA ASN E 86 -21.86 -19.49 -21.15
C ASN E 86 -20.84 -20.64 -21.11
N PHE E 87 -19.57 -20.31 -20.98
CA PHE E 87 -18.53 -21.32 -20.85
C PHE E 87 -18.68 -22.21 -19.59
N VAL E 88 -19.05 -21.60 -18.49
CA VAL E 88 -19.19 -22.32 -17.27
C VAL E 88 -20.38 -23.26 -17.42
N GLU E 89 -21.44 -22.80 -18.07
CA GLU E 89 -22.59 -23.71 -18.28
C GLU E 89 -22.15 -24.90 -19.15
N VAL E 90 -21.29 -24.69 -20.15
CA VAL E 90 -20.88 -25.82 -20.94
C VAL E 90 -20.11 -26.81 -20.07
N LEU E 91 -19.20 -26.26 -19.27
CA LEU E 91 -18.33 -27.06 -18.44
C LEU E 91 -19.20 -27.84 -17.52
N ASN E 92 -20.17 -27.17 -16.91
CA ASN E 92 -21.08 -27.82 -15.98
C ASN E 92 -21.85 -28.98 -16.62
N GLU E 93 -22.27 -28.85 -17.87
CA GLU E 93 -22.96 -29.98 -18.52
C GLU E 93 -21.99 -31.09 -18.89
N TYR E 94 -20.80 -30.72 -19.30
CA TYR E 94 -19.86 -31.68 -19.83
C TYR E 94 -19.28 -32.58 -18.76
N PHE E 95 -19.18 -32.08 -17.54
CA PHE E 95 -18.68 -32.82 -16.40
C PHE E 95 -19.77 -33.09 -15.39
N HIS E 96 -21.04 -33.04 -15.80
CA HIS E 96 -22.18 -33.33 -14.88
C HIS E 96 -22.04 -32.76 -13.44
N ASN E 97 -22.27 -31.46 -13.31
CA ASN E 97 -22.05 -30.69 -12.08
C ASN E 97 -20.57 -30.59 -11.87
N VAL E 98 -19.95 -29.65 -12.55
CA VAL E 98 -18.50 -29.59 -12.58
C VAL E 98 -17.97 -29.24 -11.17
N CYS E 99 -16.84 -29.81 -10.77
CA CYS E 99 -16.20 -29.40 -9.51
C CYS E 99 -14.69 -29.11 -9.74
N GLU E 100 -14.07 -28.41 -8.81
CA GLU E 100 -12.69 -28.03 -9.04
C GLU E 100 -11.79 -29.18 -9.54
N LEU E 101 -11.96 -30.39 -9.01
CA LEU E 101 -11.08 -31.51 -9.36
C LEU E 101 -11.31 -32.07 -10.72
N ASP E 102 -12.53 -31.95 -11.22
CA ASP E 102 -12.78 -32.21 -12.64
C ASP E 102 -11.80 -31.46 -13.51
N LEU E 103 -11.56 -30.19 -13.27
CA LEU E 103 -10.57 -29.43 -14.07
C LEU E 103 -9.10 -29.83 -13.82
N VAL E 104 -8.86 -30.51 -12.73
CA VAL E 104 -7.55 -31.04 -12.45
C VAL E 104 -7.31 -32.36 -13.18
N PHE E 105 -8.13 -33.34 -12.92
CA PHE E 105 -7.87 -34.64 -13.52
C PHE E 105 -8.13 -34.62 -15.02
N ASN E 106 -9.01 -33.75 -15.52
CA ASN E 106 -9.30 -33.76 -16.94
C ASN E 106 -8.76 -32.55 -17.67
N PHE E 107 -7.67 -32.01 -17.14
CA PHE E 107 -7.14 -30.69 -17.54
C PHE E 107 -6.95 -30.59 -19.06
N TYR E 108 -6.42 -31.63 -19.69
CA TYR E 108 -6.27 -31.69 -21.14
C TYR E 108 -7.57 -31.68 -21.91
N LYS E 109 -8.69 -32.14 -21.34
CA LYS E 109 -9.97 -31.97 -22.01
C LYS E 109 -10.49 -30.56 -21.87
N VAL E 110 -10.23 -29.93 -20.75
CA VAL E 110 -10.59 -28.54 -20.57
C VAL E 110 -10.13 -27.70 -21.76
N TYR E 111 -8.89 -27.83 -22.19
CA TYR E 111 -8.44 -27.14 -23.40
C TYR E 111 -9.27 -27.46 -24.65
N THR E 112 -9.80 -28.67 -24.72
CA THR E 112 -10.65 -29.01 -25.87
C THR E 112 -11.88 -28.09 -25.83
N VAL E 113 -12.49 -27.98 -24.64
CA VAL E 113 -13.70 -27.20 -24.48
C VAL E 113 -13.43 -25.73 -24.83
N VAL E 114 -12.30 -25.23 -24.38
CA VAL E 114 -11.91 -23.87 -24.63
C VAL E 114 -11.74 -23.59 -26.09
N ASP E 115 -11.09 -24.50 -26.79
CA ASP E 115 -10.77 -24.22 -28.19
C ASP E 115 -12.01 -24.29 -29.00
N GLU E 116 -13.01 -24.94 -28.44
CA GLU E 116 -14.31 -24.97 -29.05
C GLU E 116 -14.95 -23.58 -29.03
N MET E 117 -14.89 -22.92 -27.88
CA MET E 117 -15.57 -21.69 -27.62
C MET E 117 -14.81 -20.44 -27.86
N PHE E 118 -13.50 -20.57 -27.84
CA PHE E 118 -12.59 -19.47 -28.06
C PHE E 118 -11.43 -19.92 -28.97
N LEU E 119 -11.17 -19.19 -30.03
CA LEU E 119 -9.95 -19.41 -30.75
C LEU E 119 -9.43 -18.10 -31.20
N ALA E 120 -8.10 -18.01 -31.27
CA ALA E 120 -7.34 -16.82 -31.72
C ALA E 120 -7.82 -15.53 -31.11
N GLY E 121 -8.01 -15.54 -29.82
CA GLY E 121 -8.42 -14.37 -29.06
C GLY E 121 -9.84 -13.90 -29.31
N GLU E 122 -10.68 -14.74 -29.93
CA GLU E 122 -12.07 -14.36 -30.22
C GLU E 122 -13.02 -15.49 -29.84
N ILE E 123 -14.27 -15.12 -29.64
CA ILE E 123 -15.33 -16.08 -29.36
C ILE E 123 -15.48 -16.82 -30.66
N ARG E 124 -15.48 -18.15 -30.55
CA ARG E 124 -15.66 -18.98 -31.71
C ARG E 124 -17.12 -19.46 -31.75
N GLU E 125 -17.50 -20.38 -30.87
CA GLU E 125 -18.83 -20.96 -30.78
C GLU E 125 -19.47 -20.60 -29.43
N THR E 126 -20.73 -20.19 -29.49
CA THR E 126 -21.47 -19.79 -28.31
C THR E 126 -22.58 -20.77 -27.97
N SER E 127 -23.06 -21.52 -28.95
CA SER E 127 -24.19 -22.43 -28.76
C SER E 127 -23.91 -23.57 -27.81
N GLN E 128 -24.50 -23.58 -26.64
CA GLN E 128 -24.24 -24.69 -25.70
C GLN E 128 -24.55 -26.05 -26.35
N THR E 129 -25.56 -26.05 -27.20
CA THR E 129 -26.05 -27.24 -27.80
C THR E 129 -25.04 -27.82 -28.71
N LYS E 130 -24.48 -26.97 -29.56
CA LYS E 130 -23.51 -27.46 -30.54
C LYS E 130 -22.21 -27.90 -29.92
N VAL E 131 -21.78 -27.13 -28.92
CA VAL E 131 -20.52 -27.37 -28.27
C VAL E 131 -20.60 -28.70 -27.60
N LEU E 132 -21.64 -28.96 -26.82
CA LEU E 132 -21.74 -30.27 -26.15
C LEU E 132 -21.78 -31.41 -27.13
N LYS E 133 -22.53 -31.25 -28.22
CA LYS E 133 -22.64 -32.35 -29.19
C LYS E 133 -21.27 -32.65 -29.81
N GLN E 134 -20.53 -31.62 -30.19
CA GLN E 134 -19.15 -31.86 -30.63
C GLN E 134 -18.30 -32.52 -29.53
N LEU E 135 -18.35 -31.96 -28.33
CA LEU E 135 -17.58 -32.52 -27.24
C LEU E 135 -17.87 -34.00 -27.01
N LEU E 136 -19.15 -34.39 -26.99
CA LEU E 136 -19.50 -35.79 -26.76
C LEU E 136 -19.16 -36.64 -27.99
N MET E 137 -19.17 -36.06 -29.18
CA MET E 137 -18.72 -36.84 -30.33
C MET E 137 -17.21 -37.09 -30.16
N LEU E 138 -16.48 -36.04 -29.75
CA LEU E 138 -15.04 -36.14 -29.51
C LEU E 138 -14.71 -37.19 -28.46
N GLN E 139 -15.52 -37.29 -27.43
CA GLN E 139 -15.27 -38.22 -26.34
C GLN E 139 -15.46 -39.67 -26.75
N SER E 140 -16.34 -39.92 -27.71
CA SER E 140 -16.66 -41.26 -28.14
C SER E 140 -15.54 -41.87 -28.98
N LEU E 141 -14.72 -41.03 -29.60
CA LEU E 141 -13.58 -41.47 -30.42
C LEU E 141 -12.48 -42.14 -29.63
N GLU E 142 -11.55 -42.74 -30.37
CA GLU E 142 -10.50 -43.56 -29.82
C GLU E 142 -9.27 -42.73 -29.59
C1 IHP F . 3.42 -50.39 -16.30
C2 IHP F . 1.98 -49.89 -16.66
C3 IHP F . 1.59 -48.44 -16.27
C4 IHP F . 2.44 -47.89 -15.11
C5 IHP F . 3.26 -48.82 -14.19
C6 IHP F . 4.10 -49.80 -15.04
O11 IHP F . 3.67 -51.81 -16.50
P1 IHP F . 3.23 -53.14 -15.62
O21 IHP F . 4.44 -54.02 -15.73
O31 IHP F . 2.13 -53.66 -16.53
O41 IHP F . 2.82 -52.86 -14.16
O12 IHP F . 0.94 -50.82 -16.51
P2 IHP F . 0.41 -51.26 -17.97
O22 IHP F . 1.62 -51.94 -18.63
O32 IHP F . -0.78 -52.15 -17.63
O42 IHP F . 0.02 -49.96 -18.67
O13 IHP F . 0.28 -47.82 -16.57
P3 IHP F . -1.30 -47.80 -16.06
O23 IHP F . -1.97 -48.71 -17.07
O33 IHP F . -1.46 -48.06 -14.58
O43 IHP F . -1.74 -46.43 -16.42
O14 IHP F . 1.80 -46.82 -14.41
P4 IHP F . 2.71 -45.47 -14.35
O24 IHP F . 1.87 -44.40 -14.97
O34 IHP F . 2.89 -45.33 -12.84
O44 IHP F . 3.88 -45.63 -15.29
O15 IHP F . 2.60 -49.47 -13.11
P5 IHP F . 2.94 -48.86 -11.65
O25 IHP F . 2.26 -47.50 -11.54
O35 IHP F . 4.46 -48.76 -11.58
O45 IHP F . 2.36 -49.93 -10.76
O16 IHP F . 4.80 -50.77 -14.22
P6 IHP F . 6.39 -50.99 -14.46
O26 IHP F . 6.99 -49.67 -14.02
O36 IHP F . 6.59 -51.26 -15.94
O46 IHP F . 6.63 -52.15 -13.52
#